data_9JUT
# 
_entry.id   9JUT 
# 
_audit_conform.dict_name       mmcif_pdbx.dic 
_audit_conform.dict_version    5.403 
_audit_conform.dict_location   http://mmcif.pdb.org/dictionaries/ascii/mmcif_pdbx.dic 
# 
loop_
_database_2.database_id 
_database_2.database_code 
_database_2.pdbx_database_accession 
_database_2.pdbx_DOI 
PDB   9JUT         pdb_00009jut 10.2210/pdb9jut/pdb 
WWPDB D_1300052292 ?            ?                   
# 
loop_
_pdbx_audit_revision_history.ordinal 
_pdbx_audit_revision_history.data_content_type 
_pdbx_audit_revision_history.major_revision 
_pdbx_audit_revision_history.minor_revision 
_pdbx_audit_revision_history.revision_date 
_pdbx_audit_revision_history.part_number 
1 'Structure model' 1 0 2025-03-12 ? 
2 'Structure model' 1 1 2025-06-04 ? 
# 
_pdbx_audit_revision_details.ordinal             1 
_pdbx_audit_revision_details.revision_ordinal    1 
_pdbx_audit_revision_details.data_content_type   'Structure model' 
_pdbx_audit_revision_details.provider            repository 
_pdbx_audit_revision_details.type                'Initial release' 
_pdbx_audit_revision_details.description         ? 
_pdbx_audit_revision_details.details             ? 
# 
_pdbx_audit_revision_group.ordinal             1 
_pdbx_audit_revision_group.revision_ordinal    2 
_pdbx_audit_revision_group.data_content_type   'Structure model' 
_pdbx_audit_revision_group.group               'Database references' 
# 
_pdbx_audit_revision_category.ordinal             1 
_pdbx_audit_revision_category.revision_ordinal    2 
_pdbx_audit_revision_category.data_content_type   'Structure model' 
_pdbx_audit_revision_category.category            citation 
# 
loop_
_pdbx_audit_revision_item.ordinal 
_pdbx_audit_revision_item.revision_ordinal 
_pdbx_audit_revision_item.data_content_type 
_pdbx_audit_revision_item.item 
1 2 'Structure model' '_citation.journal_volume' 
2 2 'Structure model' '_citation.page_first'     
3 2 'Structure model' '_citation.page_last'      
# 
_pdbx_database_status.status_code                     REL 
_pdbx_database_status.status_code_sf                  REL 
_pdbx_database_status.status_code_mr                  ? 
_pdbx_database_status.entry_id                        9JUT 
_pdbx_database_status.recvd_initial_deposition_date   2024-10-08 
_pdbx_database_status.SG_entry                        N 
_pdbx_database_status.deposit_site                    PDBJ 
_pdbx_database_status.process_site                    PDBC 
_pdbx_database_status.status_code_cs                  ? 
_pdbx_database_status.status_code_nmr_data            ? 
_pdbx_database_status.methods_development_category    ? 
_pdbx_database_status.pdb_format_compatible           N 
# 
_pdbx_contact_author.id                 3 
_pdbx_contact_author.email              xu_yong@gibh.ac.cn 
_pdbx_contact_author.name_first         Yong 
_pdbx_contact_author.name_last          Xu 
_pdbx_contact_author.name_mi            ? 
_pdbx_contact_author.role               'principal investigator/group leader' 
_pdbx_contact_author.identifier_ORCID   0000-0003-3601-0246 
# 
loop_
_audit_author.name 
_audit_author.pdbx_ordinal 
_audit_author.identifier_ORCID 
'Hu, J.'     1  ? 
'Zhang, C.'  2  ? 
'Luo, G.'    3  ? 
'Tang, X.'   4  ? 
'Wu, T.'     5  ? 
'Shen, H.'   6  ? 
'Zhao, X.'   7  ? 
'Wu, X.'     8  ? 
'Smaill, J.' 9  ? 
'Zhang, Y.'  10 ? 
'Xu, Y.'     11 ? 
'Xiang, Q.'  12 ? 
# 
_citation.abstract                  ? 
_citation.abstract_id_CAS           ? 
_citation.book_id_ISBN              ? 
_citation.book_publisher            ? 
_citation.book_publisher_city       ? 
_citation.book_title                ? 
_citation.coordinate_linkage        ? 
_citation.country                   CN 
_citation.database_id_Medline       ? 
_citation.details                   ? 
_citation.id                        primary 
_citation.journal_abbrev            'Acta Pharmacol.Sin.' 
_citation.journal_id_ASTM           ? 
_citation.journal_id_CSD            ? 
_citation.journal_id_ISSN           1745-7254 
_citation.journal_full              ? 
_citation.journal_issue             ? 
_citation.journal_volume            46 
_citation.language                  ? 
_citation.page_first                1706 
_citation.page_last                 1721 
_citation.title                     
;Discovery of 5-imidazole-3-methylbenz[d]isoxazole derivatives as potent and selective CBP/p300 bromodomain inhibitors for the treatment of acute myeloid leukemia.
;
_citation.year                      2025 
_citation.database_id_CSD           ? 
_citation.pdbx_database_id_DOI      10.1038/s41401-025-01478-x 
_citation.pdbx_database_id_PubMed   39890943 
_citation.pdbx_database_id_patent   ? 
_citation.unpublished_flag          ? 
# 
loop_
_citation_author.citation_id 
_citation_author.name 
_citation_author.ordinal 
_citation_author.identifier_ORCID 
primary 'Hu, J.K.'     1  ? 
primary 'Tang, X.'     2  ? 
primary 'Luo, G.L.'    3  ? 
primary 'Zhang, C.'    4  ? 
primary 'Wu, T.B.'     5  ? 
primary 'Wang, C.'     6  ? 
primary 'Shen, H.'     7  ? 
primary 'Zhao, X.F.'   8  ? 
primary 'Wu, X.S.'     9  ? 
primary 'Smaill, J.B.' 10 ? 
primary 'Xu, Y.'       11 ? 
primary 'Zhang, Y.'    12 ? 
primary 'Xiang, Q.P.'  13 ? 
# 
loop_
_entity.id 
_entity.type 
_entity.src_method 
_entity.pdbx_description 
_entity.formula_weight 
_entity.pdbx_number_of_molecules 
_entity.pdbx_ec 
_entity.pdbx_mutation 
_entity.pdbx_fragment 
_entity.details 
1 polymer     man 'Histone acetyltransferase p300' 16708.041 1  2.3.1.48,2.3.1.- ? ? 
'EP300_HUMAN, Q09472, A1040-G1161 sequence from 1021-1039 are tags. MKKGHHHHHHENLYFQGGS' 
2 non-polymer syn 
;(6~{S})-1-(3-chloranyl-4-methoxy-phenyl)-6-[4-(3-methyl-1,2-benzoxazol-5-yl)-1-[(2~{S})-2-morpholin-4-ylpropyl]imidazol-2-yl]piperidin-2-one
;
564.075   1  ?                ? ? ?                                                                                        
3 water       nat water 18.015    45 ?                ? ? ? 
# 
_entity_name_com.entity_id   1 
_entity_name_com.name        
;p300 HAT,E1A-associated protein p300,Histone butyryltransferase p300,Histone crotonyltransferase p300,Protein 2-hydroxyisobutyryltransferase p300,Protein lactyltransferas p300,Protein propionyltransferase p300
;
# 
_entity_poly.entity_id                      1 
_entity_poly.type                           'polypeptide(L)' 
_entity_poly.nstd_linkage                   no 
_entity_poly.nstd_monomer                   no 
_entity_poly.pdbx_seq_one_letter_code       
;MKKGHHHHHHENLYFQGGSAPGQSKKKIFKPEELRQALMPTLEALYRQDPESLPFRQPVDPQLLGIPDYFDIVKSPMDLS
TIKRKLDTGQYQEPWQYVDDIWLMFNNAWLYNRKTSRVYKYCSKLSEVFEQEIDPVMQSLG
;
_entity_poly.pdbx_seq_one_letter_code_can   
;MKKGHHHHHHENLYFQGGSAPGQSKKKIFKPEELRQALMPTLEALYRQDPESLPFRQPVDPQLLGIPDYFDIVKSPMDLS
TIKRKLDTGQYQEPWQYVDDIWLMFNNAWLYNRKTSRVYKYCSKLSEVFEQEIDPVMQSLG
;
_entity_poly.pdbx_strand_id                 A 
_entity_poly.pdbx_target_identifier         ? 
# 
loop_
_pdbx_entity_nonpoly.entity_id 
_pdbx_entity_nonpoly.name 
_pdbx_entity_nonpoly.comp_id 
2 
;(6~{S})-1-(3-chloranyl-4-methoxy-phenyl)-6-[4-(3-methyl-1,2-benzoxazol-5-yl)-1-[(2~{S})-2-morpholin-4-ylpropyl]imidazol-2-yl]piperidin-2-one
;
A1EDM 
3 water HOH   
# 
loop_
_entity_poly_seq.entity_id 
_entity_poly_seq.num 
_entity_poly_seq.mon_id 
_entity_poly_seq.hetero 
1 1   MET n 
1 2   LYS n 
1 3   LYS n 
1 4   GLY n 
1 5   HIS n 
1 6   HIS n 
1 7   HIS n 
1 8   HIS n 
1 9   HIS n 
1 10  HIS n 
1 11  GLU n 
1 12  ASN n 
1 13  LEU n 
1 14  TYR n 
1 15  PHE n 
1 16  GLN n 
1 17  GLY n 
1 18  GLY n 
1 19  SER n 
1 20  ALA n 
1 21  PRO n 
1 22  GLY n 
1 23  GLN n 
1 24  SER n 
1 25  LYS n 
1 26  LYS n 
1 27  LYS n 
1 28  ILE n 
1 29  PHE n 
1 30  LYS n 
1 31  PRO n 
1 32  GLU n 
1 33  GLU n 
1 34  LEU n 
1 35  ARG n 
1 36  GLN n 
1 37  ALA n 
1 38  LEU n 
1 39  MET n 
1 40  PRO n 
1 41  THR n 
1 42  LEU n 
1 43  GLU n 
1 44  ALA n 
1 45  LEU n 
1 46  TYR n 
1 47  ARG n 
1 48  GLN n 
1 49  ASP n 
1 50  PRO n 
1 51  GLU n 
1 52  SER n 
1 53  LEU n 
1 54  PRO n 
1 55  PHE n 
1 56  ARG n 
1 57  GLN n 
1 58  PRO n 
1 59  VAL n 
1 60  ASP n 
1 61  PRO n 
1 62  GLN n 
1 63  LEU n 
1 64  LEU n 
1 65  GLY n 
1 66  ILE n 
1 67  PRO n 
1 68  ASP n 
1 69  TYR n 
1 70  PHE n 
1 71  ASP n 
1 72  ILE n 
1 73  VAL n 
1 74  LYS n 
1 75  SER n 
1 76  PRO n 
1 77  MET n 
1 78  ASP n 
1 79  LEU n 
1 80  SER n 
1 81  THR n 
1 82  ILE n 
1 83  LYS n 
1 84  ARG n 
1 85  LYS n 
1 86  LEU n 
1 87  ASP n 
1 88  THR n 
1 89  GLY n 
1 90  GLN n 
1 91  TYR n 
1 92  GLN n 
1 93  GLU n 
1 94  PRO n 
1 95  TRP n 
1 96  GLN n 
1 97  TYR n 
1 98  VAL n 
1 99  ASP n 
1 100 ASP n 
1 101 ILE n 
1 102 TRP n 
1 103 LEU n 
1 104 MET n 
1 105 PHE n 
1 106 ASN n 
1 107 ASN n 
1 108 ALA n 
1 109 TRP n 
1 110 LEU n 
1 111 TYR n 
1 112 ASN n 
1 113 ARG n 
1 114 LYS n 
1 115 THR n 
1 116 SER n 
1 117 ARG n 
1 118 VAL n 
1 119 TYR n 
1 120 LYS n 
1 121 TYR n 
1 122 CYS n 
1 123 SER n 
1 124 LYS n 
1 125 LEU n 
1 126 SER n 
1 127 GLU n 
1 128 VAL n 
1 129 PHE n 
1 130 GLU n 
1 131 GLN n 
1 132 GLU n 
1 133 ILE n 
1 134 ASP n 
1 135 PRO n 
1 136 VAL n 
1 137 MET n 
1 138 GLN n 
1 139 SER n 
1 140 LEU n 
1 141 GLY n 
# 
_entity_src_gen.entity_id                          1 
_entity_src_gen.pdbx_src_id                        1 
_entity_src_gen.pdbx_alt_source_flag               sample 
_entity_src_gen.pdbx_seq_type                      'Biological sequence' 
_entity_src_gen.pdbx_beg_seq_num                   1 
_entity_src_gen.pdbx_end_seq_num                   141 
_entity_src_gen.gene_src_common_name               human 
_entity_src_gen.gene_src_genus                     ? 
_entity_src_gen.pdbx_gene_src_gene                 'EP300, P300' 
_entity_src_gen.gene_src_species                   ? 
_entity_src_gen.gene_src_strain                    ? 
_entity_src_gen.gene_src_tissue                    ? 
_entity_src_gen.gene_src_tissue_fraction           ? 
_entity_src_gen.gene_src_details                   ? 
_entity_src_gen.pdbx_gene_src_fragment             ? 
_entity_src_gen.pdbx_gene_src_scientific_name      'Homo sapiens' 
_entity_src_gen.pdbx_gene_src_ncbi_taxonomy_id     9606 
_entity_src_gen.pdbx_gene_src_variant              ? 
_entity_src_gen.pdbx_gene_src_cell_line            ? 
_entity_src_gen.pdbx_gene_src_atcc                 ? 
_entity_src_gen.pdbx_gene_src_organ                ? 
_entity_src_gen.pdbx_gene_src_organelle            ? 
_entity_src_gen.pdbx_gene_src_cell                 ? 
_entity_src_gen.pdbx_gene_src_cellular_location    ? 
_entity_src_gen.host_org_common_name               ? 
_entity_src_gen.pdbx_host_org_scientific_name      'Escherichia coli' 
_entity_src_gen.pdbx_host_org_ncbi_taxonomy_id     562 
_entity_src_gen.host_org_genus                     ? 
_entity_src_gen.pdbx_host_org_gene                 ? 
_entity_src_gen.pdbx_host_org_organ                ? 
_entity_src_gen.host_org_species                   ? 
_entity_src_gen.pdbx_host_org_tissue               ? 
_entity_src_gen.pdbx_host_org_tissue_fraction      ? 
_entity_src_gen.pdbx_host_org_strain               ? 
_entity_src_gen.pdbx_host_org_variant              ? 
_entity_src_gen.pdbx_host_org_cell_line            ? 
_entity_src_gen.pdbx_host_org_atcc                 ? 
_entity_src_gen.pdbx_host_org_culture_collection   ? 
_entity_src_gen.pdbx_host_org_cell                 ? 
_entity_src_gen.pdbx_host_org_organelle            ? 
_entity_src_gen.pdbx_host_org_cellular_location    ? 
_entity_src_gen.pdbx_host_org_vector_type          ? 
_entity_src_gen.pdbx_host_org_vector               ? 
_entity_src_gen.host_org_details                   ? 
_entity_src_gen.expression_system_id               ? 
_entity_src_gen.plasmid_name                       ? 
_entity_src_gen.plasmid_details                    ? 
_entity_src_gen.pdbx_description                   ? 
# 
loop_
_chem_comp.id 
_chem_comp.type 
_chem_comp.mon_nstd_flag 
_chem_comp.name 
_chem_comp.pdbx_synonyms 
_chem_comp.formula 
_chem_comp.formula_weight 
A1EDM non-polymer         . 
;(6~{S})-1-(3-chloranyl-4-methoxy-phenyl)-6-[4-(3-methyl-1,2-benzoxazol-5-yl)-1-[(2~{S})-2-morpholin-4-ylpropyl]imidazol-2-yl]piperidin-2-one
;
? 'C30 H34 Cl N5 O4' 564.075 
ALA   'L-peptide linking' y ALANINE ? 'C3 H7 N O2'       89.093  
ARG   'L-peptide linking' y ARGININE ? 'C6 H15 N4 O2 1'   175.209 
ASN   'L-peptide linking' y ASPARAGINE ? 'C4 H8 N2 O3'      132.118 
ASP   'L-peptide linking' y 'ASPARTIC ACID' ? 'C4 H7 N O4'       133.103 
CYS   'L-peptide linking' y CYSTEINE ? 'C3 H7 N O2 S'     121.158 
GLN   'L-peptide linking' y GLUTAMINE ? 'C5 H10 N2 O3'     146.144 
GLU   'L-peptide linking' y 'GLUTAMIC ACID' ? 'C5 H9 N O4'       147.129 
GLY   'peptide linking'   y GLYCINE ? 'C2 H5 N O2'       75.067  
HIS   'L-peptide linking' y HISTIDINE ? 'C6 H10 N3 O2 1'   156.162 
HOH   non-polymer         . WATER ? 'H2 O'             18.015  
ILE   'L-peptide linking' y ISOLEUCINE ? 'C6 H13 N O2'      131.173 
LEU   'L-peptide linking' y LEUCINE ? 'C6 H13 N O2'      131.173 
LYS   'L-peptide linking' y LYSINE ? 'C6 H15 N2 O2 1'   147.195 
MET   'L-peptide linking' y METHIONINE ? 'C5 H11 N O2 S'    149.211 
PHE   'L-peptide linking' y PHENYLALANINE ? 'C9 H11 N O2'      165.189 
PRO   'L-peptide linking' y PROLINE ? 'C5 H9 N O2'       115.130 
SER   'L-peptide linking' y SERINE ? 'C3 H7 N O3'       105.093 
THR   'L-peptide linking' y THREONINE ? 'C4 H9 N O3'       119.119 
TRP   'L-peptide linking' y TRYPTOPHAN ? 'C11 H12 N2 O2'    204.225 
TYR   'L-peptide linking' y TYROSINE ? 'C9 H11 N O3'      181.189 
VAL   'L-peptide linking' y VALINE ? 'C5 H11 N O2'      117.146 
# 
loop_
_pdbx_poly_seq_scheme.asym_id 
_pdbx_poly_seq_scheme.entity_id 
_pdbx_poly_seq_scheme.seq_id 
_pdbx_poly_seq_scheme.mon_id 
_pdbx_poly_seq_scheme.ndb_seq_num 
_pdbx_poly_seq_scheme.pdb_seq_num 
_pdbx_poly_seq_scheme.auth_seq_num 
_pdbx_poly_seq_scheme.pdb_mon_id 
_pdbx_poly_seq_scheme.auth_mon_id 
_pdbx_poly_seq_scheme.pdb_strand_id 
_pdbx_poly_seq_scheme.pdb_ins_code 
_pdbx_poly_seq_scheme.hetero 
A 1 1   MET 1   1021 ?    ?   ?   A . n 
A 1 2   LYS 2   1022 ?    ?   ?   A . n 
A 1 3   LYS 3   1023 ?    ?   ?   A . n 
A 1 4   GLY 4   1024 ?    ?   ?   A . n 
A 1 5   HIS 5   1025 ?    ?   ?   A . n 
A 1 6   HIS 6   1026 ?    ?   ?   A . n 
A 1 7   HIS 7   1027 ?    ?   ?   A . n 
A 1 8   HIS 8   1028 ?    ?   ?   A . n 
A 1 9   HIS 9   1029 ?    ?   ?   A . n 
A 1 10  HIS 10  1030 ?    ?   ?   A . n 
A 1 11  GLU 11  1031 ?    ?   ?   A . n 
A 1 12  ASN 12  1032 ?    ?   ?   A . n 
A 1 13  LEU 13  1033 ?    ?   ?   A . n 
A 1 14  TYR 14  1034 ?    ?   ?   A . n 
A 1 15  PHE 15  1035 ?    ?   ?   A . n 
A 1 16  GLN 16  1036 ?    ?   ?   A . n 
A 1 17  GLY 17  1037 ?    ?   ?   A . n 
A 1 18  GLY 18  1038 ?    ?   ?   A . n 
A 1 19  SER 19  1039 ?    ?   ?   A . n 
A 1 20  ALA 20  1040 ?    ?   ?   A . n 
A 1 21  PRO 21  1041 ?    ?   ?   A . n 
A 1 22  GLY 22  1042 ?    ?   ?   A . n 
A 1 23  GLN 23  1043 ?    ?   ?   A . n 
A 1 24  SER 24  1044 ?    ?   ?   A . n 
A 1 25  LYS 25  1045 1045 LYS LYS A . n 
A 1 26  LYS 26  1046 1046 LYS LYS A . n 
A 1 27  LYS 27  1047 1047 LYS LYS A . n 
A 1 28  ILE 28  1048 1048 ILE ILE A . n 
A 1 29  PHE 29  1049 1049 PHE PHE A . n 
A 1 30  LYS 30  1050 1050 LYS LYS A . n 
A 1 31  PRO 31  1051 1051 PRO PRO A . n 
A 1 32  GLU 32  1052 1052 GLU GLU A . n 
A 1 33  GLU 33  1053 1053 GLU GLU A . n 
A 1 34  LEU 34  1054 1054 LEU LEU A . n 
A 1 35  ARG 35  1055 1055 ARG ARG A . n 
A 1 36  GLN 36  1056 1056 GLN GLN A . n 
A 1 37  ALA 37  1057 1057 ALA ALA A . n 
A 1 38  LEU 38  1058 1058 LEU LEU A . n 
A 1 39  MET 39  1059 1059 MET MET A . n 
A 1 40  PRO 40  1060 1060 PRO PRO A . n 
A 1 41  THR 41  1061 1061 THR THR A . n 
A 1 42  LEU 42  1062 1062 LEU LEU A . n 
A 1 43  GLU 43  1063 1063 GLU GLU A . n 
A 1 44  ALA 44  1064 1064 ALA ALA A . n 
A 1 45  LEU 45  1065 1065 LEU LEU A . n 
A 1 46  TYR 46  1066 1066 TYR TYR A . n 
A 1 47  ARG 47  1067 1067 ARG ARG A . n 
A 1 48  GLN 48  1068 1068 GLN GLN A . n 
A 1 49  ASP 49  1069 1069 ASP ASP A . n 
A 1 50  PRO 50  1070 1070 PRO PRO A . n 
A 1 51  GLU 51  1071 1071 GLU GLU A . n 
A 1 52  SER 52  1072 1072 SER SER A . n 
A 1 53  LEU 53  1073 1073 LEU LEU A . n 
A 1 54  PRO 54  1074 1074 PRO PRO A . n 
A 1 55  PHE 55  1075 1075 PHE PHE A . n 
A 1 56  ARG 56  1076 1076 ARG ARG A . n 
A 1 57  GLN 57  1077 1077 GLN GLN A . n 
A 1 58  PRO 58  1078 1078 PRO PRO A . n 
A 1 59  VAL 59  1079 1079 VAL VAL A . n 
A 1 60  ASP 60  1080 1080 ASP ASP A . n 
A 1 61  PRO 61  1081 1081 PRO PRO A . n 
A 1 62  GLN 62  1082 1082 GLN GLN A . n 
A 1 63  LEU 63  1083 1083 LEU LEU A . n 
A 1 64  LEU 64  1084 1084 LEU LEU A . n 
A 1 65  GLY 65  1085 1085 GLY GLY A . n 
A 1 66  ILE 66  1086 1086 ILE ILE A . n 
A 1 67  PRO 67  1087 1087 PRO PRO A . n 
A 1 68  ASP 68  1088 1088 ASP ASP A . n 
A 1 69  TYR 69  1089 1089 TYR TYR A . n 
A 1 70  PHE 70  1090 1090 PHE PHE A . n 
A 1 71  ASP 71  1091 1091 ASP ASP A . n 
A 1 72  ILE 72  1092 1092 ILE ILE A . n 
A 1 73  VAL 73  1093 1093 VAL VAL A . n 
A 1 74  LYS 74  1094 1094 LYS LYS A . n 
A 1 75  SER 75  1095 1095 SER SER A . n 
A 1 76  PRO 76  1096 1096 PRO PRO A . n 
A 1 77  MET 77  1097 1097 MET MET A . n 
A 1 78  ASP 78  1098 1098 ASP ASP A . n 
A 1 79  LEU 79  1099 1099 LEU LEU A . n 
A 1 80  SER 80  1100 1100 SER SER A . n 
A 1 81  THR 81  1101 1101 THR THR A . n 
A 1 82  ILE 82  1102 1102 ILE ILE A . n 
A 1 83  LYS 83  1103 1103 LYS LYS A . n 
A 1 84  ARG 84  1104 1104 ARG ARG A . n 
A 1 85  LYS 85  1105 1105 LYS LYS A . n 
A 1 86  LEU 86  1106 1106 LEU LEU A . n 
A 1 87  ASP 87  1107 1107 ASP ASP A . n 
A 1 88  THR 88  1108 1108 THR THR A . n 
A 1 89  GLY 89  1109 1109 GLY GLY A . n 
A 1 90  GLN 90  1110 1110 GLN GLN A . n 
A 1 91  TYR 91  1111 1111 TYR TYR A . n 
A 1 92  GLN 92  1112 1112 GLN GLN A . n 
A 1 93  GLU 93  1113 1113 GLU GLU A . n 
A 1 94  PRO 94  1114 1114 PRO PRO A . n 
A 1 95  TRP 95  1115 1115 TRP TRP A . n 
A 1 96  GLN 96  1116 1116 GLN GLN A . n 
A 1 97  TYR 97  1117 1117 TYR TYR A . n 
A 1 98  VAL 98  1118 1118 VAL VAL A . n 
A 1 99  ASP 99  1119 1119 ASP ASP A . n 
A 1 100 ASP 100 1120 1120 ASP ASP A . n 
A 1 101 ILE 101 1121 1121 ILE ILE A . n 
A 1 102 TRP 102 1122 1122 TRP TRP A . n 
A 1 103 LEU 103 1123 1123 LEU LEU A . n 
A 1 104 MET 104 1124 1124 MET MET A . n 
A 1 105 PHE 105 1125 1125 PHE PHE A . n 
A 1 106 ASN 106 1126 1126 ASN ASN A . n 
A 1 107 ASN 107 1127 1127 ASN ASN A . n 
A 1 108 ALA 108 1128 1128 ALA ALA A . n 
A 1 109 TRP 109 1129 1129 TRP TRP A . n 
A 1 110 LEU 110 1130 1130 LEU LEU A . n 
A 1 111 TYR 111 1131 1131 TYR TYR A . n 
A 1 112 ASN 112 1132 1132 ASN ASN A . n 
A 1 113 ARG 113 1133 1133 ARG ARG A . n 
A 1 114 LYS 114 1134 1134 LYS LYS A . n 
A 1 115 THR 115 1135 1135 THR THR A . n 
A 1 116 SER 116 1136 1136 SER SER A . n 
A 1 117 ARG 117 1137 1137 ARG ARG A . n 
A 1 118 VAL 118 1138 1138 VAL VAL A . n 
A 1 119 TYR 119 1139 1139 TYR TYR A . n 
A 1 120 LYS 120 1140 1140 LYS LYS A . n 
A 1 121 TYR 121 1141 1141 TYR TYR A . n 
A 1 122 CYS 122 1142 1142 CYS CYS A . n 
A 1 123 SER 123 1143 1143 SER SER A . n 
A 1 124 LYS 124 1144 1144 LYS LYS A . n 
A 1 125 LEU 125 1145 1145 LEU LEU A . n 
A 1 126 SER 126 1146 1146 SER SER A . n 
A 1 127 GLU 127 1147 1147 GLU GLU A . n 
A 1 128 VAL 128 1148 1148 VAL VAL A . n 
A 1 129 PHE 129 1149 1149 PHE PHE A . n 
A 1 130 GLU 130 1150 1150 GLU GLU A . n 
A 1 131 GLN 131 1151 1151 GLN GLN A . n 
A 1 132 GLU 132 1152 1152 GLU GLU A . n 
A 1 133 ILE 133 1153 1153 ILE ILE A . n 
A 1 134 ASP 134 1154 1154 ASP ASP A . n 
A 1 135 PRO 135 1155 1155 PRO PRO A . n 
A 1 136 VAL 136 1156 1156 VAL VAL A . n 
A 1 137 MET 137 1157 1157 MET MET A . n 
A 1 138 GLN 138 1158 1158 GLN GLN A . n 
A 1 139 SER 139 1159 1159 SER SER A . n 
A 1 140 LEU 140 1160 1160 LEU LEU A . n 
A 1 141 GLY 141 1161 1161 GLY GLY A . n 
# 
_pdbx_entity_instance_feature.ordinal        1 
_pdbx_entity_instance_feature.comp_id        A1EDM 
_pdbx_entity_instance_feature.asym_id        ? 
_pdbx_entity_instance_feature.seq_num        ? 
_pdbx_entity_instance_feature.auth_comp_id   A1EDM 
_pdbx_entity_instance_feature.auth_asym_id   ? 
_pdbx_entity_instance_feature.auth_seq_num   ? 
_pdbx_entity_instance_feature.feature_type   'SUBJECT OF INVESTIGATION' 
_pdbx_entity_instance_feature.details        ? 
# 
loop_
_pdbx_nonpoly_scheme.asym_id 
_pdbx_nonpoly_scheme.entity_id 
_pdbx_nonpoly_scheme.mon_id 
_pdbx_nonpoly_scheme.ndb_seq_num 
_pdbx_nonpoly_scheme.pdb_seq_num 
_pdbx_nonpoly_scheme.auth_seq_num 
_pdbx_nonpoly_scheme.pdb_mon_id 
_pdbx_nonpoly_scheme.auth_mon_id 
_pdbx_nonpoly_scheme.pdb_strand_id 
_pdbx_nonpoly_scheme.pdb_ins_code 
B 2 A1EDM 1  1201 1201 A1EDM DRG A . 
C 3 HOH   1  1301 30   HOH   HOH A . 
C 3 HOH   2  1302 11   HOH   HOH A . 
C 3 HOH   3  1303 1    HOH   HOH A . 
C 3 HOH   4  1304 31   HOH   HOH A . 
C 3 HOH   5  1305 35   HOH   HOH A . 
C 3 HOH   6  1306 13   HOH   HOH A . 
C 3 HOH   7  1307 25   HOH   HOH A . 
C 3 HOH   8  1308 8    HOH   HOH A . 
C 3 HOH   9  1309 21   HOH   HOH A . 
C 3 HOH   10 1310 10   HOH   HOH A . 
C 3 HOH   11 1311 6    HOH   HOH A . 
C 3 HOH   12 1312 41   HOH   HOH A . 
C 3 HOH   13 1313 28   HOH   HOH A . 
C 3 HOH   14 1314 29   HOH   HOH A . 
C 3 HOH   15 1315 7    HOH   HOH A . 
C 3 HOH   16 1316 44   HOH   HOH A . 
C 3 HOH   17 1317 12   HOH   HOH A . 
C 3 HOH   18 1318 15   HOH   HOH A . 
C 3 HOH   19 1319 3    HOH   HOH A . 
C 3 HOH   20 1320 32   HOH   HOH A . 
C 3 HOH   21 1321 2    HOH   HOH A . 
C 3 HOH   22 1322 4    HOH   HOH A . 
C 3 HOH   23 1323 14   HOH   HOH A . 
C 3 HOH   24 1324 24   HOH   HOH A . 
C 3 HOH   25 1325 33   HOH   HOH A . 
C 3 HOH   26 1326 38   HOH   HOH A . 
C 3 HOH   27 1327 9    HOH   HOH A . 
C 3 HOH   28 1328 26   HOH   HOH A . 
C 3 HOH   29 1329 43   HOH   HOH A . 
C 3 HOH   30 1330 34   HOH   HOH A . 
C 3 HOH   31 1331 5    HOH   HOH A . 
C 3 HOH   32 1332 23   HOH   HOH A . 
C 3 HOH   33 1333 27   HOH   HOH A . 
C 3 HOH   34 1334 39   HOH   HOH A . 
C 3 HOH   35 1335 42   HOH   HOH A . 
C 3 HOH   36 1336 40   HOH   HOH A . 
C 3 HOH   37 1337 18   HOH   HOH A . 
C 3 HOH   38 1338 22   HOH   HOH A . 
C 3 HOH   39 1339 37   HOH   HOH A . 
C 3 HOH   40 1340 17   HOH   HOH A . 
C 3 HOH   41 1341 45   HOH   HOH A . 
C 3 HOH   42 1342 20   HOH   HOH A . 
C 3 HOH   43 1343 19   HOH   HOH A . 
C 3 HOH   44 1344 16   HOH   HOH A . 
C 3 HOH   45 1345 36   HOH   HOH A . 
# 
loop_
_software.citation_id 
_software.classification 
_software.compiler_name 
_software.compiler_version 
_software.contact_author 
_software.contact_author_email 
_software.date 
_software.description 
_software.dependencies 
_software.hardware 
_software.language 
_software.location 
_software.mods 
_software.name 
_software.os 
_software.os_version 
_software.type 
_software.version 
_software.pdbx_ordinal 
? refinement       ? ? ? ? ? ? ? ? ? ? ? REFMAC  ? ? ? 5.8.0258 1 
? 'data scaling'   ? ? ? ? ? ? ? ? ? ? ? Aimless ? ? ? .        2 
? 'data reduction' ? ? ? ? ? ? ? ? ? ? ? XDS     ? ? ? .        3 
? phasing          ? ? ? ? ? ? ? ? ? ? ? MOLREP  ? ? ? .        4 
# 
_cell.angle_alpha                  90.00 
_cell.angle_alpha_esd              ? 
_cell.angle_beta                   90.00 
_cell.angle_beta_esd               ? 
_cell.angle_gamma                  90.00 
_cell.angle_gamma_esd              ? 
_cell.entry_id                     9JUT 
_cell.details                      ? 
_cell.formula_units_Z              ? 
_cell.length_a                     48.369 
_cell.length_a_esd                 ? 
_cell.length_b                     55.983 
_cell.length_b_esd                 ? 
_cell.length_c                     114.135 
_cell.length_c_esd                 ? 
_cell.volume                       ? 
_cell.volume_esd                   ? 
_cell.Z_PDB                        8 
_cell.reciprocal_angle_alpha       ? 
_cell.reciprocal_angle_beta        ? 
_cell.reciprocal_angle_gamma       ? 
_cell.reciprocal_angle_alpha_esd   ? 
_cell.reciprocal_angle_beta_esd    ? 
_cell.reciprocal_angle_gamma_esd   ? 
_cell.reciprocal_length_a          ? 
_cell.reciprocal_length_b          ? 
_cell.reciprocal_length_c          ? 
_cell.reciprocal_length_a_esd      ? 
_cell.reciprocal_length_b_esd      ? 
_cell.reciprocal_length_c_esd      ? 
_cell.pdbx_unique_axis             ? 
_cell.pdbx_esd_method              ? 
# 
_symmetry.entry_id                         9JUT 
_symmetry.cell_setting                     ? 
_symmetry.Int_Tables_number                23 
_symmetry.space_group_name_Hall            ? 
_symmetry.space_group_name_H-M             'I 2 2 2' 
_symmetry.pdbx_full_space_group_name_H-M   ? 
# 
_exptl.absorpt_coefficient_mu     ? 
_exptl.absorpt_correction_T_max   ? 
_exptl.absorpt_correction_T_min   ? 
_exptl.absorpt_correction_type    ? 
_exptl.absorpt_process_details    ? 
_exptl.entry_id                   9JUT 
_exptl.crystals_number            1 
_exptl.details                    ? 
_exptl.method                     'X-RAY DIFFRACTION' 
_exptl.method_details             ? 
# 
_exptl_crystal.colour                       ? 
_exptl_crystal.density_diffrn               ? 
_exptl_crystal.density_Matthews             2.21 
_exptl_crystal.density_method               ? 
_exptl_crystal.density_percent_sol          44.26 
_exptl_crystal.description                  ? 
_exptl_crystal.F_000                        ? 
_exptl_crystal.id                           1 
_exptl_crystal.preparation                  ? 
_exptl_crystal.size_max                     ? 
_exptl_crystal.size_mid                     ? 
_exptl_crystal.size_min                     ? 
_exptl_crystal.size_rad                     ? 
_exptl_crystal.colour_lustre                ? 
_exptl_crystal.colour_modifier              ? 
_exptl_crystal.colour_primary               ? 
_exptl_crystal.density_meas                 ? 
_exptl_crystal.density_meas_esd             ? 
_exptl_crystal.density_meas_gt              ? 
_exptl_crystal.density_meas_lt              ? 
_exptl_crystal.density_meas_temp            ? 
_exptl_crystal.density_meas_temp_esd        ? 
_exptl_crystal.density_meas_temp_gt         ? 
_exptl_crystal.density_meas_temp_lt         ? 
_exptl_crystal.pdbx_crystal_image_url       ? 
_exptl_crystal.pdbx_crystal_image_format    ? 
_exptl_crystal.pdbx_mosaicity               ? 
_exptl_crystal.pdbx_mosaicity_esd           ? 
_exptl_crystal.pdbx_mosaic_method           ? 
_exptl_crystal.pdbx_mosaic_block_size       ? 
_exptl_crystal.pdbx_mosaic_block_size_esd   ? 
# 
_exptl_crystal_grow.apparatus       ? 
_exptl_crystal_grow.atmosphere      ? 
_exptl_crystal_grow.crystal_id      1 
_exptl_crystal_grow.details         ? 
_exptl_crystal_grow.method          'VAPOR DIFFUSION, HANGING DROP' 
_exptl_crystal_grow.method_ref      ? 
_exptl_crystal_grow.pH              7.0 
_exptl_crystal_grow.pressure        ? 
_exptl_crystal_grow.pressure_esd    ? 
_exptl_crystal_grow.seeding         ? 
_exptl_crystal_grow.seeding_ref     ? 
_exptl_crystal_grow.temp_details    ? 
_exptl_crystal_grow.temp_esd        ? 
_exptl_crystal_grow.time            ? 
_exptl_crystal_grow.pdbx_details    '60% v/v Tacsimate pH 7.0, 0.1 M BIS-TRIS propane pH 7.0' 
_exptl_crystal_grow.pdbx_pH_range   ? 
_exptl_crystal_grow.temp            277 
# 
_diffrn.ambient_environment              ? 
_diffrn.ambient_temp                     80 
_diffrn.ambient_temp_details             ? 
_diffrn.ambient_temp_esd                 ? 
_diffrn.crystal_id                       1 
_diffrn.crystal_support                  ? 
_diffrn.crystal_treatment                ? 
_diffrn.details                          ? 
_diffrn.id                               1 
_diffrn.ambient_pressure                 ? 
_diffrn.ambient_pressure_esd             ? 
_diffrn.ambient_pressure_gt              ? 
_diffrn.ambient_pressure_lt              ? 
_diffrn.ambient_temp_gt                  ? 
_diffrn.ambient_temp_lt                  ? 
_diffrn.pdbx_serial_crystal_experiment   N 
# 
_diffrn_detector.details                      ? 
_diffrn_detector.detector                     PIXEL 
_diffrn_detector.diffrn_id                    1 
_diffrn_detector.type                         'DECTRIS PILATUS3 6M' 
_diffrn_detector.area_resol_mean              ? 
_diffrn_detector.dtime                        ? 
_diffrn_detector.pdbx_frames_total            ? 
_diffrn_detector.pdbx_collection_time_total   ? 
_diffrn_detector.pdbx_collection_date         2023-06-21 
_diffrn_detector.pdbx_frequency               ? 
_diffrn_detector.id                           ? 
_diffrn_detector.number_of_axes               ? 
# 
_diffrn_radiation.collimation                      ? 
_diffrn_radiation.diffrn_id                        1 
_diffrn_radiation.filter_edge                      ? 
_diffrn_radiation.inhomogeneity                    ? 
_diffrn_radiation.monochromator                    ? 
_diffrn_radiation.polarisn_norm                    ? 
_diffrn_radiation.polarisn_ratio                   ? 
_diffrn_radiation.probe                            ? 
_diffrn_radiation.type                             ? 
_diffrn_radiation.xray_symbol                      ? 
_diffrn_radiation.wavelength_id                    1 
_diffrn_radiation.pdbx_monochromatic_or_laue_m_l   M 
_diffrn_radiation.pdbx_wavelength_list             ? 
_diffrn_radiation.pdbx_wavelength                  ? 
_diffrn_radiation.pdbx_diffrn_protocol             'SINGLE WAVELENGTH' 
_diffrn_radiation.pdbx_analyzer                    ? 
_diffrn_radiation.pdbx_scattering_type             x-ray 
# 
_diffrn_radiation_wavelength.id           1 
_diffrn_radiation_wavelength.wavelength   0.97918 
_diffrn_radiation_wavelength.wt           1.0 
# 
_diffrn_source.current                     ? 
_diffrn_source.details                     ? 
_diffrn_source.diffrn_id                   1 
_diffrn_source.power                       ? 
_diffrn_source.size                        ? 
_diffrn_source.source                      SYNCHROTRON 
_diffrn_source.target                      ? 
_diffrn_source.type                        'SSRF BEAMLINE BL02U1' 
_diffrn_source.voltage                     ? 
_diffrn_source.take-off_angle              ? 
_diffrn_source.pdbx_wavelength_list        0.97918 
_diffrn_source.pdbx_wavelength             ? 
_diffrn_source.pdbx_synchrotron_beamline   BL02U1 
_diffrn_source.pdbx_synchrotron_site       SSRF 
# 
_reflns.B_iso_Wilson_estimate                          ? 
_reflns.entry_id                                       9JUT 
_reflns.data_reduction_details                         ? 
_reflns.data_reduction_method                          ? 
_reflns.d_resolution_high                              1.28 
_reflns.d_resolution_low                               45.47 
_reflns.details                                        ? 
_reflns.limit_h_max                                    ? 
_reflns.limit_h_min                                    ? 
_reflns.limit_k_max                                    ? 
_reflns.limit_k_min                                    ? 
_reflns.limit_l_max                                    ? 
_reflns.limit_l_min                                    ? 
_reflns.number_all                                     ? 
_reflns.number_obs                                     38973 
_reflns.observed_criterion                             ? 
_reflns.observed_criterion_F_max                       ? 
_reflns.observed_criterion_F_min                       ? 
_reflns.observed_criterion_I_max                       ? 
_reflns.observed_criterion_I_min                       ? 
_reflns.observed_criterion_sigma_F                     ? 
_reflns.observed_criterion_sigma_I                     ? 
_reflns.percent_possible_obs                           99.7 
_reflns.R_free_details                                 ? 
_reflns.Rmerge_F_all                                   ? 
_reflns.Rmerge_F_obs                                   ? 
_reflns.Friedel_coverage                               ? 
_reflns.number_gt                                      ? 
_reflns.threshold_expression                           ? 
_reflns.pdbx_redundancy                                9.7 
_reflns.pdbx_netI_over_av_sigmaI                       ? 
_reflns.pdbx_netI_over_sigmaI                          19.9 
_reflns.pdbx_res_netI_over_av_sigmaI_2                 ? 
_reflns.pdbx_res_netI_over_sigmaI_2                    ? 
_reflns.pdbx_chi_squared                               ? 
_reflns.pdbx_scaling_rejects                           ? 
_reflns.pdbx_d_res_high_opt                            ? 
_reflns.pdbx_d_res_low_opt                             ? 
_reflns.pdbx_d_res_opt_method                          ? 
_reflns.phase_calculation_details                      ? 
_reflns.pdbx_Rrim_I_all                                0.062 
_reflns.pdbx_Rpim_I_all                                0.019 
_reflns.pdbx_d_opt                                     ? 
_reflns.pdbx_number_measured_all                       379045 
_reflns.pdbx_diffrn_id                                 1 
_reflns.pdbx_ordinal                                   1 
_reflns.pdbx_CC_half                                   0.999 
_reflns.pdbx_CC_star                                   ? 
_reflns.pdbx_R_split                                   ? 
_reflns.pdbx_Rmerge_I_obs                              0.059 
_reflns.pdbx_Rmerge_I_all                              ? 
_reflns.pdbx_Rsym_value                                ? 
_reflns.pdbx_CC_split_method                           ? 
_reflns.pdbx_aniso_diffraction_limit_axis_1_ortho[1]   ? 
_reflns.pdbx_aniso_diffraction_limit_axis_1_ortho[2]   ? 
_reflns.pdbx_aniso_diffraction_limit_axis_1_ortho[3]   ? 
_reflns.pdbx_aniso_diffraction_limit_axis_2_ortho[1]   ? 
_reflns.pdbx_aniso_diffraction_limit_axis_2_ortho[2]   ? 
_reflns.pdbx_aniso_diffraction_limit_axis_2_ortho[3]   ? 
_reflns.pdbx_aniso_diffraction_limit_axis_3_ortho[1]   ? 
_reflns.pdbx_aniso_diffraction_limit_axis_3_ortho[2]   ? 
_reflns.pdbx_aniso_diffraction_limit_axis_3_ortho[3]   ? 
_reflns.pdbx_aniso_diffraction_limit_1                 ? 
_reflns.pdbx_aniso_diffraction_limit_2                 ? 
_reflns.pdbx_aniso_diffraction_limit_3                 ? 
_reflns.pdbx_aniso_B_tensor_eigenvector_1_ortho[1]     ? 
_reflns.pdbx_aniso_B_tensor_eigenvector_1_ortho[2]     ? 
_reflns.pdbx_aniso_B_tensor_eigenvector_1_ortho[3]     ? 
_reflns.pdbx_aniso_B_tensor_eigenvector_2_ortho[1]     ? 
_reflns.pdbx_aniso_B_tensor_eigenvector_2_ortho[2]     ? 
_reflns.pdbx_aniso_B_tensor_eigenvector_2_ortho[3]     ? 
_reflns.pdbx_aniso_B_tensor_eigenvector_3_ortho[1]     ? 
_reflns.pdbx_aniso_B_tensor_eigenvector_3_ortho[2]     ? 
_reflns.pdbx_aniso_B_tensor_eigenvector_3_ortho[3]     ? 
_reflns.pdbx_aniso_B_tensor_eigenvalue_1               ? 
_reflns.pdbx_aniso_B_tensor_eigenvalue_2               ? 
_reflns.pdbx_aniso_B_tensor_eigenvalue_3               ? 
_reflns.pdbx_orthogonalization_convention              ? 
_reflns.pdbx_percent_possible_ellipsoidal              ? 
_reflns.pdbx_percent_possible_spherical                ? 
_reflns.pdbx_percent_possible_ellipsoidal_anomalous    ? 
_reflns.pdbx_percent_possible_spherical_anomalous      ? 
_reflns.pdbx_redundancy_anomalous                      ? 
_reflns.pdbx_CC_half_anomalous                         ? 
_reflns.pdbx_absDiff_over_sigma_anomalous              ? 
_reflns.pdbx_percent_possible_anomalous                ? 
_reflns.pdbx_observed_signal_threshold                 ? 
_reflns.pdbx_signal_type                               ? 
_reflns.pdbx_signal_details                            ? 
_reflns.pdbx_signal_software_id                        ? 
# 
_reflns_shell.d_res_high                                    1.28 
_reflns_shell.d_res_low                                     1.30 
_reflns_shell.meanI_over_sigI_all                           ? 
_reflns_shell.meanI_over_sigI_obs                           ? 
_reflns_shell.number_measured_all                           8067 
_reflns_shell.number_measured_obs                           ? 
_reflns_shell.number_possible                               ? 
_reflns_shell.number_unique_all                             ? 
_reflns_shell.number_unique_obs                             1794 
_reflns_shell.percent_possible_obs                          95.5 
_reflns_shell.Rmerge_F_all                                  ? 
_reflns_shell.Rmerge_F_obs                                  ? 
_reflns_shell.meanI_over_sigI_gt                            ? 
_reflns_shell.meanI_over_uI_all                             ? 
_reflns_shell.meanI_over_uI_gt                              ? 
_reflns_shell.number_measured_gt                            ? 
_reflns_shell.number_unique_gt                              ? 
_reflns_shell.percent_possible_gt                           ? 
_reflns_shell.Rmerge_F_gt                                   ? 
_reflns_shell.Rmerge_I_gt                                   ? 
_reflns_shell.pdbx_redundancy                               4.5 
_reflns_shell.pdbx_chi_squared                              ? 
_reflns_shell.pdbx_netI_over_sigmaI_all                     ? 
_reflns_shell.pdbx_netI_over_sigmaI_obs                     3.2 
_reflns_shell.pdbx_Rrim_I_all                               0.467 
_reflns_shell.pdbx_Rpim_I_all                               0.214 
_reflns_shell.pdbx_rejects                                  ? 
_reflns_shell.pdbx_ordinal                                  1 
_reflns_shell.pdbx_diffrn_id                                1 
_reflns_shell.pdbx_CC_half                                  0.878 
_reflns_shell.pdbx_CC_star                                  ? 
_reflns_shell.pdbx_R_split                                  ? 
_reflns_shell.percent_possible_all                          ? 
_reflns_shell.Rmerge_I_all                                  ? 
_reflns_shell.Rmerge_I_obs                                  0.412 
_reflns_shell.pdbx_Rsym_value                               ? 
_reflns_shell.pdbx_percent_possible_ellipsoidal             ? 
_reflns_shell.pdbx_percent_possible_spherical               ? 
_reflns_shell.pdbx_percent_possible_ellipsoidal_anomalous   ? 
_reflns_shell.pdbx_percent_possible_spherical_anomalous     ? 
_reflns_shell.pdbx_redundancy_anomalous                     ? 
_reflns_shell.pdbx_CC_half_anomalous                        ? 
_reflns_shell.pdbx_absDiff_over_sigma_anomalous             ? 
_reflns_shell.pdbx_percent_possible_anomalous               ? 
# 
_refine.aniso_B[1][1]                            -1.67 
_refine.aniso_B[1][2]                            -0.00 
_refine.aniso_B[1][3]                            -0.00 
_refine.aniso_B[2][2]                            3.14 
_refine.aniso_B[2][3]                            -0.00 
_refine.aniso_B[3][3]                            -1.47 
_refine.B_iso_max                                ? 
_refine.B_iso_mean                               23.151 
_refine.B_iso_min                                ? 
_refine.correlation_coeff_Fo_to_Fc               0.945 
_refine.correlation_coeff_Fo_to_Fc_free          0.921 
_refine.details                                  'HYDROGENS HAVE BEEN ADDED IN THE RIDING POSITIONS' 
_refine.diff_density_max                         ? 
_refine.diff_density_max_esd                     ? 
_refine.diff_density_min                         ? 
_refine.diff_density_min_esd                     ? 
_refine.diff_density_rms                         ? 
_refine.diff_density_rms_esd                     ? 
_refine.entry_id                                 9JUT 
_refine.pdbx_refine_id                           'X-RAY DIFFRACTION' 
_refine.ls_abs_structure_details                 ? 
_refine.ls_abs_structure_Flack                   ? 
_refine.ls_abs_structure_Flack_esd               ? 
_refine.ls_abs_structure_Rogers                  ? 
_refine.ls_abs_structure_Rogers_esd              ? 
_refine.ls_d_res_high                            2.13 
_refine.ls_d_res_low                             29.92 
_refine.ls_extinction_coef                       ? 
_refine.ls_extinction_coef_esd                   ? 
_refine.ls_extinction_expression                 ? 
_refine.ls_extinction_method                     ? 
_refine.ls_goodness_of_fit_all                   ? 
_refine.ls_goodness_of_fit_all_esd               ? 
_refine.ls_goodness_of_fit_obs                   ? 
_refine.ls_goodness_of_fit_obs_esd               ? 
_refine.ls_hydrogen_treatment                    ? 
_refine.ls_matrix_type                           ? 
_refine.ls_number_constraints                    ? 
_refine.ls_number_parameters                     ? 
_refine.ls_number_reflns_all                     ? 
_refine.ls_number_reflns_obs                     8518 
_refine.ls_number_reflns_R_free                  488 
_refine.ls_number_reflns_R_work                  ? 
_refine.ls_number_restraints                     ? 
_refine.ls_percent_reflns_obs                    99.91 
_refine.ls_percent_reflns_R_free                 5.4 
_refine.ls_R_factor_all                          ? 
_refine.ls_R_factor_obs                          0.18532 
_refine.ls_R_factor_R_free                       0.23414 
_refine.ls_R_factor_R_free_error                 ? 
_refine.ls_R_factor_R_free_error_details         ? 
_refine.ls_R_factor_R_work                       0.18237 
_refine.ls_R_Fsqd_factor_obs                     ? 
_refine.ls_R_I_factor_obs                        ? 
_refine.ls_redundancy_reflns_all                 ? 
_refine.ls_redundancy_reflns_obs                 ? 
_refine.ls_restrained_S_all                      ? 
_refine.ls_restrained_S_obs                      ? 
_refine.ls_shift_over_esd_max                    ? 
_refine.ls_shift_over_esd_mean                   ? 
_refine.ls_structure_factor_coef                 ? 
_refine.ls_weighting_details                     ? 
_refine.ls_weighting_scheme                      ? 
_refine.ls_wR_factor_all                         ? 
_refine.ls_wR_factor_obs                         ? 
_refine.ls_wR_factor_R_free                      ? 
_refine.ls_wR_factor_R_work                      ? 
_refine.occupancy_max                            ? 
_refine.occupancy_min                            ? 
_refine.solvent_model_details                    MASK 
_refine.solvent_model_param_bsol                 ? 
_refine.solvent_model_param_ksol                 ? 
_refine.pdbx_R_complete                          ? 
_refine.ls_R_factor_gt                           ? 
_refine.ls_goodness_of_fit_gt                    ? 
_refine.ls_goodness_of_fit_ref                   ? 
_refine.ls_shift_over_su_max                     ? 
_refine.ls_shift_over_su_max_lt                  ? 
_refine.ls_shift_over_su_mean                    ? 
_refine.ls_shift_over_su_mean_lt                 ? 
_refine.pdbx_ls_sigma_I                          ? 
_refine.pdbx_ls_sigma_F                          ? 
_refine.pdbx_ls_sigma_Fsqd                       ? 
_refine.pdbx_data_cutoff_high_absF               ? 
_refine.pdbx_data_cutoff_high_rms_absF           ? 
_refine.pdbx_data_cutoff_low_absF                ? 
_refine.pdbx_isotropic_thermal_model             ? 
_refine.pdbx_ls_cross_valid_method               THROUGHOUT 
_refine.pdbx_method_to_determine_struct          'MOLECULAR REPLACEMENT' 
_refine.pdbx_starting_model                      7UGI 
_refine.pdbx_stereochemistry_target_values       'MAXIMUM LIKELIHOOD' 
_refine.pdbx_R_Free_selection_details            RANDOM 
_refine.pdbx_stereochem_target_val_spec_case     ? 
_refine.pdbx_overall_ESU_R                       0.202 
_refine.pdbx_overall_ESU_R_Free                  0.181 
_refine.pdbx_solvent_vdw_probe_radii             1.20 
_refine.pdbx_solvent_ion_probe_radii             0.80 
_refine.pdbx_solvent_shrinkage_radii             0.80 
_refine.pdbx_real_space_R                        ? 
_refine.pdbx_density_correlation                 ? 
_refine.pdbx_pd_number_of_powder_patterns        ? 
_refine.pdbx_pd_number_of_points                 ? 
_refine.pdbx_pd_meas_number_of_points            ? 
_refine.pdbx_pd_proc_ls_prof_R_factor            ? 
_refine.pdbx_pd_proc_ls_prof_wR_factor           ? 
_refine.pdbx_pd_Marquardt_correlation_coeff      ? 
_refine.pdbx_pd_Fsqrd_R_factor                   ? 
_refine.pdbx_pd_ls_matrix_band_width             ? 
_refine.pdbx_overall_phase_error                 ? 
_refine.pdbx_overall_SU_R_free_Cruickshank_DPI   ? 
_refine.pdbx_overall_SU_R_free_Blow_DPI          ? 
_refine.pdbx_overall_SU_R_Blow_DPI               ? 
_refine.pdbx_TLS_residual_ADP_flag               ? 
_refine.pdbx_diffrn_id                           1 
_refine.overall_SU_B                             4.629 
_refine.overall_SU_ML                            0.123 
_refine.overall_SU_R_Cruickshank_DPI             ? 
_refine.overall_SU_R_free                        ? 
_refine.overall_FOM_free_R_set                   ? 
_refine.overall_FOM_work_R_set                   ? 
_refine.pdbx_average_fsc_overall                 ? 
_refine.pdbx_average_fsc_work                    ? 
_refine.pdbx_average_fsc_free                    ? 
# 
_refine_hist.pdbx_refine_id                   'X-RAY DIFFRACTION' 
_refine_hist.cycle_id                         1 
_refine_hist.details                          ? 
_refine_hist.d_res_high                       2.13 
_refine_hist.d_res_low                        29.92 
_refine_hist.number_atoms_solvent             45 
_refine_hist.number_atoms_total               1071 
_refine_hist.number_reflns_all                ? 
_refine_hist.number_reflns_obs                ? 
_refine_hist.number_reflns_R_free             ? 
_refine_hist.number_reflns_R_work             ? 
_refine_hist.R_factor_all                     ? 
_refine_hist.R_factor_obs                     ? 
_refine_hist.R_factor_R_free                  ? 
_refine_hist.R_factor_R_work                  ? 
_refine_hist.pdbx_number_residues_total       ? 
_refine_hist.pdbx_B_iso_mean_ligand           ? 
_refine_hist.pdbx_B_iso_mean_solvent          ? 
_refine_hist.pdbx_number_atoms_protein        986 
_refine_hist.pdbx_number_atoms_nucleic_acid   0 
_refine_hist.pdbx_number_atoms_ligand         40 
_refine_hist.pdbx_number_atoms_lipid          ? 
_refine_hist.pdbx_number_atoms_carb           ? 
_refine_hist.pdbx_pseudo_atom_details         ? 
# 
loop_
_refine_ls_restr.pdbx_refine_id 
_refine_ls_restr.criterion 
_refine_ls_restr.dev_ideal 
_refine_ls_restr.dev_ideal_target 
_refine_ls_restr.number 
_refine_ls_restr.rejects 
_refine_ls_restr.type 
_refine_ls_restr.weight 
_refine_ls_restr.pdbx_restraint_function 
'X-RAY DIFFRACTION' ? 0.010  0.013  1075 ? r_bond_refined_d             ? ? 
'X-RAY DIFFRACTION' ? 0.003  0.018  985  ? r_bond_other_d               ? ? 
'X-RAY DIFFRACTION' ? 1.674  1.721  1464 ? r_angle_refined_deg          ? ? 
'X-RAY DIFFRACTION' ? 1.566  1.646  2302 ? r_angle_other_deg            ? ? 
'X-RAY DIFFRACTION' ? 6.152  5.000  118  ? r_dihedral_angle_1_deg       ? ? 
'X-RAY DIFFRACTION' ? 37.305 22.982 57   ? r_dihedral_angle_2_deg       ? ? 
'X-RAY DIFFRACTION' ? 16.888 15.000 188  ? r_dihedral_angle_3_deg       ? ? 
'X-RAY DIFFRACTION' ? 15.948 15.000 6    ? r_dihedral_angle_4_deg       ? ? 
'X-RAY DIFFRACTION' ? 0.081  0.200  127  ? r_chiral_restr               ? ? 
'X-RAY DIFFRACTION' ? 0.009  0.020  1161 ? r_gen_planes_refined         ? ? 
'X-RAY DIFFRACTION' ? 0.001  0.020  222  ? r_gen_planes_other           ? ? 
'X-RAY DIFFRACTION' ? ?      ?      ?    ? r_nbd_refined                ? ? 
'X-RAY DIFFRACTION' ? ?      ?      ?    ? r_nbd_other                  ? ? 
'X-RAY DIFFRACTION' ? ?      ?      ?    ? r_nbtor_refined              ? ? 
'X-RAY DIFFRACTION' ? ?      ?      ?    ? r_nbtor_other                ? ? 
'X-RAY DIFFRACTION' ? ?      ?      ?    ? r_xyhbond_nbd_refined        ? ? 
'X-RAY DIFFRACTION' ? ?      ?      ?    ? r_xyhbond_nbd_other          ? ? 
'X-RAY DIFFRACTION' ? ?      ?      ?    ? r_metal_ion_refined          ? ? 
'X-RAY DIFFRACTION' ? ?      ?      ?    ? r_metal_ion_other            ? ? 
'X-RAY DIFFRACTION' ? ?      ?      ?    ? r_symmetry_vdw_refined       ? ? 
'X-RAY DIFFRACTION' ? ?      ?      ?    ? r_symmetry_vdw_other         ? ? 
'X-RAY DIFFRACTION' ? ?      ?      ?    ? r_symmetry_hbond_refined     ? ? 
'X-RAY DIFFRACTION' ? ?      ?      ?    ? r_symmetry_hbond_other       ? ? 
'X-RAY DIFFRACTION' ? ?      ?      ?    ? r_symmetry_metal_ion_refined ? ? 
'X-RAY DIFFRACTION' ? ?      ?      ?    ? r_symmetry_metal_ion_other   ? ? 
'X-RAY DIFFRACTION' ? 1.962  2.239  472  ? r_mcbond_it                  ? ? 
'X-RAY DIFFRACTION' ? 1.901  2.218  470  ? r_mcbond_other               ? ? 
'X-RAY DIFFRACTION' ? 2.923  3.335  590  ? r_mcangle_it                 ? ? 
'X-RAY DIFFRACTION' ? 2.907  3.333  590  ? r_mcangle_other              ? ? 
'X-RAY DIFFRACTION' ? 2.933  2.550  603  ? r_scbond_it                  ? ? 
'X-RAY DIFFRACTION' ? 2.930  2.550  604  ? r_scbond_other               ? ? 
'X-RAY DIFFRACTION' ? ?      ?      ?    ? r_scangle_it                 ? ? 
'X-RAY DIFFRACTION' ? 4.686  3.683  875  ? r_scangle_other              ? ? 
'X-RAY DIFFRACTION' ? 6.008  25.083 1287 ? r_long_range_B_refined       ? ? 
'X-RAY DIFFRACTION' ? 5.987  25.004 1280 ? r_long_range_B_other         ? ? 
'X-RAY DIFFRACTION' ? ?      ?      ?    ? r_rigid_bond_restr           ? ? 
'X-RAY DIFFRACTION' ? ?      ?      ?    ? r_sphericity_free            ? ? 
'X-RAY DIFFRACTION' ? ?      ?      ?    ? r_sphericity_bonded          ? ? 
# 
_refine_ls_shell.pdbx_refine_id                   'X-RAY DIFFRACTION' 
_refine_ls_shell.d_res_high                       2.130 
_refine_ls_shell.d_res_low                        2.185 
_refine_ls_shell.number_reflns_all                ? 
_refine_ls_shell.number_reflns_obs                ? 
_refine_ls_shell.number_reflns_R_free             36 
_refine_ls_shell.number_reflns_R_work             614 
_refine_ls_shell.percent_reflns_obs               99.69 
_refine_ls_shell.percent_reflns_R_free            ? 
_refine_ls_shell.R_factor_all                     ? 
_refine_ls_shell.R_factor_obs                     ? 
_refine_ls_shell.R_factor_R_free_error            ? 
_refine_ls_shell.R_factor_R_work                  0.217 
_refine_ls_shell.redundancy_reflns_all            ? 
_refine_ls_shell.redundancy_reflns_obs            ? 
_refine_ls_shell.wR_factor_all                    ? 
_refine_ls_shell.wR_factor_obs                    ? 
_refine_ls_shell.wR_factor_R_free                 ? 
_refine_ls_shell.wR_factor_R_work                 ? 
_refine_ls_shell.pdbx_R_complete                  ? 
_refine_ls_shell.pdbx_total_number_of_bins_used   20 
_refine_ls_shell.pdbx_phase_error                 ? 
_refine_ls_shell.pdbx_fsc_work                    ? 
_refine_ls_shell.pdbx_fsc_free                    ? 
_refine_ls_shell.R_factor_R_free                  0.339 
# 
_struct.entry_id                     9JUT 
_struct.title                        'X-ray crystal structure of Y16524 in EP300' 
_struct.pdbx_model_details           ? 
_struct.pdbx_formula_weight          ? 
_struct.pdbx_formula_weight_method   ? 
_struct.pdbx_model_type_details      ? 
_struct.pdbx_CASP_flag               N 
# 
_struct_keywords.entry_id        9JUT 
_struct_keywords.text            'EP300, Bromodomain, PROTEIN BINDING' 
_struct_keywords.pdbx_keywords   'PROTEIN BINDING' 
# 
loop_
_struct_asym.id 
_struct_asym.pdbx_blank_PDB_chainid_flag 
_struct_asym.pdbx_modified 
_struct_asym.entity_id 
_struct_asym.details 
A N N 1 ? 
B N N 2 ? 
C N N 3 ? 
# 
_struct_ref.id                         1 
_struct_ref.db_name                    UNP 
_struct_ref.db_code                    EP300_HUMAN 
_struct_ref.pdbx_db_accession          Q09472 
_struct_ref.pdbx_db_isoform            ? 
_struct_ref.entity_id                  1 
_struct_ref.pdbx_seq_one_letter_code   
;APGQSKKKIFKPEELRQALMPTLEALYRQDPESLPFRQPVDPQLLGIPDYFDIVKSPMDLSTIKRKLDTGQYQEPWQYVD
DIWLMFNNAWLYNRKTSRVYKYCSKLSEVFEQEIDPVMQSLG
;
_struct_ref.pdbx_align_begin           1040 
# 
_struct_ref_seq.align_id                      1 
_struct_ref_seq.ref_id                        1 
_struct_ref_seq.pdbx_PDB_id_code              9JUT 
_struct_ref_seq.pdbx_strand_id                A 
_struct_ref_seq.seq_align_beg                 20 
_struct_ref_seq.pdbx_seq_align_beg_ins_code   ? 
_struct_ref_seq.seq_align_end                 141 
_struct_ref_seq.pdbx_seq_align_end_ins_code   ? 
_struct_ref_seq.pdbx_db_accession             Q09472 
_struct_ref_seq.db_align_beg                  1040 
_struct_ref_seq.pdbx_db_align_beg_ins_code    ? 
_struct_ref_seq.db_align_end                  1161 
_struct_ref_seq.pdbx_db_align_end_ins_code    ? 
_struct_ref_seq.pdbx_auth_seq_align_beg       1040 
_struct_ref_seq.pdbx_auth_seq_align_end       1161 
# 
loop_
_struct_ref_seq_dif.align_id 
_struct_ref_seq_dif.pdbx_pdb_id_code 
_struct_ref_seq_dif.mon_id 
_struct_ref_seq_dif.pdbx_pdb_strand_id 
_struct_ref_seq_dif.seq_num 
_struct_ref_seq_dif.pdbx_pdb_ins_code 
_struct_ref_seq_dif.pdbx_seq_db_name 
_struct_ref_seq_dif.pdbx_seq_db_accession_code 
_struct_ref_seq_dif.db_mon_id 
_struct_ref_seq_dif.pdbx_seq_db_seq_num 
_struct_ref_seq_dif.details 
_struct_ref_seq_dif.pdbx_auth_seq_num 
_struct_ref_seq_dif.pdbx_ordinal 
1 9JUT MET A 1  ? UNP Q09472 ? ? 'initiating methionine' 1021 1  
1 9JUT LYS A 2  ? UNP Q09472 ? ? 'expression tag'        1022 2  
1 9JUT LYS A 3  ? UNP Q09472 ? ? 'expression tag'        1023 3  
1 9JUT GLY A 4  ? UNP Q09472 ? ? 'expression tag'        1024 4  
1 9JUT HIS A 5  ? UNP Q09472 ? ? 'expression tag'        1025 5  
1 9JUT HIS A 6  ? UNP Q09472 ? ? 'expression tag'        1026 6  
1 9JUT HIS A 7  ? UNP Q09472 ? ? 'expression tag'        1027 7  
1 9JUT HIS A 8  ? UNP Q09472 ? ? 'expression tag'        1028 8  
1 9JUT HIS A 9  ? UNP Q09472 ? ? 'expression tag'        1029 9  
1 9JUT HIS A 10 ? UNP Q09472 ? ? 'expression tag'        1030 10 
1 9JUT GLU A 11 ? UNP Q09472 ? ? 'expression tag'        1031 11 
1 9JUT ASN A 12 ? UNP Q09472 ? ? 'expression tag'        1032 12 
1 9JUT LEU A 13 ? UNP Q09472 ? ? 'expression tag'        1033 13 
1 9JUT TYR A 14 ? UNP Q09472 ? ? 'expression tag'        1034 14 
1 9JUT PHE A 15 ? UNP Q09472 ? ? 'expression tag'        1035 15 
1 9JUT GLN A 16 ? UNP Q09472 ? ? 'expression tag'        1036 16 
1 9JUT GLY A 17 ? UNP Q09472 ? ? 'expression tag'        1037 17 
1 9JUT GLY A 18 ? UNP Q09472 ? ? 'expression tag'        1038 18 
1 9JUT SER A 19 ? UNP Q09472 ? ? 'expression tag'        1039 19 
# 
_pdbx_struct_assembly.id                   1 
_pdbx_struct_assembly.details              author_defined_assembly 
_pdbx_struct_assembly.method_details       ? 
_pdbx_struct_assembly.oligomeric_details   monomeric 
_pdbx_struct_assembly.oligomeric_count     1 
# 
_pdbx_struct_assembly_gen.assembly_id       1 
_pdbx_struct_assembly_gen.oper_expression   1 
_pdbx_struct_assembly_gen.asym_id_list      A,B,C 
# 
_pdbx_struct_assembly_auth_evidence.id                     1 
_pdbx_struct_assembly_auth_evidence.assembly_id            1 
_pdbx_struct_assembly_auth_evidence.experimental_support   none 
_pdbx_struct_assembly_auth_evidence.details                ? 
# 
_pdbx_struct_oper_list.id                   1 
_pdbx_struct_oper_list.type                 'identity operation' 
_pdbx_struct_oper_list.name                 1_555 
_pdbx_struct_oper_list.symmetry_operation   x,y,z 
_pdbx_struct_oper_list.matrix[1][1]         1.0000000000 
_pdbx_struct_oper_list.matrix[1][2]         0.0000000000 
_pdbx_struct_oper_list.matrix[1][3]         0.0000000000 
_pdbx_struct_oper_list.vector[1]            0.0000000000 
_pdbx_struct_oper_list.matrix[2][1]         0.0000000000 
_pdbx_struct_oper_list.matrix[2][2]         1.0000000000 
_pdbx_struct_oper_list.matrix[2][3]         0.0000000000 
_pdbx_struct_oper_list.vector[2]            0.0000000000 
_pdbx_struct_oper_list.matrix[3][1]         0.0000000000 
_pdbx_struct_oper_list.matrix[3][2]         0.0000000000 
_pdbx_struct_oper_list.matrix[3][3]         1.0000000000 
_pdbx_struct_oper_list.vector[3]            0.0000000000 
# 
loop_
_struct_conf.conf_type_id 
_struct_conf.id 
_struct_conf.pdbx_PDB_helix_id 
_struct_conf.beg_label_comp_id 
_struct_conf.beg_label_asym_id 
_struct_conf.beg_label_seq_id 
_struct_conf.pdbx_beg_PDB_ins_code 
_struct_conf.end_label_comp_id 
_struct_conf.end_label_asym_id 
_struct_conf.end_label_seq_id 
_struct_conf.pdbx_end_PDB_ins_code 
_struct_conf.beg_auth_comp_id 
_struct_conf.beg_auth_asym_id 
_struct_conf.beg_auth_seq_id 
_struct_conf.end_auth_comp_id 
_struct_conf.end_auth_asym_id 
_struct_conf.end_auth_seq_id 
_struct_conf.pdbx_PDB_helix_class 
_struct_conf.details 
_struct_conf.pdbx_PDB_helix_length 
HELX_P HELX_P1 AA1 LYS A 30  ? ARG A 47  ? LYS A 1050 ARG A 1067 1 ? 18 
HELX_P HELX_P2 AA2 SER A 52  ? ARG A 56  ? SER A 1072 ARG A 1076 5 ? 5  
HELX_P HELX_P3 AA3 ASP A 60  ? GLY A 65  ? ASP A 1080 GLY A 1085 1 ? 6  
HELX_P HELX_P4 AA4 ASP A 68  ? VAL A 73  ? ASP A 1088 VAL A 1093 1 ? 6  
HELX_P HELX_P5 AA5 ASP A 78  ? THR A 88  ? ASP A 1098 THR A 1108 1 ? 11 
HELX_P HELX_P6 AA6 GLU A 93  ? ASN A 112 ? GLU A 1113 ASN A 1132 1 ? 20 
HELX_P HELX_P7 AA7 SER A 116 ? GLY A 141 ? SER A 1136 GLY A 1161 1 ? 26 
# 
_struct_conf_type.id          HELX_P 
_struct_conf_type.criteria    ? 
_struct_conf_type.reference   ? 
# 
_struct_mon_prot_cis.pdbx_id                1 
_struct_mon_prot_cis.label_comp_id          ASP 
_struct_mon_prot_cis.label_seq_id           49 
_struct_mon_prot_cis.label_asym_id          A 
_struct_mon_prot_cis.label_alt_id           . 
_struct_mon_prot_cis.pdbx_PDB_ins_code      ? 
_struct_mon_prot_cis.auth_comp_id           ASP 
_struct_mon_prot_cis.auth_seq_id            1069 
_struct_mon_prot_cis.auth_asym_id           A 
_struct_mon_prot_cis.pdbx_label_comp_id_2   PRO 
_struct_mon_prot_cis.pdbx_label_seq_id_2    50 
_struct_mon_prot_cis.pdbx_label_asym_id_2   A 
_struct_mon_prot_cis.pdbx_PDB_ins_code_2    ? 
_struct_mon_prot_cis.pdbx_auth_comp_id_2    PRO 
_struct_mon_prot_cis.pdbx_auth_seq_id_2     1070 
_struct_mon_prot_cis.pdbx_auth_asym_id_2    A 
_struct_mon_prot_cis.pdbx_PDB_model_num     1 
_struct_mon_prot_cis.pdbx_omega_angle       9.71 
# 
_pdbx_entry_details.entry_id                   9JUT 
_pdbx_entry_details.nonpolymer_details         ? 
_pdbx_entry_details.sequence_details           ? 
_pdbx_entry_details.compound_details           ? 
_pdbx_entry_details.source_details             ? 
_pdbx_entry_details.has_ligand_of_interest     Y 
_pdbx_entry_details.has_protein_modification   N 
# 
_pdbx_struct_special_symmetry.id              1 
_pdbx_struct_special_symmetry.PDB_model_num   1 
_pdbx_struct_special_symmetry.auth_asym_id    A 
_pdbx_struct_special_symmetry.auth_comp_id    HOH 
_pdbx_struct_special_symmetry.auth_seq_id     1345 
_pdbx_struct_special_symmetry.PDB_ins_code    ? 
_pdbx_struct_special_symmetry.label_asym_id   C 
_pdbx_struct_special_symmetry.label_comp_id   HOH 
_pdbx_struct_special_symmetry.label_seq_id    . 
# 
loop_
_pdbx_unobs_or_zero_occ_residues.id 
_pdbx_unobs_or_zero_occ_residues.PDB_model_num 
_pdbx_unobs_or_zero_occ_residues.polymer_flag 
_pdbx_unobs_or_zero_occ_residues.occupancy_flag 
_pdbx_unobs_or_zero_occ_residues.auth_asym_id 
_pdbx_unobs_or_zero_occ_residues.auth_comp_id 
_pdbx_unobs_or_zero_occ_residues.auth_seq_id 
_pdbx_unobs_or_zero_occ_residues.PDB_ins_code 
_pdbx_unobs_or_zero_occ_residues.label_asym_id 
_pdbx_unobs_or_zero_occ_residues.label_comp_id 
_pdbx_unobs_or_zero_occ_residues.label_seq_id 
1  1 Y 1 A MET 1021 ? A MET 1  
2  1 Y 1 A LYS 1022 ? A LYS 2  
3  1 Y 1 A LYS 1023 ? A LYS 3  
4  1 Y 1 A GLY 1024 ? A GLY 4  
5  1 Y 1 A HIS 1025 ? A HIS 5  
6  1 Y 1 A HIS 1026 ? A HIS 6  
7  1 Y 1 A HIS 1027 ? A HIS 7  
8  1 Y 1 A HIS 1028 ? A HIS 8  
9  1 Y 1 A HIS 1029 ? A HIS 9  
10 1 Y 1 A HIS 1030 ? A HIS 10 
11 1 Y 1 A GLU 1031 ? A GLU 11 
12 1 Y 1 A ASN 1032 ? A ASN 12 
13 1 Y 1 A LEU 1033 ? A LEU 13 
14 1 Y 1 A TYR 1034 ? A TYR 14 
15 1 Y 1 A PHE 1035 ? A PHE 15 
16 1 Y 1 A GLN 1036 ? A GLN 16 
17 1 Y 1 A GLY 1037 ? A GLY 17 
18 1 Y 1 A GLY 1038 ? A GLY 18 
19 1 Y 1 A SER 1039 ? A SER 19 
20 1 Y 1 A ALA 1040 ? A ALA 20 
21 1 Y 1 A PRO 1041 ? A PRO 21 
22 1 Y 1 A GLY 1042 ? A GLY 22 
23 1 Y 1 A GLN 1043 ? A GLN 23 
24 1 Y 1 A SER 1044 ? A SER 24 
# 
loop_
_chem_comp_atom.comp_id 
_chem_comp_atom.atom_id 
_chem_comp_atom.type_symbol 
_chem_comp_atom.pdbx_aromatic_flag 
_chem_comp_atom.pdbx_stereo_config 
_chem_comp_atom.pdbx_ordinal 
A1EDM CAT  C  N N 1   
A1EDM CAU  C  N N 2   
A1EDM OAV  O  N N 3   
A1EDM CAW  C  N N 4   
A1EDM CAX  C  N N 5   
A1EDM NAS  N  N N 6   
A1EDM CAQ  C  N S 7   
A1EDM CAR  C  N N 8   
A1EDM CAP  C  N N 9   
A1EDM NAM  N  Y N 10  
A1EDM CAL  C  Y N 11  
A1EDM CAK  C  Y N 12  
A1EDM CAG  C  Y N 13  
A1EDM CAF  C  Y N 14  
A1EDM CAA  C  Y N 15  
A1EDM CAE  C  Y N 16  
A1EDM CAJ  C  N N 17  
A1EDM NAD  N  Y N 18  
A1EDM OAC  O  Y N 19  
A1EDM CAB  C  Y N 20  
A1EDM CAI  C  Y N 21  
A1EDM CAH  C  Y N 22  
A1EDM NAO  N  Y N 23  
A1EDM CAN  C  Y N 24  
A1EDM CAY  C  N S 25  
A1EDM CAZ  C  N N 26  
A1EDM CBA  C  N N 27  
A1EDM CBB  C  N N 28  
A1EDM CBC  C  N N 29  
A1EDM OBN  O  N N 30  
A1EDM NBD  N  N N 31  
A1EDM CBE  C  Y N 32  
A1EDM CBJ  C  Y N 33  
A1EDM CBI  C  Y N 34  
A1EDM CLBM CL N N 35  
A1EDM CBH  C  Y N 36  
A1EDM OBK  O  N N 37  
A1EDM CBL  C  N N 38  
A1EDM CBG  C  Y N 39  
A1EDM CBF  C  Y N 40  
A1EDM H1   H  N N 41  
A1EDM H2   H  N N 42  
A1EDM H3   H  N N 43  
A1EDM H4   H  N N 44  
A1EDM H5   H  N N 45  
A1EDM H6   H  N N 46  
A1EDM H7   H  N N 47  
A1EDM H8   H  N N 48  
A1EDM H10  H  N N 49  
A1EDM H11  H  N N 50  
A1EDM H12  H  N N 51  
A1EDM H13  H  N N 52  
A1EDM H14  H  N N 53  
A1EDM H15  H  N N 54  
A1EDM H16  H  N N 55  
A1EDM H17  H  N N 56  
A1EDM H18  H  N N 57  
A1EDM H19  H  N N 58  
A1EDM H20  H  N N 59  
A1EDM H21  H  N N 60  
A1EDM H22  H  N N 61  
A1EDM H23  H  N N 62  
A1EDM H24  H  N N 63  
A1EDM H25  H  N N 64  
A1EDM H26  H  N N 65  
A1EDM H27  H  N N 66  
A1EDM H28  H  N N 67  
A1EDM H29  H  N N 68  
A1EDM H30  H  N N 69  
A1EDM H31  H  N N 70  
A1EDM H32  H  N N 71  
A1EDM H33  H  N N 72  
A1EDM H34  H  N N 73  
A1EDM H35  H  N N 74  
ALA   N    N  N N 75  
ALA   CA   C  N S 76  
ALA   C    C  N N 77  
ALA   O    O  N N 78  
ALA   CB   C  N N 79  
ALA   OXT  O  N N 80  
ALA   H    H  N N 81  
ALA   H2   H  N N 82  
ALA   HA   H  N N 83  
ALA   HB1  H  N N 84  
ALA   HB2  H  N N 85  
ALA   HB3  H  N N 86  
ALA   HXT  H  N N 87  
ARG   N    N  N N 88  
ARG   CA   C  N S 89  
ARG   C    C  N N 90  
ARG   O    O  N N 91  
ARG   CB   C  N N 92  
ARG   CG   C  N N 93  
ARG   CD   C  N N 94  
ARG   NE   N  N N 95  
ARG   CZ   C  N N 96  
ARG   NH1  N  N N 97  
ARG   NH2  N  N N 98  
ARG   OXT  O  N N 99  
ARG   H    H  N N 100 
ARG   H2   H  N N 101 
ARG   HA   H  N N 102 
ARG   HB2  H  N N 103 
ARG   HB3  H  N N 104 
ARG   HG2  H  N N 105 
ARG   HG3  H  N N 106 
ARG   HD2  H  N N 107 
ARG   HD3  H  N N 108 
ARG   HE   H  N N 109 
ARG   HH11 H  N N 110 
ARG   HH12 H  N N 111 
ARG   HH21 H  N N 112 
ARG   HH22 H  N N 113 
ARG   HXT  H  N N 114 
ASN   N    N  N N 115 
ASN   CA   C  N S 116 
ASN   C    C  N N 117 
ASN   O    O  N N 118 
ASN   CB   C  N N 119 
ASN   CG   C  N N 120 
ASN   OD1  O  N N 121 
ASN   ND2  N  N N 122 
ASN   OXT  O  N N 123 
ASN   H    H  N N 124 
ASN   H2   H  N N 125 
ASN   HA   H  N N 126 
ASN   HB2  H  N N 127 
ASN   HB3  H  N N 128 
ASN   HD21 H  N N 129 
ASN   HD22 H  N N 130 
ASN   HXT  H  N N 131 
ASP   N    N  N N 132 
ASP   CA   C  N S 133 
ASP   C    C  N N 134 
ASP   O    O  N N 135 
ASP   CB   C  N N 136 
ASP   CG   C  N N 137 
ASP   OD1  O  N N 138 
ASP   OD2  O  N N 139 
ASP   OXT  O  N N 140 
ASP   H    H  N N 141 
ASP   H2   H  N N 142 
ASP   HA   H  N N 143 
ASP   HB2  H  N N 144 
ASP   HB3  H  N N 145 
ASP   HD2  H  N N 146 
ASP   HXT  H  N N 147 
CYS   N    N  N N 148 
CYS   CA   C  N R 149 
CYS   C    C  N N 150 
CYS   O    O  N N 151 
CYS   CB   C  N N 152 
CYS   SG   S  N N 153 
CYS   OXT  O  N N 154 
CYS   H    H  N N 155 
CYS   H2   H  N N 156 
CYS   HA   H  N N 157 
CYS   HB2  H  N N 158 
CYS   HB3  H  N N 159 
CYS   HG   H  N N 160 
CYS   HXT  H  N N 161 
GLN   N    N  N N 162 
GLN   CA   C  N S 163 
GLN   C    C  N N 164 
GLN   O    O  N N 165 
GLN   CB   C  N N 166 
GLN   CG   C  N N 167 
GLN   CD   C  N N 168 
GLN   OE1  O  N N 169 
GLN   NE2  N  N N 170 
GLN   OXT  O  N N 171 
GLN   H    H  N N 172 
GLN   H2   H  N N 173 
GLN   HA   H  N N 174 
GLN   HB2  H  N N 175 
GLN   HB3  H  N N 176 
GLN   HG2  H  N N 177 
GLN   HG3  H  N N 178 
GLN   HE21 H  N N 179 
GLN   HE22 H  N N 180 
GLN   HXT  H  N N 181 
GLU   N    N  N N 182 
GLU   CA   C  N S 183 
GLU   C    C  N N 184 
GLU   O    O  N N 185 
GLU   CB   C  N N 186 
GLU   CG   C  N N 187 
GLU   CD   C  N N 188 
GLU   OE1  O  N N 189 
GLU   OE2  O  N N 190 
GLU   OXT  O  N N 191 
GLU   H    H  N N 192 
GLU   H2   H  N N 193 
GLU   HA   H  N N 194 
GLU   HB2  H  N N 195 
GLU   HB3  H  N N 196 
GLU   HG2  H  N N 197 
GLU   HG3  H  N N 198 
GLU   HE2  H  N N 199 
GLU   HXT  H  N N 200 
GLY   N    N  N N 201 
GLY   CA   C  N N 202 
GLY   C    C  N N 203 
GLY   O    O  N N 204 
GLY   OXT  O  N N 205 
GLY   H    H  N N 206 
GLY   H2   H  N N 207 
GLY   HA2  H  N N 208 
GLY   HA3  H  N N 209 
GLY   HXT  H  N N 210 
HIS   N    N  N N 211 
HIS   CA   C  N S 212 
HIS   C    C  N N 213 
HIS   O    O  N N 214 
HIS   CB   C  N N 215 
HIS   CG   C  Y N 216 
HIS   ND1  N  Y N 217 
HIS   CD2  C  Y N 218 
HIS   CE1  C  Y N 219 
HIS   NE2  N  Y N 220 
HIS   OXT  O  N N 221 
HIS   H    H  N N 222 
HIS   H2   H  N N 223 
HIS   HA   H  N N 224 
HIS   HB2  H  N N 225 
HIS   HB3  H  N N 226 
HIS   HD1  H  N N 227 
HIS   HD2  H  N N 228 
HIS   HE1  H  N N 229 
HIS   HE2  H  N N 230 
HIS   HXT  H  N N 231 
HOH   O    O  N N 232 
HOH   H1   H  N N 233 
HOH   H2   H  N N 234 
ILE   N    N  N N 235 
ILE   CA   C  N S 236 
ILE   C    C  N N 237 
ILE   O    O  N N 238 
ILE   CB   C  N S 239 
ILE   CG1  C  N N 240 
ILE   CG2  C  N N 241 
ILE   CD1  C  N N 242 
ILE   OXT  O  N N 243 
ILE   H    H  N N 244 
ILE   H2   H  N N 245 
ILE   HA   H  N N 246 
ILE   HB   H  N N 247 
ILE   HG12 H  N N 248 
ILE   HG13 H  N N 249 
ILE   HG21 H  N N 250 
ILE   HG22 H  N N 251 
ILE   HG23 H  N N 252 
ILE   HD11 H  N N 253 
ILE   HD12 H  N N 254 
ILE   HD13 H  N N 255 
ILE   HXT  H  N N 256 
LEU   N    N  N N 257 
LEU   CA   C  N S 258 
LEU   C    C  N N 259 
LEU   O    O  N N 260 
LEU   CB   C  N N 261 
LEU   CG   C  N N 262 
LEU   CD1  C  N N 263 
LEU   CD2  C  N N 264 
LEU   OXT  O  N N 265 
LEU   H    H  N N 266 
LEU   H2   H  N N 267 
LEU   HA   H  N N 268 
LEU   HB2  H  N N 269 
LEU   HB3  H  N N 270 
LEU   HG   H  N N 271 
LEU   HD11 H  N N 272 
LEU   HD12 H  N N 273 
LEU   HD13 H  N N 274 
LEU   HD21 H  N N 275 
LEU   HD22 H  N N 276 
LEU   HD23 H  N N 277 
LEU   HXT  H  N N 278 
LYS   N    N  N N 279 
LYS   CA   C  N S 280 
LYS   C    C  N N 281 
LYS   O    O  N N 282 
LYS   CB   C  N N 283 
LYS   CG   C  N N 284 
LYS   CD   C  N N 285 
LYS   CE   C  N N 286 
LYS   NZ   N  N N 287 
LYS   OXT  O  N N 288 
LYS   H    H  N N 289 
LYS   H2   H  N N 290 
LYS   HA   H  N N 291 
LYS   HB2  H  N N 292 
LYS   HB3  H  N N 293 
LYS   HG2  H  N N 294 
LYS   HG3  H  N N 295 
LYS   HD2  H  N N 296 
LYS   HD3  H  N N 297 
LYS   HE2  H  N N 298 
LYS   HE3  H  N N 299 
LYS   HZ1  H  N N 300 
LYS   HZ2  H  N N 301 
LYS   HZ3  H  N N 302 
LYS   HXT  H  N N 303 
MET   N    N  N N 304 
MET   CA   C  N S 305 
MET   C    C  N N 306 
MET   O    O  N N 307 
MET   CB   C  N N 308 
MET   CG   C  N N 309 
MET   SD   S  N N 310 
MET   CE   C  N N 311 
MET   OXT  O  N N 312 
MET   H    H  N N 313 
MET   H2   H  N N 314 
MET   HA   H  N N 315 
MET   HB2  H  N N 316 
MET   HB3  H  N N 317 
MET   HG2  H  N N 318 
MET   HG3  H  N N 319 
MET   HE1  H  N N 320 
MET   HE2  H  N N 321 
MET   HE3  H  N N 322 
MET   HXT  H  N N 323 
PHE   N    N  N N 324 
PHE   CA   C  N S 325 
PHE   C    C  N N 326 
PHE   O    O  N N 327 
PHE   CB   C  N N 328 
PHE   CG   C  Y N 329 
PHE   CD1  C  Y N 330 
PHE   CD2  C  Y N 331 
PHE   CE1  C  Y N 332 
PHE   CE2  C  Y N 333 
PHE   CZ   C  Y N 334 
PHE   OXT  O  N N 335 
PHE   H    H  N N 336 
PHE   H2   H  N N 337 
PHE   HA   H  N N 338 
PHE   HB2  H  N N 339 
PHE   HB3  H  N N 340 
PHE   HD1  H  N N 341 
PHE   HD2  H  N N 342 
PHE   HE1  H  N N 343 
PHE   HE2  H  N N 344 
PHE   HZ   H  N N 345 
PHE   HXT  H  N N 346 
PRO   N    N  N N 347 
PRO   CA   C  N S 348 
PRO   C    C  N N 349 
PRO   O    O  N N 350 
PRO   CB   C  N N 351 
PRO   CG   C  N N 352 
PRO   CD   C  N N 353 
PRO   OXT  O  N N 354 
PRO   H    H  N N 355 
PRO   HA   H  N N 356 
PRO   HB2  H  N N 357 
PRO   HB3  H  N N 358 
PRO   HG2  H  N N 359 
PRO   HG3  H  N N 360 
PRO   HD2  H  N N 361 
PRO   HD3  H  N N 362 
PRO   HXT  H  N N 363 
SER   N    N  N N 364 
SER   CA   C  N S 365 
SER   C    C  N N 366 
SER   O    O  N N 367 
SER   CB   C  N N 368 
SER   OG   O  N N 369 
SER   OXT  O  N N 370 
SER   H    H  N N 371 
SER   H2   H  N N 372 
SER   HA   H  N N 373 
SER   HB2  H  N N 374 
SER   HB3  H  N N 375 
SER   HG   H  N N 376 
SER   HXT  H  N N 377 
THR   N    N  N N 378 
THR   CA   C  N S 379 
THR   C    C  N N 380 
THR   O    O  N N 381 
THR   CB   C  N R 382 
THR   OG1  O  N N 383 
THR   CG2  C  N N 384 
THR   OXT  O  N N 385 
THR   H    H  N N 386 
THR   H2   H  N N 387 
THR   HA   H  N N 388 
THR   HB   H  N N 389 
THR   HG1  H  N N 390 
THR   HG21 H  N N 391 
THR   HG22 H  N N 392 
THR   HG23 H  N N 393 
THR   HXT  H  N N 394 
TRP   N    N  N N 395 
TRP   CA   C  N S 396 
TRP   C    C  N N 397 
TRP   O    O  N N 398 
TRP   CB   C  N N 399 
TRP   CG   C  Y N 400 
TRP   CD1  C  Y N 401 
TRP   CD2  C  Y N 402 
TRP   NE1  N  Y N 403 
TRP   CE2  C  Y N 404 
TRP   CE3  C  Y N 405 
TRP   CZ2  C  Y N 406 
TRP   CZ3  C  Y N 407 
TRP   CH2  C  Y N 408 
TRP   OXT  O  N N 409 
TRP   H    H  N N 410 
TRP   H2   H  N N 411 
TRP   HA   H  N N 412 
TRP   HB2  H  N N 413 
TRP   HB3  H  N N 414 
TRP   HD1  H  N N 415 
TRP   HE1  H  N N 416 
TRP   HE3  H  N N 417 
TRP   HZ2  H  N N 418 
TRP   HZ3  H  N N 419 
TRP   HH2  H  N N 420 
TRP   HXT  H  N N 421 
TYR   N    N  N N 422 
TYR   CA   C  N S 423 
TYR   C    C  N N 424 
TYR   O    O  N N 425 
TYR   CB   C  N N 426 
TYR   CG   C  Y N 427 
TYR   CD1  C  Y N 428 
TYR   CD2  C  Y N 429 
TYR   CE1  C  Y N 430 
TYR   CE2  C  Y N 431 
TYR   CZ   C  Y N 432 
TYR   OH   O  N N 433 
TYR   OXT  O  N N 434 
TYR   H    H  N N 435 
TYR   H2   H  N N 436 
TYR   HA   H  N N 437 
TYR   HB2  H  N N 438 
TYR   HB3  H  N N 439 
TYR   HD1  H  N N 440 
TYR   HD2  H  N N 441 
TYR   HE1  H  N N 442 
TYR   HE2  H  N N 443 
TYR   HH   H  N N 444 
TYR   HXT  H  N N 445 
VAL   N    N  N N 446 
VAL   CA   C  N S 447 
VAL   C    C  N N 448 
VAL   O    O  N N 449 
VAL   CB   C  N N 450 
VAL   CG1  C  N N 451 
VAL   CG2  C  N N 452 
VAL   OXT  O  N N 453 
VAL   H    H  N N 454 
VAL   H2   H  N N 455 
VAL   HA   H  N N 456 
VAL   HB   H  N N 457 
VAL   HG11 H  N N 458 
VAL   HG12 H  N N 459 
VAL   HG13 H  N N 460 
VAL   HG21 H  N N 461 
VAL   HG22 H  N N 462 
VAL   HG23 H  N N 463 
VAL   HXT  H  N N 464 
# 
loop_
_chem_comp_bond.comp_id 
_chem_comp_bond.atom_id_1 
_chem_comp_bond.atom_id_2 
_chem_comp_bond.value_order 
_chem_comp_bond.pdbx_aromatic_flag 
_chem_comp_bond.pdbx_stereo_config 
_chem_comp_bond.pdbx_ordinal 
A1EDM CAU OAV  sing N N 1   
A1EDM CAU CAT  sing N N 2   
A1EDM OAV CAW  sing N N 3   
A1EDM CBG CBF  doub Y N 4   
A1EDM CBG CBH  sing Y N 5   
A1EDM CBF CBE  sing Y N 6   
A1EDM CAT NAS  sing N N 7   
A1EDM CBL OBK  sing N N 8   
A1EDM OBN CBC  doub N N 9   
A1EDM CBB CBC  sing N N 10  
A1EDM CBB CBA  sing N N 11  
A1EDM CBC NBD  sing N N 12  
A1EDM NBD CBE  sing N N 13  
A1EDM NBD CAY  sing N N 14  
A1EDM CBE CBJ  doub Y N 15  
A1EDM NAS CAQ  sing N N 16  
A1EDM NAS CAX  sing N N 17  
A1EDM CBH OBK  sing N N 18  
A1EDM CBH CBI  doub Y N 19  
A1EDM CAZ CAY  sing N N 20  
A1EDM CAZ CBA  sing N N 21  
A1EDM CAW CAX  sing N N 22  
A1EDM CAY CAN  sing N N 23  
A1EDM CAQ CAP  sing N N 24  
A1EDM CAQ CAR  sing N N 25  
A1EDM CBI CBJ  sing Y N 26  
A1EDM CBI CLBM sing N N 27  
A1EDM CAP NAM  sing N N 28  
A1EDM CAN NAM  sing Y N 29  
A1EDM CAN NAO  doub Y N 30  
A1EDM NAM CAL  sing Y N 31  
A1EDM NAO CAK  sing Y N 32  
A1EDM CAL CAK  doub Y N 33  
A1EDM CAK CAG  sing N N 34  
A1EDM CAG CAH  doub Y N 35  
A1EDM CAG CAF  sing Y N 36  
A1EDM CAH CAI  sing Y N 37  
A1EDM CAF CAA  doub Y N 38  
A1EDM CAI CAB  doub Y N 39  
A1EDM CAA CAB  sing Y N 40  
A1EDM CAA CAE  sing Y N 41  
A1EDM CAB OAC  sing Y N 42  
A1EDM CAE CAJ  sing N N 43  
A1EDM CAE NAD  doub Y N 44  
A1EDM OAC NAD  sing Y N 45  
A1EDM CAT H1   sing N N 46  
A1EDM CAT H2   sing N N 47  
A1EDM CAU H3   sing N N 48  
A1EDM CAU H4   sing N N 49  
A1EDM CAW H5   sing N N 50  
A1EDM CAW H6   sing N N 51  
A1EDM CAX H7   sing N N 52  
A1EDM CAX H8   sing N N 53  
A1EDM CAQ H10  sing N N 54  
A1EDM CAR H11  sing N N 55  
A1EDM CAR H12  sing N N 56  
A1EDM CAR H13  sing N N 57  
A1EDM CAP H14  sing N N 58  
A1EDM CAP H15  sing N N 59  
A1EDM CAL H16  sing N N 60  
A1EDM CAF H17  sing N N 61  
A1EDM CAJ H18  sing N N 62  
A1EDM CAJ H19  sing N N 63  
A1EDM CAJ H20  sing N N 64  
A1EDM CAI H21  sing N N 65  
A1EDM CAH H22  sing N N 66  
A1EDM CAY H23  sing N N 67  
A1EDM CAZ H24  sing N N 68  
A1EDM CAZ H25  sing N N 69  
A1EDM CBA H26  sing N N 70  
A1EDM CBA H27  sing N N 71  
A1EDM CBB H28  sing N N 72  
A1EDM CBB H29  sing N N 73  
A1EDM CBJ H30  sing N N 74  
A1EDM CBL H31  sing N N 75  
A1EDM CBL H32  sing N N 76  
A1EDM CBL H33  sing N N 77  
A1EDM CBG H34  sing N N 78  
A1EDM CBF H35  sing N N 79  
ALA   N   CA   sing N N 80  
ALA   N   H    sing N N 81  
ALA   N   H2   sing N N 82  
ALA   CA  C    sing N N 83  
ALA   CA  CB   sing N N 84  
ALA   CA  HA   sing N N 85  
ALA   C   O    doub N N 86  
ALA   C   OXT  sing N N 87  
ALA   CB  HB1  sing N N 88  
ALA   CB  HB2  sing N N 89  
ALA   CB  HB3  sing N N 90  
ALA   OXT HXT  sing N N 91  
ARG   N   CA   sing N N 92  
ARG   N   H    sing N N 93  
ARG   N   H2   sing N N 94  
ARG   CA  C    sing N N 95  
ARG   CA  CB   sing N N 96  
ARG   CA  HA   sing N N 97  
ARG   C   O    doub N N 98  
ARG   C   OXT  sing N N 99  
ARG   CB  CG   sing N N 100 
ARG   CB  HB2  sing N N 101 
ARG   CB  HB3  sing N N 102 
ARG   CG  CD   sing N N 103 
ARG   CG  HG2  sing N N 104 
ARG   CG  HG3  sing N N 105 
ARG   CD  NE   sing N N 106 
ARG   CD  HD2  sing N N 107 
ARG   CD  HD3  sing N N 108 
ARG   NE  CZ   sing N N 109 
ARG   NE  HE   sing N N 110 
ARG   CZ  NH1  sing N N 111 
ARG   CZ  NH2  doub N N 112 
ARG   NH1 HH11 sing N N 113 
ARG   NH1 HH12 sing N N 114 
ARG   NH2 HH21 sing N N 115 
ARG   NH2 HH22 sing N N 116 
ARG   OXT HXT  sing N N 117 
ASN   N   CA   sing N N 118 
ASN   N   H    sing N N 119 
ASN   N   H2   sing N N 120 
ASN   CA  C    sing N N 121 
ASN   CA  CB   sing N N 122 
ASN   CA  HA   sing N N 123 
ASN   C   O    doub N N 124 
ASN   C   OXT  sing N N 125 
ASN   CB  CG   sing N N 126 
ASN   CB  HB2  sing N N 127 
ASN   CB  HB3  sing N N 128 
ASN   CG  OD1  doub N N 129 
ASN   CG  ND2  sing N N 130 
ASN   ND2 HD21 sing N N 131 
ASN   ND2 HD22 sing N N 132 
ASN   OXT HXT  sing N N 133 
ASP   N   CA   sing N N 134 
ASP   N   H    sing N N 135 
ASP   N   H2   sing N N 136 
ASP   CA  C    sing N N 137 
ASP   CA  CB   sing N N 138 
ASP   CA  HA   sing N N 139 
ASP   C   O    doub N N 140 
ASP   C   OXT  sing N N 141 
ASP   CB  CG   sing N N 142 
ASP   CB  HB2  sing N N 143 
ASP   CB  HB3  sing N N 144 
ASP   CG  OD1  doub N N 145 
ASP   CG  OD2  sing N N 146 
ASP   OD2 HD2  sing N N 147 
ASP   OXT HXT  sing N N 148 
CYS   N   CA   sing N N 149 
CYS   N   H    sing N N 150 
CYS   N   H2   sing N N 151 
CYS   CA  C    sing N N 152 
CYS   CA  CB   sing N N 153 
CYS   CA  HA   sing N N 154 
CYS   C   O    doub N N 155 
CYS   C   OXT  sing N N 156 
CYS   CB  SG   sing N N 157 
CYS   CB  HB2  sing N N 158 
CYS   CB  HB3  sing N N 159 
CYS   SG  HG   sing N N 160 
CYS   OXT HXT  sing N N 161 
GLN   N   CA   sing N N 162 
GLN   N   H    sing N N 163 
GLN   N   H2   sing N N 164 
GLN   CA  C    sing N N 165 
GLN   CA  CB   sing N N 166 
GLN   CA  HA   sing N N 167 
GLN   C   O    doub N N 168 
GLN   C   OXT  sing N N 169 
GLN   CB  CG   sing N N 170 
GLN   CB  HB2  sing N N 171 
GLN   CB  HB3  sing N N 172 
GLN   CG  CD   sing N N 173 
GLN   CG  HG2  sing N N 174 
GLN   CG  HG3  sing N N 175 
GLN   CD  OE1  doub N N 176 
GLN   CD  NE2  sing N N 177 
GLN   NE2 HE21 sing N N 178 
GLN   NE2 HE22 sing N N 179 
GLN   OXT HXT  sing N N 180 
GLU   N   CA   sing N N 181 
GLU   N   H    sing N N 182 
GLU   N   H2   sing N N 183 
GLU   CA  C    sing N N 184 
GLU   CA  CB   sing N N 185 
GLU   CA  HA   sing N N 186 
GLU   C   O    doub N N 187 
GLU   C   OXT  sing N N 188 
GLU   CB  CG   sing N N 189 
GLU   CB  HB2  sing N N 190 
GLU   CB  HB3  sing N N 191 
GLU   CG  CD   sing N N 192 
GLU   CG  HG2  sing N N 193 
GLU   CG  HG3  sing N N 194 
GLU   CD  OE1  doub N N 195 
GLU   CD  OE2  sing N N 196 
GLU   OE2 HE2  sing N N 197 
GLU   OXT HXT  sing N N 198 
GLY   N   CA   sing N N 199 
GLY   N   H    sing N N 200 
GLY   N   H2   sing N N 201 
GLY   CA  C    sing N N 202 
GLY   CA  HA2  sing N N 203 
GLY   CA  HA3  sing N N 204 
GLY   C   O    doub N N 205 
GLY   C   OXT  sing N N 206 
GLY   OXT HXT  sing N N 207 
HIS   N   CA   sing N N 208 
HIS   N   H    sing N N 209 
HIS   N   H2   sing N N 210 
HIS   CA  C    sing N N 211 
HIS   CA  CB   sing N N 212 
HIS   CA  HA   sing N N 213 
HIS   C   O    doub N N 214 
HIS   C   OXT  sing N N 215 
HIS   CB  CG   sing N N 216 
HIS   CB  HB2  sing N N 217 
HIS   CB  HB3  sing N N 218 
HIS   CG  ND1  sing Y N 219 
HIS   CG  CD2  doub Y N 220 
HIS   ND1 CE1  doub Y N 221 
HIS   ND1 HD1  sing N N 222 
HIS   CD2 NE2  sing Y N 223 
HIS   CD2 HD2  sing N N 224 
HIS   CE1 NE2  sing Y N 225 
HIS   CE1 HE1  sing N N 226 
HIS   NE2 HE2  sing N N 227 
HIS   OXT HXT  sing N N 228 
HOH   O   H1   sing N N 229 
HOH   O   H2   sing N N 230 
ILE   N   CA   sing N N 231 
ILE   N   H    sing N N 232 
ILE   N   H2   sing N N 233 
ILE   CA  C    sing N N 234 
ILE   CA  CB   sing N N 235 
ILE   CA  HA   sing N N 236 
ILE   C   O    doub N N 237 
ILE   C   OXT  sing N N 238 
ILE   CB  CG1  sing N N 239 
ILE   CB  CG2  sing N N 240 
ILE   CB  HB   sing N N 241 
ILE   CG1 CD1  sing N N 242 
ILE   CG1 HG12 sing N N 243 
ILE   CG1 HG13 sing N N 244 
ILE   CG2 HG21 sing N N 245 
ILE   CG2 HG22 sing N N 246 
ILE   CG2 HG23 sing N N 247 
ILE   CD1 HD11 sing N N 248 
ILE   CD1 HD12 sing N N 249 
ILE   CD1 HD13 sing N N 250 
ILE   OXT HXT  sing N N 251 
LEU   N   CA   sing N N 252 
LEU   N   H    sing N N 253 
LEU   N   H2   sing N N 254 
LEU   CA  C    sing N N 255 
LEU   CA  CB   sing N N 256 
LEU   CA  HA   sing N N 257 
LEU   C   O    doub N N 258 
LEU   C   OXT  sing N N 259 
LEU   CB  CG   sing N N 260 
LEU   CB  HB2  sing N N 261 
LEU   CB  HB3  sing N N 262 
LEU   CG  CD1  sing N N 263 
LEU   CG  CD2  sing N N 264 
LEU   CG  HG   sing N N 265 
LEU   CD1 HD11 sing N N 266 
LEU   CD1 HD12 sing N N 267 
LEU   CD1 HD13 sing N N 268 
LEU   CD2 HD21 sing N N 269 
LEU   CD2 HD22 sing N N 270 
LEU   CD2 HD23 sing N N 271 
LEU   OXT HXT  sing N N 272 
LYS   N   CA   sing N N 273 
LYS   N   H    sing N N 274 
LYS   N   H2   sing N N 275 
LYS   CA  C    sing N N 276 
LYS   CA  CB   sing N N 277 
LYS   CA  HA   sing N N 278 
LYS   C   O    doub N N 279 
LYS   C   OXT  sing N N 280 
LYS   CB  CG   sing N N 281 
LYS   CB  HB2  sing N N 282 
LYS   CB  HB3  sing N N 283 
LYS   CG  CD   sing N N 284 
LYS   CG  HG2  sing N N 285 
LYS   CG  HG3  sing N N 286 
LYS   CD  CE   sing N N 287 
LYS   CD  HD2  sing N N 288 
LYS   CD  HD3  sing N N 289 
LYS   CE  NZ   sing N N 290 
LYS   CE  HE2  sing N N 291 
LYS   CE  HE3  sing N N 292 
LYS   NZ  HZ1  sing N N 293 
LYS   NZ  HZ2  sing N N 294 
LYS   NZ  HZ3  sing N N 295 
LYS   OXT HXT  sing N N 296 
MET   N   CA   sing N N 297 
MET   N   H    sing N N 298 
MET   N   H2   sing N N 299 
MET   CA  C    sing N N 300 
MET   CA  CB   sing N N 301 
MET   CA  HA   sing N N 302 
MET   C   O    doub N N 303 
MET   C   OXT  sing N N 304 
MET   CB  CG   sing N N 305 
MET   CB  HB2  sing N N 306 
MET   CB  HB3  sing N N 307 
MET   CG  SD   sing N N 308 
MET   CG  HG2  sing N N 309 
MET   CG  HG3  sing N N 310 
MET   SD  CE   sing N N 311 
MET   CE  HE1  sing N N 312 
MET   CE  HE2  sing N N 313 
MET   CE  HE3  sing N N 314 
MET   OXT HXT  sing N N 315 
PHE   N   CA   sing N N 316 
PHE   N   H    sing N N 317 
PHE   N   H2   sing N N 318 
PHE   CA  C    sing N N 319 
PHE   CA  CB   sing N N 320 
PHE   CA  HA   sing N N 321 
PHE   C   O    doub N N 322 
PHE   C   OXT  sing N N 323 
PHE   CB  CG   sing N N 324 
PHE   CB  HB2  sing N N 325 
PHE   CB  HB3  sing N N 326 
PHE   CG  CD1  doub Y N 327 
PHE   CG  CD2  sing Y N 328 
PHE   CD1 CE1  sing Y N 329 
PHE   CD1 HD1  sing N N 330 
PHE   CD2 CE2  doub Y N 331 
PHE   CD2 HD2  sing N N 332 
PHE   CE1 CZ   doub Y N 333 
PHE   CE1 HE1  sing N N 334 
PHE   CE2 CZ   sing Y N 335 
PHE   CE2 HE2  sing N N 336 
PHE   CZ  HZ   sing N N 337 
PHE   OXT HXT  sing N N 338 
PRO   N   CA   sing N N 339 
PRO   N   CD   sing N N 340 
PRO   N   H    sing N N 341 
PRO   CA  C    sing N N 342 
PRO   CA  CB   sing N N 343 
PRO   CA  HA   sing N N 344 
PRO   C   O    doub N N 345 
PRO   C   OXT  sing N N 346 
PRO   CB  CG   sing N N 347 
PRO   CB  HB2  sing N N 348 
PRO   CB  HB3  sing N N 349 
PRO   CG  CD   sing N N 350 
PRO   CG  HG2  sing N N 351 
PRO   CG  HG3  sing N N 352 
PRO   CD  HD2  sing N N 353 
PRO   CD  HD3  sing N N 354 
PRO   OXT HXT  sing N N 355 
SER   N   CA   sing N N 356 
SER   N   H    sing N N 357 
SER   N   H2   sing N N 358 
SER   CA  C    sing N N 359 
SER   CA  CB   sing N N 360 
SER   CA  HA   sing N N 361 
SER   C   O    doub N N 362 
SER   C   OXT  sing N N 363 
SER   CB  OG   sing N N 364 
SER   CB  HB2  sing N N 365 
SER   CB  HB3  sing N N 366 
SER   OG  HG   sing N N 367 
SER   OXT HXT  sing N N 368 
THR   N   CA   sing N N 369 
THR   N   H    sing N N 370 
THR   N   H2   sing N N 371 
THR   CA  C    sing N N 372 
THR   CA  CB   sing N N 373 
THR   CA  HA   sing N N 374 
THR   C   O    doub N N 375 
THR   C   OXT  sing N N 376 
THR   CB  OG1  sing N N 377 
THR   CB  CG2  sing N N 378 
THR   CB  HB   sing N N 379 
THR   OG1 HG1  sing N N 380 
THR   CG2 HG21 sing N N 381 
THR   CG2 HG22 sing N N 382 
THR   CG2 HG23 sing N N 383 
THR   OXT HXT  sing N N 384 
TRP   N   CA   sing N N 385 
TRP   N   H    sing N N 386 
TRP   N   H2   sing N N 387 
TRP   CA  C    sing N N 388 
TRP   CA  CB   sing N N 389 
TRP   CA  HA   sing N N 390 
TRP   C   O    doub N N 391 
TRP   C   OXT  sing N N 392 
TRP   CB  CG   sing N N 393 
TRP   CB  HB2  sing N N 394 
TRP   CB  HB3  sing N N 395 
TRP   CG  CD1  doub Y N 396 
TRP   CG  CD2  sing Y N 397 
TRP   CD1 NE1  sing Y N 398 
TRP   CD1 HD1  sing N N 399 
TRP   CD2 CE2  doub Y N 400 
TRP   CD2 CE3  sing Y N 401 
TRP   NE1 CE2  sing Y N 402 
TRP   NE1 HE1  sing N N 403 
TRP   CE2 CZ2  sing Y N 404 
TRP   CE3 CZ3  doub Y N 405 
TRP   CE3 HE3  sing N N 406 
TRP   CZ2 CH2  doub Y N 407 
TRP   CZ2 HZ2  sing N N 408 
TRP   CZ3 CH2  sing Y N 409 
TRP   CZ3 HZ3  sing N N 410 
TRP   CH2 HH2  sing N N 411 
TRP   OXT HXT  sing N N 412 
TYR   N   CA   sing N N 413 
TYR   N   H    sing N N 414 
TYR   N   H2   sing N N 415 
TYR   CA  C    sing N N 416 
TYR   CA  CB   sing N N 417 
TYR   CA  HA   sing N N 418 
TYR   C   O    doub N N 419 
TYR   C   OXT  sing N N 420 
TYR   CB  CG   sing N N 421 
TYR   CB  HB2  sing N N 422 
TYR   CB  HB3  sing N N 423 
TYR   CG  CD1  doub Y N 424 
TYR   CG  CD2  sing Y N 425 
TYR   CD1 CE1  sing Y N 426 
TYR   CD1 HD1  sing N N 427 
TYR   CD2 CE2  doub Y N 428 
TYR   CD2 HD2  sing N N 429 
TYR   CE1 CZ   doub Y N 430 
TYR   CE1 HE1  sing N N 431 
TYR   CE2 CZ   sing Y N 432 
TYR   CE2 HE2  sing N N 433 
TYR   CZ  OH   sing N N 434 
TYR   OH  HH   sing N N 435 
TYR   OXT HXT  sing N N 436 
VAL   N   CA   sing N N 437 
VAL   N   H    sing N N 438 
VAL   N   H2   sing N N 439 
VAL   CA  C    sing N N 440 
VAL   CA  CB   sing N N 441 
VAL   CA  HA   sing N N 442 
VAL   C   O    doub N N 443 
VAL   C   OXT  sing N N 444 
VAL   CB  CG1  sing N N 445 
VAL   CB  CG2  sing N N 446 
VAL   CB  HB   sing N N 447 
VAL   CG1 HG11 sing N N 448 
VAL   CG1 HG12 sing N N 449 
VAL   CG1 HG13 sing N N 450 
VAL   CG2 HG21 sing N N 451 
VAL   CG2 HG22 sing N N 452 
VAL   CG2 HG23 sing N N 453 
VAL   OXT HXT  sing N N 454 
# 
_pdbx_audit_support.funding_organization   'Ministry of Science and Technology (MoST, China)' 
_pdbx_audit_support.country                China 
_pdbx_audit_support.grant_number           2022YFE0210600 
_pdbx_audit_support.ordinal                1 
# 
_pdbx_initial_refinement_model.id               1 
_pdbx_initial_refinement_model.entity_id_list   ? 
_pdbx_initial_refinement_model.type             'experimental model' 
_pdbx_initial_refinement_model.source_name      PDB 
_pdbx_initial_refinement_model.accession_code   7UGI 
_pdbx_initial_refinement_model.details          ? 
# 
_atom_sites.entry_id                    9JUT 
_atom_sites.Cartn_transf_matrix[1][1]   ? 
_atom_sites.Cartn_transf_matrix[1][2]   ? 
_atom_sites.Cartn_transf_matrix[1][3]   ? 
_atom_sites.Cartn_transf_matrix[2][1]   ? 
_atom_sites.Cartn_transf_matrix[2][2]   ? 
_atom_sites.Cartn_transf_matrix[2][3]   ? 
_atom_sites.Cartn_transf_matrix[3][1]   ? 
_atom_sites.Cartn_transf_matrix[3][2]   ? 
_atom_sites.Cartn_transf_matrix[3][3]   ? 
_atom_sites.Cartn_transf_vector[1]      ? 
_atom_sites.Cartn_transf_vector[2]      ? 
_atom_sites.Cartn_transf_vector[3]      ? 
_atom_sites.Cartn_transform_axes        ? 
_atom_sites.fract_transf_matrix[1][1]   0.01773509 
_atom_sites.fract_transf_matrix[1][2]   -0.00608440 
_atom_sites.fract_transf_matrix[1][3]   -0.00870983 
_atom_sites.fract_transf_matrix[2][1]   -0.00323405 
_atom_sites.fract_transf_matrix[2][2]   -0.01679652 
_atom_sites.fract_transf_matrix[2][3]   0.00514828 
_atom_sites.fract_transf_matrix[3][1]   -0.00421418 
_atom_sites.fract_transf_matrix[3][2]   -0.00149799 
_atom_sites.fract_transf_matrix[3][3]   -0.00753454 
_atom_sites.fract_transf_vector[1]      0.127461 
_atom_sites.fract_transf_vector[2]      0.196514 
_atom_sites.fract_transf_vector[3]      0.144485 
_atom_sites.solution_primary            ? 
_atom_sites.solution_secondary          ? 
_atom_sites.solution_hydrogens          ? 
_atom_sites.special_details             ? 
# 
loop_
_atom_type.symbol 
C  
CL 
N  
O  
S  
# 
loop_
_atom_site.group_PDB 
_atom_site.id 
_atom_site.type_symbol 
_atom_site.label_atom_id 
_atom_site.label_alt_id 
_atom_site.label_comp_id 
_atom_site.label_asym_id 
_atom_site.label_entity_id 
_atom_site.label_seq_id 
_atom_site.pdbx_PDB_ins_code 
_atom_site.Cartn_x 
_atom_site.Cartn_y 
_atom_site.Cartn_z 
_atom_site.occupancy 
_atom_site.B_iso_or_equiv 
_atom_site.pdbx_formal_charge 
_atom_site.auth_seq_id 
_atom_site.auth_comp_id 
_atom_site.auth_asym_id 
_atom_site.auth_atom_id 
_atom_site.pdbx_PDB_model_num 
ATOM   1    N  N    . LYS   A 1 25  ? -15.870 -9.267  -14.149 1.00 37.78 ? 1045 LYS   A N    1 
ATOM   2    C  CA   . LYS   A 1 25  ? -17.363 -9.026  -14.227 1.00 36.38 ? 1045 LYS   A CA   1 
ATOM   3    C  C    . LYS   A 1 25  ? -17.769 -7.877  -13.305 1.00 30.94 ? 1045 LYS   A C    1 
ATOM   4    O  O    . LYS   A 1 25  ? -17.283 -7.853  -12.171 1.00 30.81 ? 1045 LYS   A O    1 
ATOM   5    C  CB   . LYS   A 1 25  ? -18.168 -10.227 -13.744 1.00 35.77 ? 1045 LYS   A CB   1 
ATOM   6    C  CG   . LYS   A 1 25  ? -18.366 -11.348 -14.752 1.00 36.79 ? 1045 LYS   A CG   1 
ATOM   7    C  CD   . LYS   A 1 25  ? -19.242 -12.417 -14.159 1.00 33.05 ? 1045 LYS   A CD   1 
ATOM   8    C  CE   . LYS   A 1 25  ? -19.924 -13.249 -15.209 1.00 32.17 ? 1045 LYS   A CE   1 
ATOM   9    N  NZ   . LYS   A 1 25  ? -21.147 -13.864 -14.669 1.00 28.06 ? 1045 LYS   A NZ   1 
ATOM   10   N  N    . LYS   A 1 26  ? -18.727 -7.055  -13.733 1.00 28.43 ? 1046 LYS   A N    1 
ATOM   11   C  CA   . LYS   A 1 26  ? -19.215 -5.904  -12.934 1.00 25.96 ? 1046 LYS   A CA   1 
ATOM   12   C  C    . LYS   A 1 26  ? -19.825 -6.421  -11.638 1.00 23.05 ? 1046 LYS   A C    1 
ATOM   13   O  O    . LYS   A 1 26  ? -20.551 -7.429  -11.648 1.00 19.74 ? 1046 LYS   A O    1 
ATOM   14   C  CB   . LYS   A 1 26  ? -20.231 -5.057  -13.693 1.00 26.37 ? 1046 LYS   A CB   1 
ATOM   15   C  CG   . LYS   A 1 26  ? -19.653 -4.249  -14.841 1.00 30.92 ? 1046 LYS   A CG   1 
ATOM   16   C  CD   . LYS   A 1 26  ? -20.270 -2.876  -14.940 1.00 34.36 ? 1046 LYS   A CD   1 
ATOM   17   C  CE   . LYS   A 1 26  ? -19.676 -2.065  -16.070 1.00 37.39 ? 1046 LYS   A CE   1 
ATOM   18   N  NZ   . LYS   A 1 26  ? -19.963 -2.705  -17.372 1.00 36.43 ? 1046 LYS   A NZ   1 
ATOM   19   N  N    . LYS   A 1 27  ? -19.525 -5.731  -10.555 1.00 21.22 ? 1047 LYS   A N    1 
ATOM   20   C  CA   . LYS   A 1 27  ? -20.186 -5.936  -9.258  1.00 21.28 ? 1047 LYS   A CA   1 
ATOM   21   C  C    . LYS   A 1 27  ? -20.153 -4.595  -8.538  1.00 21.38 ? 1047 LYS   A C    1 
ATOM   22   O  O    . LYS   A 1 27  ? -19.096 -3.936  -8.599  1.00 18.68 ? 1047 LYS   A O    1 
ATOM   23   C  CB   . LYS   A 1 27  ? -19.466 -7.025  -8.465  1.00 22.59 ? 1047 LYS   A CB   1 
ATOM   24   C  CG   . LYS   A 1 27  ? -20.072 -7.277  -7.092  1.00 24.95 ? 1047 LYS   A CG   1 
ATOM   25   C  CD   . LYS   A 1 27  ? -19.768 -8.642  -6.595  1.00 28.33 ? 1047 LYS   A CD   1 
ATOM   26   C  CE   . LYS   A 1 27  ? -20.278 -8.870  -5.199  1.00 33.22 ? 1047 LYS   A CE   1 
ATOM   27   N  NZ   . LYS   A 1 27  ? -19.531 -9.993  -4.571  1.00 41.10 ? 1047 LYS   A NZ   1 
ATOM   28   N  N    . ILE   A 1 28  ? -21.265 -4.183  -7.929  1.00 18.50 ? 1048 ILE   A N    1 
ATOM   29   C  CA   . ILE   A 1 28  ? -21.277 -2.952  -7.103  1.00 19.91 ? 1048 ILE   A CA   1 
ATOM   30   C  C    . ILE   A 1 28  ? -20.985 -3.393  -5.676  1.00 22.11 ? 1048 ILE   A C    1 
ATOM   31   O  O    . ILE   A 1 28  ? -21.618 -4.350  -5.227  1.00 21.59 ? 1048 ILE   A O    1 
ATOM   32   C  CB   . ILE   A 1 28  ? -22.595 -2.195  -7.221  1.00 21.09 ? 1048 ILE   A CB   1 
ATOM   33   C  CG1  . ILE   A 1 28  ? -22.829 -1.739  -8.655  1.00 20.80 ? 1048 ILE   A CG1  1 
ATOM   34   C  CG2  . ILE   A 1 28  ? -22.644 -1.033  -6.242  1.00 20.95 ? 1048 ILE   A CG2  1 
ATOM   35   C  CD1  . ILE   A 1 28  ? -24.237 -1.311  -8.907  1.00 21.46 ? 1048 ILE   A CD1  1 
ATOM   36   N  N    . PHE   A 1 29  ? -20.001 -2.769  -5.034  1.00 22.07 ? 1049 PHE   A N    1 
ATOM   37   C  CA   . PHE   A 1 29  ? -19.617 -3.053  -3.626  1.00 25.26 ? 1049 PHE   A CA   1 
ATOM   38   C  C    . PHE   A 1 29  ? -20.130 -1.912  -2.738  1.00 25.87 ? 1049 PHE   A C    1 
ATOM   39   O  O    . PHE   A 1 29  ? -20.123 -0.776  -3.183  1.00 27.29 ? 1049 PHE   A O    1 
ATOM   40   C  CB   . PHE   A 1 29  ? -18.101 -3.212  -3.539  1.00 23.19 ? 1049 PHE   A CB   1 
ATOM   41   C  CG   . PHE   A 1 29  ? -17.553 -4.430  -4.237  1.00 22.24 ? 1049 PHE   A CG   1 
ATOM   42   C  CD1  . PHE   A 1 29  ? -17.446 -5.636  -3.561  1.00 22.47 ? 1049 PHE   A CD1  1 
ATOM   43   C  CD2  . PHE   A 1 29  ? -17.100 -4.359  -5.533  1.00 21.25 ? 1049 PHE   A CD2  1 
ATOM   44   C  CE1  . PHE   A 1 29  ? -16.923 -6.749  -4.190  1.00 21.99 ? 1049 PHE   A CE1  1 
ATOM   45   C  CE2  . PHE   A 1 29  ? -16.599 -5.479  -6.174  1.00 22.86 ? 1049 PHE   A CE2  1 
ATOM   46   C  CZ   . PHE   A 1 29  ? -16.487 -6.665  -5.491  1.00 22.95 ? 1049 PHE   A CZ   1 
ATOM   47   N  N    . LYS   A 1 30  ? -20.588 -2.217  -1.532  1.00 30.54 ? 1050 LYS   A N    1 
ATOM   48   C  CA   . LYS   A 1 30  ? -20.822 -1.204  -0.468  1.00 34.44 ? 1050 LYS   A CA   1 
ATOM   49   C  C    . LYS   A 1 30  ? -19.451 -0.876  0.128   1.00 31.58 ? 1050 LYS   A C    1 
ATOM   50   O  O    . LYS   A 1 30  ? -18.666 -1.790  0.366   1.00 26.94 ? 1050 LYS   A O    1 
ATOM   51   C  CB   . LYS   A 1 30  ? -21.800 -1.724  0.588   1.00 38.20 ? 1050 LYS   A CB   1 
ATOM   52   C  CG   . LYS   A 1 30  ? -22.984 -2.546  0.086   1.00 43.67 ? 1050 LYS   A CG   1 
ATOM   53   C  CD   . LYS   A 1 30  ? -22.830 -4.065  0.236   1.00 47.56 ? 1050 LYS   A CD   1 
ATOM   54   C  CE   . LYS   A 1 30  ? -22.254 -4.786  -0.977  1.00 48.99 ? 1050 LYS   A CE   1 
ATOM   55   N  NZ   . LYS   A 1 30  ? -20.805 -5.106  -0.844  1.00 42.59 ? 1050 LYS   A NZ   1 
ATOM   56   N  N    . PRO   A 1 31  ? -19.082 0.415   0.296   1.00 31.74 ? 1051 PRO   A N    1 
ATOM   57   C  CA   . PRO   A 1 31  ? -17.796 0.781   0.900   1.00 36.20 ? 1051 PRO   A CA   1 
ATOM   58   C  C    . PRO   A 1 31  ? -17.525 0.078   2.235   1.00 35.06 ? 1051 PRO   A C    1 
ATOM   59   O  O    . PRO   A 1 31  ? -16.428 -0.385  2.423   1.00 33.70 ? 1051 PRO   A O    1 
ATOM   60   C  CB   . PRO   A 1 31  ? -17.915 2.301   1.084   1.00 36.16 ? 1051 PRO   A CB   1 
ATOM   61   C  CG   . PRO   A 1 31  ? -18.784 2.713   -0.074  1.00 36.21 ? 1051 PRO   A CG   1 
ATOM   62   C  CD   . PRO   A 1 31  ? -19.804 1.594   -0.204  1.00 35.73 ? 1051 PRO   A CD   1 
ATOM   63   N  N    . GLU   A 1 32  ? -18.550 -0.027  3.084   1.00 39.51 ? 1052 GLU   A N    1 
ATOM   64   C  CA   . GLU   A 1 32  ? -18.502 -0.686  4.417   1.00 40.22 ? 1052 GLU   A CA   1 
ATOM   65   C  C    . GLU   A 1 32  ? -18.037 -2.135  4.253   1.00 38.12 ? 1052 GLU   A C    1 
ATOM   66   O  O    . GLU   A 1 32  ? -17.234 -2.571  5.079   1.00 35.45 ? 1052 GLU   A O    1 
ATOM   67   C  CB   . GLU   A 1 32  ? -19.858 -0.636  5.131   1.00 47.88 ? 1052 GLU   A CB   1 
ATOM   68   C  CG   . GLU   A 1 32  ? -20.656 0.634   4.859   1.00 52.83 ? 1052 GLU   A CG   1 
ATOM   69   C  CD   . GLU   A 1 32  ? -21.313 0.681   3.483   1.00 53.39 ? 1052 GLU   A CD   1 
ATOM   70   O  OE1  . GLU   A 1 32  ? -21.189 1.713   2.785   1.00 54.29 ? 1052 GLU   A OE1  1 
ATOM   71   O  OE2  . GLU   A 1 32  ? -21.930 -0.325  3.108   1.00 57.58 ? 1052 GLU   A OE2  1 
ATOM   72   N  N    . GLU   A 1 33  ? -18.486 -2.853  3.218   1.00 35.85 ? 1053 GLU   A N    1 
ATOM   73   C  CA   . GLU   A 1 33  ? -18.065 -4.268  2.996   1.00 35.67 ? 1053 GLU   A CA   1 
ATOM   74   C  C    . GLU   A 1 33  ? -16.651 -4.332  2.403   1.00 32.58 ? 1053 GLU   A C    1 
ATOM   75   O  O    . GLU   A 1 33  ? -15.918 -5.295  2.718   1.00 34.04 ? 1053 GLU   A O    1 
ATOM   76   C  CB   . GLU   A 1 33  ? -19.051 -5.027  2.102   1.00 42.51 ? 1053 GLU   A CB   1 
ATOM   77   C  CG   . GLU   A 1 33  ? -19.961 -5.997  2.864   1.00 49.87 ? 1053 GLU   A CG   1 
ATOM   78   C  CD   . GLU   A 1 33  ? -21.374 -5.502  3.158   1.00 59.07 ? 1053 GLU   A CD   1 
ATOM   79   O  OE1  . GLU   A 1 33  ? -21.514 -4.510  3.915   1.00 62.99 ? 1053 GLU   A OE1  1 
ATOM   80   O  OE2  . GLU   A 1 33  ? -22.343 -6.100  2.618   1.00 61.12 ? 1053 GLU   A OE2  1 
ATOM   81   N  N    . LEU   A 1 34  ? -16.272 -3.388  1.540   1.00 28.55 ? 1054 LEU   A N    1 
ATOM   82   C  CA   . LEU   A 1 34  ? -14.868 -3.277  1.081   1.00 29.67 ? 1054 LEU   A CA   1 
ATOM   83   C  C    . LEU   A 1 34  ? -13.983 -3.085  2.308   1.00 27.53 ? 1054 LEU   A C    1 
ATOM   84   O  O    . LEU   A 1 34  ? -13.079 -3.900  2.509   1.00 26.02 ? 1054 LEU   A O    1 
ATOM   85   C  CB   . LEU   A 1 34  ? -14.701 -2.102  0.117   1.00 29.56 ? 1054 LEU   A CB   1 
ATOM   86   C  CG   . LEU   A 1 34  ? -15.122 -2.390  -1.308  1.00 30.20 ? 1054 LEU   A CG   1 
ATOM   87   C  CD1  . LEU   A 1 34  ? -14.811 -1.195  -2.200  1.00 32.58 ? 1054 LEU   A CD1  1 
ATOM   88   C  CD2  . LEU   A 1 34  ? -14.460 -3.654  -1.815  1.00 30.78 ? 1054 LEU   A CD2  1 
ATOM   89   N  N    . ARG   A 1 35  ? -14.270 -2.040  3.088   1.00 29.62 ? 1055 ARG   A N    1 
ATOM   90   C  CA   . ARG   A 1 35  ? -13.501 -1.661  4.297   1.00 29.67 ? 1055 ARG   A CA   1 
ATOM   91   C  C    . ARG   A 1 35  ? -13.278 -2.933  5.110   1.00 28.38 ? 1055 ARG   A C    1 
ATOM   92   O  O    . ARG   A 1 35  ? -12.131 -3.253  5.391   1.00 24.39 ? 1055 ARG   A O    1 
ATOM   93   C  CB   . ARG   A 1 35  ? -14.233 -0.570  5.086   1.00 32.22 ? 1055 ARG   A CB   1 
ATOM   94   C  CG   . ARG   A 1 35  ? -13.340 0.288   5.967   1.00 37.76 ? 1055 ARG   A CG   1 
ATOM   95   C  CD   . ARG   A 1 35  ? -14.038 0.744   7.239   1.00 43.05 ? 1055 ARG   A CD   1 
ATOM   96   N  NE   . ARG   A 1 35  ? -13.204 1.590   8.098   1.00 47.40 ? 1055 ARG   A NE   1 
ATOM   97   C  CZ   . ARG   A 1 35  ? -12.497 1.198   9.175   1.00 50.14 ? 1055 ARG   A CZ   1 
ATOM   98   N  NH1  . ARG   A 1 35  ? -11.797 2.091   9.856   1.00 52.36 ? 1055 ARG   A NH1  1 
ATOM   99   N  NH2  . ARG   A 1 35  ? -12.463 -0.063  9.572   1.00 50.46 ? 1055 ARG   A NH2  1 
ATOM   100  N  N    . GLN   A 1 36  ? -14.344 -3.642  5.465   1.00 31.06 ? 1056 GLN   A N    1 
ATOM   101  C  CA   . GLN   A 1 36  ? -14.250 -4.777  6.418   1.00 34.11 ? 1056 GLN   A CA   1 
ATOM   102  C  C    . GLN   A 1 36  ? -13.464 -5.917  5.763   1.00 30.52 ? 1056 GLN   A C    1 
ATOM   103  O  O    . GLN   A 1 36  ? -12.719 -6.585  6.472   1.00 35.20 ? 1056 GLN   A O    1 
ATOM   104  C  CB   . GLN   A 1 36  ? -15.626 -5.187  6.953   1.00 38.09 ? 1056 GLN   A CB   1 
ATOM   105  C  CG   . GLN   A 1 36  ? -16.550 -5.767  5.903   1.00 47.02 ? 1056 GLN   A CG   1 
ATOM   106  C  CD   . GLN   A 1 36  ? -16.708 -7.269  5.985   1.00 56.90 ? 1056 GLN   A CD   1 
ATOM   107  O  OE1  . GLN   A 1 36  ? -17.829 -7.782  6.017   1.00 62.68 ? 1056 GLN   A OE1  1 
ATOM   108  N  NE2  . GLN   A 1 36  ? -15.591 -7.982  6.014   1.00 55.12 ? 1056 GLN   A NE2  1 
ATOM   109  N  N    . ALA   A 1 37  ? -13.593 -6.140  4.462   1.00 28.41 ? 1057 ALA   A N    1 
ATOM   110  C  CA   . ALA   A 1 37  ? -12.819 -7.209  3.787   1.00 29.05 ? 1057 ALA   A CA   1 
ATOM   111  C  C    . ALA   A 1 37  ? -11.348 -6.773  3.638   1.00 26.68 ? 1057 ALA   A C    1 
ATOM   112  O  O    . ALA   A 1 37  ? -10.469 -7.636  3.772   1.00 24.58 ? 1057 ALA   A O    1 
ATOM   113  C  CB   . ALA   A 1 37  ? -13.440 -7.571  2.452   1.00 27.99 ? 1057 ALA   A CB   1 
ATOM   114  N  N    . LEU   A 1 38  ? -11.067 -5.501  3.329   1.00 25.70 ? 1058 LEU   A N    1 
ATOM   115  C  CA   . LEU   A 1 38  ? -9.693  -5.113  2.879   1.00 24.98 ? 1058 LEU   A CA   1 
ATOM   116  C  C    . LEU   A 1 38  ? -8.847  -4.622  4.068   1.00 25.01 ? 1058 LEU   A C    1 
ATOM   117  O  O    . LEU   A 1 38  ? -7.633  -4.877  4.047   1.00 23.88 ? 1058 LEU   A O    1 
ATOM   118  C  CB   . LEU   A 1 38  ? -9.774  -4.071  1.765   1.00 22.58 ? 1058 LEU   A CB   1 
ATOM   119  C  CG   . LEU   A 1 38  ? -10.474 -4.518  0.484   1.00 21.53 ? 1058 LEU   A CG   1 
ATOM   120  C  CD1  . LEU   A 1 38  ? -10.651 -3.357  -0.473  1.00 20.53 ? 1058 LEU   A CD1  1 
ATOM   121  C  CD2  . LEU   A 1 38  ? -9.744  -5.648  -0.206  1.00 23.00 ? 1058 LEU   A CD2  1 
ATOM   122  N  N    . MET   A 1 39  ? -9.449  -3.965  5.065   1.00 27.15 ? 1059 MET   A N    1 
ATOM   123  C  CA   . MET   A 1 39  ? -8.749  -3.446  6.282   1.00 29.34 ? 1059 MET   A CA   1 
ATOM   124  C  C    . MET   A 1 39  ? -7.786  -4.481  6.848   1.00 28.68 ? 1059 MET   A C    1 
ATOM   125  O  O    . MET   A 1 39  ? -6.677  -4.128  7.232   1.00 27.53 ? 1059 MET   A O    1 
ATOM   126  C  CB   . MET   A 1 39  ? -9.695  -3.059  7.427   1.00 31.53 ? 1059 MET   A CB   1 
ATOM   127  C  CG   . MET   A 1 39  ? -9.735  -1.586  7.757   1.00 35.30 ? 1059 MET   A CG   1 
ATOM   128  S  SD   . MET   A 1 39  ? -8.214  -0.574  7.506   1.00 39.16 ? 1059 MET   A SD   1 
ATOM   129  C  CE   . MET   A 1 39  ? -9.023  1.004   7.241   1.00 39.71 ? 1059 MET   A CE   1 
ATOM   130  N  N    . PRO   A 1 40  ? -8.214  -5.739  7.076   1.00 30.07 ? 1060 PRO   A N    1 
ATOM   131  C  CA   . PRO   A 1 40  ? -7.295  -6.753  7.586   1.00 29.40 ? 1060 PRO   A CA   1 
ATOM   132  C  C    . PRO   A 1 40  ? -5.994  -6.951  6.791   1.00 28.85 ? 1060 PRO   A C    1 
ATOM   133  O  O    . PRO   A 1 40  ? -4.997  -7.239  7.401   1.00 28.39 ? 1060 PRO   A O    1 
ATOM   134  C  CB   . PRO   A 1 40  ? -8.167  -8.024  7.559   1.00 32.03 ? 1060 PRO   A CB   1 
ATOM   135  C  CG   . PRO   A 1 40  ? -9.568  -7.496  7.848   1.00 31.00 ? 1060 PRO   A CG   1 
ATOM   136  C  CD   . PRO   A 1 40  ? -9.622  -6.188  7.088   1.00 30.98 ? 1060 PRO   A CD   1 
ATOM   137  N  N    . THR   A 1 41  ? -6.021  -6.840  5.464   1.00 27.27 ? 1061 THR   A N    1 
ATOM   138  C  CA   . THR   A 1 41  ? -4.783  -6.903  4.650   1.00 25.47 ? 1061 THR   A CA   1 
ATOM   139  C  C    . THR   A 1 41  ? -3.917  -5.693  5.004   1.00 24.75 ? 1061 THR   A C    1 
ATOM   140  O  O    . THR   A 1 41  ? -2.699  -5.856  5.067   1.00 25.53 ? 1061 THR   A O    1 
ATOM   141  C  CB   . THR   A 1 41  ? -5.075  -7.020  3.150   1.00 25.59 ? 1061 THR   A CB   1 
ATOM   142  O  OG1  . THR   A 1 41  ? -5.634  -5.801  2.662   1.00 22.87 ? 1061 THR   A OG1  1 
ATOM   143  C  CG2  . THR   A 1 41  ? -5.989  -8.186  2.841   1.00 27.20 ? 1061 THR   A CG2  1 
ATOM   144  N  N    . LEU   A 1 42  ? -4.528  -4.534  5.245   1.00 22.74 ? 1062 LEU   A N    1 
ATOM   145  C  CA   . LEU   A 1 42  ? -3.793  -3.278  5.522   1.00 23.85 ? 1062 LEU   A CA   1 
ATOM   146  C  C    . LEU   A 1 42  ? -3.181  -3.390  6.927   1.00 25.28 ? 1062 LEU   A C    1 
ATOM   147  O  O    . LEU   A 1 42  ? -2.002  -3.070  7.094   1.00 21.43 ? 1062 LEU   A O    1 
ATOM   148  C  CB   . LEU   A 1 42  ? -4.767  -2.103  5.401   1.00 24.19 ? 1062 LEU   A CB   1 
ATOM   149  C  CG   . LEU   A 1 42  ? -4.146  -0.712  5.508   1.00 24.52 ? 1062 LEU   A CG   1 
ATOM   150  C  CD1  . LEU   A 1 42  ? -3.004  -0.556  4.539   1.00 25.17 ? 1062 LEU   A CD1  1 
ATOM   151  C  CD2  . LEU   A 1 42  ? -5.190  0.345   5.233   1.00 25.67 ? 1062 LEU   A CD2  1 
ATOM   152  N  N    . GLU   A 1 43  ? -3.952  -3.882  7.894   1.00 26.23 ? 1063 GLU   A N    1 
ATOM   153  C  CA   . GLU   A 1 43  ? -3.505  -4.044  9.300   1.00 28.42 ? 1063 GLU   A CA   1 
ATOM   154  C  C    . GLU   A 1 43  ? -2.336  -5.042  9.333   1.00 25.52 ? 1063 GLU   A C    1 
ATOM   155  O  O    . GLU   A 1 43  ? -1.420  -4.820  10.120  1.00 27.75 ? 1063 GLU   A O    1 
ATOM   156  C  CB   . GLU   A 1 43  ? -4.684  -4.438  10.200  1.00 33.33 ? 1063 GLU   A CB   1 
ATOM   157  C  CG   . GLU   A 1 43  ? -5.577  -3.254  10.593  1.00 38.43 ? 1063 GLU   A CG   1 
ATOM   158  C  CD   . GLU   A 1 43  ? -7.002  -3.605  11.043  1.00 46.87 ? 1063 GLU   A CD   1 
ATOM   159  O  OE1  . GLU   A 1 43  ? -7.745  -2.677  11.490  1.00 43.72 ? 1063 GLU   A OE1  1 
ATOM   160  O  OE2  . GLU   A 1 43  ? -7.386  -4.806  10.944  1.00 46.50 ? 1063 GLU   A OE2  1 
ATOM   161  N  N    . ALA   A 1 44  ? -2.339  -6.063  8.482   1.00 23.46 ? 1064 ALA   A N    1 
ATOM   162  C  CA   . ALA   A 1 44  ? -1.235  -7.044  8.362   1.00 25.49 ? 1064 ALA   A CA   1 
ATOM   163  C  C    . ALA   A 1 44  ? 0.067   -6.365  7.901   1.00 26.15 ? 1064 ALA   A C    1 
ATOM   164  O  O    . ALA   A 1 44  ? 1.150   -6.844  8.296   1.00 27.27 ? 1064 ALA   A O    1 
ATOM   165  C  CB   . ALA   A 1 44  ? -1.605  -8.131  7.410   1.00 24.86 ? 1064 ALA   A CB   1 
ATOM   166  N  N    . LEU   A 1 45  ? -0.013  -5.322  7.072   1.00 23.21 ? 1065 LEU   A N    1 
ATOM   167  C  CA   . LEU   A 1 45  ? 1.187   -4.538  6.676   1.00 22.73 ? 1065 LEU   A CA   1 
ATOM   168  C  C    . LEU   A 1 45  ? 1.657   -3.704  7.875   1.00 21.97 ? 1065 LEU   A C    1 
ATOM   169  O  O    . LEU   A 1 45  ? 2.844   -3.788  8.203   1.00 21.11 ? 1065 LEU   A O    1 
ATOM   170  C  CB   . LEU   A 1 45  ? 0.862   -3.662  5.468   1.00 20.54 ? 1065 LEU   A CB   1 
ATOM   171  C  CG   . LEU   A 1 45  ? 0.431   -4.421  4.218   1.00 22.23 ? 1065 LEU   A CG   1 
ATOM   172  C  CD1  . LEU   A 1 45  ? 0.361   -3.473  3.035   1.00 22.55 ? 1065 LEU   A CD1  1 
ATOM   173  C  CD2  . LEU   A 1 45  ? 1.361   -5.591  3.918   1.00 22.59 ? 1065 LEU   A CD2  1 
ATOM   174  N  N    . TYR   A 1 46  ? 0.735   -3.006  8.539   1.00 23.14 ? 1066 TYR   A N    1 
ATOM   175  C  CA   . TYR   A 1 46  ? 1.001   -2.121  9.704   1.00 26.67 ? 1066 TYR   A CA   1 
ATOM   176  C  C    . TYR   A 1 46  ? 1.737   -2.877  10.819  1.00 28.40 ? 1066 TYR   A C    1 
ATOM   177  O  O    . TYR   A 1 46  ? 2.603   -2.253  11.451  1.00 27.31 ? 1066 TYR   A O    1 
ATOM   178  C  CB   . TYR   A 1 46  ? -0.278  -1.512  10.275  1.00 25.84 ? 1066 TYR   A CB   1 
ATOM   179  C  CG   . TYR   A 1 46  ? -0.627  -0.168  9.691   1.00 28.08 ? 1066 TYR   A CG   1 
ATOM   180  C  CD1  . TYR   A 1 46  ? -0.015  0.995   10.128  1.00 27.10 ? 1066 TYR   A CD1  1 
ATOM   181  C  CD2  . TYR   A 1 46  ? -1.587  -0.069  8.696   1.00 28.43 ? 1066 TYR   A CD2  1 
ATOM   182  C  CE1  . TYR   A 1 46  ? -0.344  2.225   9.576   1.00 29.25 ? 1066 TYR   A CE1  1 
ATOM   183  C  CE2  . TYR   A 1 46  ? -1.944  1.151   8.156   1.00 27.32 ? 1066 TYR   A CE2  1 
ATOM   184  C  CZ   . TYR   A 1 46  ? -1.313  2.304   8.585   1.00 28.28 ? 1066 TYR   A CZ   1 
ATOM   185  O  OH   . TYR   A 1 46  ? -1.707  3.495   8.037   1.00 28.63 ? 1066 TYR   A OH   1 
ATOM   186  N  N    . ARG   A 1 47  ? 1.411   -4.151  11.036  1.00 27.77 ? 1067 ARG   A N    1 
ATOM   187  C  CA   . ARG   A 1 47  ? 1.994   -4.952  12.138  1.00 32.44 ? 1067 ARG   A CA   1 
ATOM   188  C  C    . ARG   A 1 47  ? 3.394   -5.449  11.749  1.00 31.05 ? 1067 ARG   A C    1 
ATOM   189  O  O    . ARG   A 1 47  ? 4.082   -5.969  12.615  1.00 31.93 ? 1067 ARG   A O    1 
ATOM   190  C  CB   . ARG   A 1 47  ? 0.997   -6.040  12.547  1.00 35.52 ? 1067 ARG   A CB   1 
ATOM   191  C  CG   . ARG   A 1 47  ? -0.226  -5.436  13.232  1.00 41.72 ? 1067 ARG   A CG   1 
ATOM   192  C  CD   . ARG   A 1 47  ? -1.155  -6.391  13.965  1.00 46.51 ? 1067 ARG   A CD   1 
ATOM   193  N  NE   . ARG   A 1 47  ? -2.058  -7.043  13.025  1.00 49.75 ? 1067 ARG   A NE   1 
ATOM   194  C  CZ   . ARG   A 1 47  ? -1.760  -8.137  12.331  1.00 48.89 ? 1067 ARG   A CZ   1 
ATOM   195  N  NH1  . ARG   A 1 47  ? -0.585  -8.725  12.483  1.00 49.89 ? 1067 ARG   A NH1  1 
ATOM   196  N  NH2  . ARG   A 1 47  ? -2.638  -8.640  11.485  1.00 46.84 ? 1067 ARG   A NH2  1 
ATOM   197  N  N    . GLN   A 1 48  ? 3.844   -5.277  10.507  1.00 29.81 ? 1068 GLN   A N    1 
ATOM   198  C  CA   . GLN   A 1 48  ? 5.261   -5.556  10.177  1.00 28.03 ? 1068 GLN   A CA   1 
ATOM   199  C  C    . GLN   A 1 48  ? 6.115   -4.432  10.782  1.00 28.47 ? 1068 GLN   A C    1 
ATOM   200  O  O    . GLN   A 1 48  ? 5.992   -3.265  10.357  1.00 27.22 ? 1068 GLN   A O    1 
ATOM   201  C  CB   . GLN   A 1 48  ? 5.460   -5.726  8.675   1.00 28.84 ? 1068 GLN   A CB   1 
ATOM   202  C  CG   . GLN   A 1 48  ? 4.590   -6.806  8.065   1.00 29.29 ? 1068 GLN   A CG   1 
ATOM   203  C  CD   . GLN   A 1 48  ? 4.526   -8.048  8.917   1.00 31.63 ? 1068 GLN   A CD   1 
ATOM   204  O  OE1  . GLN   A 1 48  ? 5.489   -8.794  9.036   1.00 33.93 ? 1068 GLN   A OE1  1 
ATOM   205  N  NE2  . GLN   A 1 48  ? 3.391   -8.245  9.566   1.00 33.48 ? 1068 GLN   A NE2  1 
ATOM   206  N  N    . ASP   A 1 49  ? 6.891   -4.773  11.807  1.00 31.17 ? 1069 ASP   A N    1 
ATOM   207  C  CA   . ASP   A 1 49  ? 7.807   -3.839  12.511  1.00 34.56 ? 1069 ASP   A CA   1 
ATOM   208  C  C    . ASP   A 1 49  ? 9.160   -4.524  12.521  1.00 31.08 ? 1069 ASP   A C    1 
ATOM   209  O  O    . ASP   A 1 49  ? 9.266   -5.633  13.014  1.00 36.92 ? 1069 ASP   A O    1 
ATOM   210  C  CB   . ASP   A 1 49  ? 7.282   -3.493  13.907  1.00 37.50 ? 1069 ASP   A CB   1 
ATOM   211  C  CG   . ASP   A 1 49  ? 8.083   -2.435  14.655  1.00 39.80 ? 1069 ASP   A CG   1 
ATOM   212  O  OD1  . ASP   A 1 49  ? 9.067   -1.923  14.117  1.00 44.22 ? 1069 ASP   A OD1  1 
ATOM   213  O  OD2  . ASP   A 1 49  ? 7.722   -2.140  15.778  1.00 42.58 ? 1069 ASP   A OD2  1 
ATOM   214  N  N    . PRO   A 1 50  ? 10.229  -3.912  11.974  1.00 28.76 ? 1070 PRO   A N    1 
ATOM   215  C  CA   . PRO   A 1 50  ? 10.197  -2.514  11.545  1.00 27.03 ? 1070 PRO   A CA   1 
ATOM   216  C  C    . PRO   A 1 50  ? 9.770   -2.239  10.090  1.00 23.91 ? 1070 PRO   A C    1 
ATOM   217  O  O    . PRO   A 1 50  ? 9.800   -1.094  9.687   1.00 23.25 ? 1070 PRO   A O    1 
ATOM   218  C  CB   . PRO   A 1 50  ? 11.677  -2.131  11.757  1.00 27.66 ? 1070 PRO   A CB   1 
ATOM   219  C  CG   . PRO   A 1 50  ? 12.442  -3.384  11.370  1.00 28.46 ? 1070 PRO   A CG   1 
ATOM   220  C  CD   . PRO   A 1 50  ? 11.553  -4.535  11.801  1.00 28.86 ? 1070 PRO   A CD   1 
ATOM   221  N  N    . GLU   A 1 51  ? 9.375   -3.259  9.330   1.00 22.92 ? 1071 GLU   A N    1 
ATOM   222  C  CA   . GLU   A 1 51  ? 9.336   -3.142  7.847   1.00 23.31 ? 1071 GLU   A CA   1 
ATOM   223  C  C    . GLU   A 1 51  ? 8.265   -2.151  7.376   1.00 20.55 ? 1071 GLU   A C    1 
ATOM   224  O  O    . GLU   A 1 51  ? 8.474   -1.582  6.291   1.00 21.93 ? 1071 GLU   A O    1 
ATOM   225  C  CB   . GLU   A 1 51  ? 9.207   -4.496  7.173   1.00 23.93 ? 1071 GLU   A CB   1 
ATOM   226  C  CG   . GLU   A 1 51  ? 10.436  -5.349  7.392   1.00 27.12 ? 1071 GLU   A CG   1 
ATOM   227  C  CD   . GLU   A 1 51  ? 10.328  -6.294  8.579   1.00 30.08 ? 1071 GLU   A CD   1 
ATOM   228  O  OE1  . GLU   A 1 51  ? 9.438   -6.091  9.448   1.00 28.75 ? 1071 GLU   A OE1  1 
ATOM   229  O  OE2  . GLU   A 1 51  ? 11.105  -7.239  8.603   1.00 31.25 ? 1071 GLU   A OE2  1 
ATOM   230  N  N    . SER   A 1 52  ? 7.213   -1.890  8.146   1.00 18.16 ? 1072 SER   A N    1 
ATOM   231  C  CA   . SER   A 1 52  ? 6.130   -0.976  7.699   1.00 18.10 ? 1072 SER   A CA   1 
ATOM   232  C  C    . SER   A 1 52  ? 6.499   0.477   7.992   1.00 17.56 ? 1072 SER   A C    1 
ATOM   233  O  O    . SER   A 1 52  ? 5.797   1.355   7.495   1.00 16.80 ? 1072 SER   A O    1 
ATOM   234  C  CB   . SER   A 1 52  ? 4.789   -1.339  8.316   1.00 17.47 ? 1072 SER   A CB   1 
ATOM   235  O  OG   . SER   A 1 52  ? 4.703   -0.933  9.671   1.00 16.67 ? 1072 SER   A OG   1 
ATOM   236  N  N    . LEU   A 1 53  ? 7.536   0.725   8.796   1.00 17.33 ? 1073 LEU   A N    1 
ATOM   237  C  CA   . LEU   A 1 53  ? 7.742   2.064   9.406   1.00 18.24 ? 1073 LEU   A CA   1 
ATOM   238  C  C    . LEU   A 1 53  ? 7.971   3.102   8.323   1.00 17.61 ? 1073 LEU   A C    1 
ATOM   239  O  O    . LEU   A 1 53  ? 7.389   4.181   8.385   1.00 17.54 ? 1073 LEU   A O    1 
ATOM   240  C  CB   . LEU   A 1 53  ? 8.892   2.040   10.429  1.00 21.55 ? 1073 LEU   A CB   1 
ATOM   241  C  CG   . LEU   A 1 53  ? 8.547   1.357   11.756  1.00 23.57 ? 1073 LEU   A CG   1 
ATOM   242  C  CD1  . LEU   A 1 53  ? 9.734   1.393   12.715  1.00 25.57 ? 1073 LEU   A CD1  1 
ATOM   243  C  CD2  . LEU   A 1 53  ? 7.333   2.004   12.386  1.00 24.53 ? 1073 LEU   A CD2  1 
ATOM   244  N  N    . PRO   A 1 54  ? 8.776   2.808   7.281   1.00 16.26 ? 1074 PRO   A N    1 
ATOM   245  C  CA   . PRO   A 1 54  ? 8.962   3.763   6.196   1.00 15.17 ? 1074 PRO   A CA   1 
ATOM   246  C  C    . PRO   A 1 54  ? 7.673   4.076   5.412   1.00 16.10 ? 1074 PRO   A C    1 
ATOM   247  O  O    . PRO   A 1 54  ? 7.625   5.134   4.794   1.00 15.19 ? 1074 PRO   A O    1 
ATOM   248  C  CB   . PRO   A 1 54  ? 9.970   3.086   5.282   1.00 15.13 ? 1074 PRO   A CB   1 
ATOM   249  C  CG   . PRO   A 1 54  ? 10.570  1.980   6.081   1.00 15.87 ? 1074 PRO   A CG   1 
ATOM   250  C  CD   . PRO   A 1 54  ? 9.529   1.563   7.094   1.00 16.03 ? 1074 PRO   A CD   1 
ATOM   251  N  N    . PHE   A 1 55  ? 6.659   3.196   5.476   1.00 15.25 ? 1075 PHE   A N    1 
ATOM   252  C  CA   . PHE   A 1 55  ? 5.430   3.260   4.639   1.00 16.74 ? 1075 PHE   A CA   1 
ATOM   253  C  C    . PHE   A 1 55  ? 4.236   3.851   5.399   1.00 16.62 ? 1075 PHE   A C    1 
ATOM   254  O  O    . PHE   A 1 55  ? 3.219   4.008   4.752   1.00 13.71 ? 1075 PHE   A O    1 
ATOM   255  C  CB   . PHE   A 1 55  ? 5.085   1.865   4.116   1.00 16.66 ? 1075 PHE   A CB   1 
ATOM   256  C  CG   . PHE   A 1 55  ? 6.221   1.286   3.327   1.00 17.83 ? 1075 PHE   A CG   1 
ATOM   257  C  CD1  . PHE   A 1 55  ? 6.364   1.579   1.981   1.00 19.87 ? 1075 PHE   A CD1  1 
ATOM   258  C  CD2  . PHE   A 1 55  ? 7.216   0.554   3.952   1.00 17.84 ? 1075 PHE   A CD2  1 
ATOM   259  C  CE1  . PHE   A 1 55  ? 7.456   1.098   1.273   1.00 21.24 ? 1075 PHE   A CE1  1 
ATOM   260  C  CE2  . PHE   A 1 55  ? 8.301   0.073   3.247   1.00 18.24 ? 1075 PHE   A CE2  1 
ATOM   261  C  CZ   . PHE   A 1 55  ? 8.442   0.370   1.916   1.00 19.69 ? 1075 PHE   A CZ   1 
ATOM   262  N  N    . ARG   A 1 56  ? 4.360   4.180   6.688   1.00 16.65 ? 1076 ARG   A N    1 
ATOM   263  C  CA   . ARG   A 1 56  ? 3.181   4.556   7.514   1.00 19.88 ? 1076 ARG   A CA   1 
ATOM   264  C  C    . ARG   A 1 56  ? 2.712   5.962   7.183   1.00 20.66 ? 1076 ARG   A C    1 
ATOM   265  O  O    . ARG   A 1 56  ? 1.532   6.228   7.407   1.00 25.39 ? 1076 ARG   A O    1 
ATOM   266  C  CB   . ARG   A 1 56  ? 3.466   4.402   9.001   1.00 19.62 ? 1076 ARG   A CB   1 
ATOM   267  C  CG   . ARG   A 1 56  ? 3.457   2.938   9.390   1.00 21.37 ? 1076 ARG   A CG   1 
ATOM   268  C  CD   . ARG   A 1 56  ? 3.818   2.805   10.845  1.00 23.58 ? 1076 ARG   A CD   1 
ATOM   269  N  NE   . ARG   A 1 56  ? 3.833   1.393   11.154  1.00 24.88 ? 1076 ARG   A NE   1 
ATOM   270  C  CZ   . ARG   A 1 56  ? 3.876   0.895   12.372  1.00 29.34 ? 1076 ARG   A CZ   1 
ATOM   271  N  NH1  . ARG   A 1 56  ? 3.935   1.710   13.414  1.00 30.16 ? 1076 ARG   A NH1  1 
ATOM   272  N  NH2  . ARG   A 1 56  ? 3.859   -0.419  12.539  1.00 31.64 ? 1076 ARG   A NH2  1 
ATOM   273  N  N    . GLN   A 1 57  ? 3.588   6.832   6.704   1.00 19.53 ? 1077 GLN   A N    1 
ATOM   274  C  CA   . GLN   A 1 57  ? 3.213   8.239   6.476   1.00 21.14 ? 1077 GLN   A CA   1 
ATOM   275  C  C    . GLN   A 1 57  ? 3.739   8.615   5.114   1.00 20.31 ? 1077 GLN   A C    1 
ATOM   276  O  O    . GLN   A 1 57  ? 4.663   7.986   4.612   1.00 18.27 ? 1077 GLN   A O    1 
ATOM   277  C  CB   . GLN   A 1 57  ? 3.772   9.160   7.566   1.00 24.24 ? 1077 GLN   A CB   1 
ATOM   278  C  CG   . GLN   A 1 57  ? 3.192   8.911   8.951   1.00 25.82 ? 1077 GLN   A CG   1 
ATOM   279  C  CD   . GLN   A 1 57  ? 1.718   9.229   9.016   1.00 28.24 ? 1077 GLN   A CD   1 
ATOM   280  O  OE1  . GLN   A 1 57  ? 1.252   10.210  8.458   1.00 31.48 ? 1077 GLN   A OE1  1 
ATOM   281  N  NE2  . GLN   A 1 57  ? 0.957   8.379   9.685   1.00 34.86 ? 1077 GLN   A NE2  1 
ATOM   282  N  N    . PRO   A 1 58  ? 3.130   9.616   4.475   1.00 20.89 ? 1078 PRO   A N    1 
ATOM   283  C  CA   . PRO   A 1 58  ? 3.639   10.094  3.201   1.00 23.14 ? 1078 PRO   A CA   1 
ATOM   284  C  C    . PRO   A 1 58  ? 5.140   10.384  3.340   1.00 22.59 ? 1078 PRO   A C    1 
ATOM   285  O  O    . PRO   A 1 58  ? 5.578   10.878  4.373   1.00 24.16 ? 1078 PRO   A O    1 
ATOM   286  C  CB   . PRO   A 1 58  ? 2.808   11.367  2.966   1.00 22.68 ? 1078 PRO   A CB   1 
ATOM   287  C  CG   . PRO   A 1 58  ? 1.526   11.103  3.709   1.00 22.83 ? 1078 PRO   A CG   1 
ATOM   288  C  CD   . PRO   A 1 58  ? 1.985   10.402  4.969   1.00 22.86 ? 1078 PRO   A CD   1 
ATOM   289  N  N    . VAL   A 1 59  ? 5.899   10.038  2.313   1.00 22.39 ? 1079 VAL   A N    1 
ATOM   290  C  CA   . VAL   A 1 59  ? 7.329   10.413  2.172   1.00 20.50 ? 1079 VAL   A CA   1 
ATOM   291  C  C    . VAL   A 1 59  ? 7.406   11.938  2.175   1.00 20.22 ? 1079 VAL   A C    1 
ATOM   292  O  O    . VAL   A 1 59  ? 6.741   12.575  1.359   1.00 16.84 ? 1079 VAL   A O    1 
ATOM   293  C  CB   . VAL   A 1 59  ? 7.960   9.823   0.899   1.00 21.60 ? 1079 VAL   A CB   1 
ATOM   294  C  CG1  . VAL   A 1 59  ? 9.302   10.476  0.588   1.00 19.70 ? 1079 VAL   A CG1  1 
ATOM   295  C  CG2  . VAL   A 1 59  ? 8.091   8.300   1.025   1.00 22.93 ? 1079 VAL   A CG2  1 
ATOM   296  N  N    . ASP   A 1 60  ? 8.199   12.459  3.102   1.00 20.72 ? 1080 ASP   A N    1 
ATOM   297  C  CA   . ASP   A 1 60  ? 8.540   13.896  3.250   1.00 21.54 ? 1080 ASP   A CA   1 
ATOM   298  C  C    . ASP   A 1 60  ? 9.995   14.069  2.818   1.00 18.33 ? 1080 ASP   A C    1 
ATOM   299  O  O    . ASP   A 1 60  ? 10.909  13.841  3.597   1.00 17.87 ? 1080 ASP   A O    1 
ATOM   300  C  CB   . ASP   A 1 60  ? 8.329   14.307  4.704   1.00 22.55 ? 1080 ASP   A CB   1 
ATOM   301  C  CG   . ASP   A 1 60  ? 8.567   15.785  4.932   1.00 24.70 ? 1080 ASP   A CG   1 
ATOM   302  O  OD1  . ASP   A 1 60  ? 9.235   16.450  4.085   1.00 24.96 ? 1080 ASP   A OD1  1 
ATOM   303  O  OD2  . ASP   A 1 60  ? 8.098   16.246  5.956   1.00 31.88 ? 1080 ASP   A OD2  1 
ATOM   304  N  N    . PRO   A 1 61  ? 10.270  14.403  1.549   1.00 18.48 ? 1081 PRO   A N    1 
ATOM   305  C  CA   . PRO   A 1 61  ? 11.636  14.340  1.042   1.00 18.94 ? 1081 PRO   A CA   1 
ATOM   306  C  C    . PRO   A 1 61  ? 12.568  15.282  1.817   1.00 20.60 ? 1081 PRO   A C    1 
ATOM   307  O  O    . PRO   A 1 61  ? 13.745  14.956  1.986   1.00 19.88 ? 1081 PRO   A O    1 
ATOM   308  C  CB   . PRO   A 1 61  ? 11.468  14.763  -0.415  1.00 19.14 ? 1081 PRO   A CB   1 
ATOM   309  C  CG   . PRO   A 1 61  ? 10.044  14.385  -0.722  1.00 19.39 ? 1081 PRO   A CG   1 
ATOM   310  C  CD   . PRO   A 1 61  ? 9.303   14.814  0.523   1.00 18.95 ? 1081 PRO   A CD   1 
ATOM   311  N  N    . GLN   A 1 62  ? 12.017  16.406  2.277   1.00 20.19 ? 1082 GLN   A N    1 
ATOM   312  C  CA   . GLN   A 1 62  ? 12.747  17.466  3.011   1.00 23.74 ? 1082 GLN   A CA   1 
ATOM   313  C  C    . GLN   A 1 62  ? 13.141  16.918  4.378   1.00 19.19 ? 1082 GLN   A C    1 
ATOM   314  O  O    . GLN   A 1 62  ? 14.301  16.964  4.723   1.00 19.00 ? 1082 GLN   A O    1 
ATOM   315  C  CB   . GLN   A 1 62  ? 11.849  18.697  3.165   1.00 29.89 ? 1082 GLN   A CB   1 
ATOM   316  C  CG   . GLN   A 1 62  ? 11.365  19.257  1.830   1.00 36.69 ? 1082 GLN   A CG   1 
ATOM   317  C  CD   . GLN   A 1 62  ? 10.526  20.497  2.020   1.00 45.79 ? 1082 GLN   A CD   1 
ATOM   318  O  OE1  . GLN   A 1 62  ? 9.509   20.488  2.721   1.00 57.06 ? 1082 GLN   A OE1  1 
ATOM   319  N  NE2  . GLN   A 1 62  ? 10.958  21.589  1.403   1.00 51.00 ? 1082 GLN   A NE2  1 
ATOM   320  N  N    . LEU   A 1 63  ? 12.177  16.369  5.105   1.00 18.43 ? 1083 LEU   A N    1 
ATOM   321  C  CA   . LEU   A 1 63  ? 12.432  15.761  6.422   1.00 20.52 ? 1083 LEU   A CA   1 
ATOM   322  C  C    . LEU   A 1 63  ? 13.483  14.659  6.252   1.00 19.73 ? 1083 LEU   A C    1 
ATOM   323  O  O    . LEU   A 1 63  ? 14.362  14.551  7.112   1.00 20.59 ? 1083 LEU   A O    1 
ATOM   324  C  CB   . LEU   A 1 63  ? 11.118  15.235  7.000   1.00 20.84 ? 1083 LEU   A CB   1 
ATOM   325  C  CG   . LEU   A 1 63  ? 11.255  14.315  8.216   1.00 23.60 ? 1083 LEU   A CG   1 
ATOM   326  C  CD1  . LEU   A 1 63  ? 11.713  15.074  9.448   1.00 24.42 ? 1083 LEU   A CD1  1 
ATOM   327  C  CD2  . LEU   A 1 63  ? 9.938   13.601  8.508   1.00 24.42 ? 1083 LEU   A CD2  1 
ATOM   328  N  N    . LEU   A 1 64  ? 13.414  13.881  5.175   1.00 18.99 ? 1084 LEU   A N    1 
ATOM   329  C  CA   . LEU   A 1 64  ? 14.244  12.652  5.044   1.00 19.01 ? 1084 LEU   A CA   1 
ATOM   330  C  C    . LEU   A 1 64  ? 15.545  12.953  4.335   1.00 17.88 ? 1084 LEU   A C    1 
ATOM   331  O  O    . LEU   A 1 64  ? 16.357  12.051  4.269   1.00 20.55 ? 1084 LEU   A O    1 
ATOM   332  C  CB   . LEU   A 1 64  ? 13.472  11.588  4.275   1.00 18.57 ? 1084 LEU   A CB   1 
ATOM   333  C  CG   . LEU   A 1 64  ? 12.175  11.164  4.932   1.00 18.94 ? 1084 LEU   A CG   1 
ATOM   334  C  CD1  . LEU   A 1 64  ? 11.421  10.228  4.013   1.00 20.74 ? 1084 LEU   A CD1  1 
ATOM   335  C  CD2  . LEU   A 1 64  ? 12.427  10.513  6.269   1.00 20.97 ? 1084 LEU   A CD2  1 
ATOM   336  N  N    . GLY   A 1 65  ? 15.699  14.153  3.803   1.00 19.99 ? 1085 GLY   A N    1 
ATOM   337  C  CA   . GLY   A 1 65  ? 16.918  14.539  3.087   1.00 22.46 ? 1085 GLY   A CA   1 
ATOM   338  C  C    . GLY   A 1 65  ? 17.042  13.761  1.785   1.00 22.56 ? 1085 GLY   A C    1 
ATOM   339  O  O    . GLY   A 1 65  ? 18.167  13.355  1.453   1.00 24.69 ? 1085 GLY   A O    1 
ATOM   340  N  N    . ILE   A 1 66  ? 15.933  13.558  1.066   1.00 21.88 ? 1086 ILE   A N    1 
ATOM   341  C  CA   . ILE   A 1 66  ? 15.940  12.880  -0.264  1.00 20.18 ? 1086 ILE   A CA   1 
ATOM   342  C  C    . ILE   A 1 66  ? 15.266  13.801  -1.267  1.00 19.72 ? 1086 ILE   A C    1 
ATOM   343  O  O    . ILE   A 1 66  ? 14.204  13.503  -1.811  1.00 19.69 ? 1086 ILE   A O    1 
ATOM   344  C  CB   . ILE   A 1 66  ? 15.311  11.480  -0.166  1.00 20.46 ? 1086 ILE   A CB   1 
ATOM   345  C  CG1  . ILE   A 1 66  ? 13.870  11.500  0.352   1.00 20.13 ? 1086 ILE   A CG1  1 
ATOM   346  C  CG2  . ILE   A 1 66  ? 16.203  10.563  0.675   1.00 20.80 ? 1086 ILE   A CG2  1 
ATOM   347  C  CD1  . ILE   A 1 66  ? 13.245  10.122  0.467   1.00 19.90 ? 1086 ILE   A CD1  1 
ATOM   348  N  N    . PRO   A 1 67  ? 15.890  14.953  -1.578  1.00 19.34 ? 1087 PRO   A N    1 
ATOM   349  C  CA   . PRO   A 1 67  ? 15.241  15.953  -2.424  1.00 20.05 ? 1087 PRO   A CA   1 
ATOM   350  C  C    . PRO   A 1 67  ? 14.986  15.481  -3.866  1.00 19.56 ? 1087 PRO   A C    1 
ATOM   351  O  O    . PRO   A 1 67  ? 14.233  16.111  -4.553  1.00 19.92 ? 1087 PRO   A O    1 
ATOM   352  C  CB   . PRO   A 1 67  ? 16.197  17.171  -2.413  1.00 21.31 ? 1087 PRO   A CB   1 
ATOM   353  C  CG   . PRO   A 1 67  ? 17.505  16.692  -1.786  1.00 21.39 ? 1087 PRO   A CG   1 
ATOM   354  C  CD   . PRO   A 1 67  ? 17.235  15.354  -1.124  1.00 21.76 ? 1087 PRO   A CD   1 
ATOM   355  N  N    . ASP   A 1 68  ? 15.580  14.370  -4.318  1.00 17.26 ? 1088 ASP   A N    1 
ATOM   356  C  CA   . ASP   A 1 68  ? 15.267  13.865  -5.680  1.00 15.78 ? 1088 ASP   A CA   1 
ATOM   357  C  C    . ASP   A 1 68  ? 13.968  13.036  -5.649  1.00 14.46 ? 1088 ASP   A C    1 
ATOM   358  O  O    . ASP   A 1 68  ? 13.552  12.624  -6.731  1.00 15.65 ? 1088 ASP   A O    1 
ATOM   359  C  CB   . ASP   A 1 68  ? 16.447  13.105  -6.287  1.00 15.55 ? 1088 ASP   A CB   1 
ATOM   360  C  CG   . ASP   A 1 68  ? 16.810  11.842  -5.500  1.00 16.78 ? 1088 ASP   A CG   1 
ATOM   361  O  OD1  . ASP   A 1 68  ? 16.544  11.798  -4.272  1.00 16.47 ? 1088 ASP   A OD1  1 
ATOM   362  O  OD2  . ASP   A 1 68  ? 17.338  10.898  -6.126  1.00 19.68 ? 1088 ASP   A OD2  1 
ATOM   363  N  N    . TYR   A 1 69  ? 13.317  12.805  -4.503  1.00 14.15 ? 1089 TYR   A N    1 
ATOM   364  C  CA   . TYR   A 1 69  ? 12.203  11.815  -4.400  1.00 13.91 ? 1089 TYR   A CA   1 
ATOM   365  C  C    . TYR   A 1 69  ? 11.121  12.086  -5.463  1.00 14.97 ? 1089 TYR   A C    1 
ATOM   366  O  O    . TYR   A 1 69  ? 10.783  11.162  -6.242  1.00 14.24 ? 1089 TYR   A O    1 
ATOM   367  C  CB   . TYR   A 1 69  ? 11.582  11.759  -3.003  1.00 13.56 ? 1089 TYR   A CB   1 
ATOM   368  C  CG   . TYR   A 1 69  ? 10.581  10.635  -2.860  1.00 13.69 ? 1089 TYR   A CG   1 
ATOM   369  C  CD1  . TYR   A 1 69  ? 11.004  9.335   -2.683  1.00 13.73 ? 1089 TYR   A CD1  1 
ATOM   370  C  CD2  . TYR   A 1 69  ? 9.216   10.864  -2.936  1.00 13.52 ? 1089 TYR   A CD2  1 
ATOM   371  C  CE1  . TYR   A 1 69  ? 10.104  8.288   -2.560  1.00 15.15 ? 1089 TYR   A CE1  1 
ATOM   372  C  CE2  . TYR   A 1 69  ? 8.303   9.824   -2.855  1.00 14.52 ? 1089 TYR   A CE2  1 
ATOM   373  C  CZ   . TYR   A 1 69  ? 8.742   8.531   -2.649  1.00 15.10 ? 1089 TYR   A CZ   1 
ATOM   374  O  OH   . TYR   A 1 69  ? 7.845   7.510   -2.550  1.00 17.19 ? 1089 TYR   A OH   1 
ATOM   375  N  N    . PHE   A 1 70  ? 10.615  13.317  -5.554  1.00 14.61 ? 1090 PHE   A N    1 
ATOM   376  C  CA   . PHE   A 1 70  ? 9.511   13.701  -6.473  1.00 17.18 ? 1090 PHE   A CA   1 
ATOM   377  C  C    . PHE   A 1 70  ? 10.018  13.845  -7.927  1.00 18.52 ? 1090 PHE   A C    1 
ATOM   378  O  O    . PHE   A 1 70  ? 9.173   13.846  -8.844  1.00 19.33 ? 1090 PHE   A O    1 
ATOM   379  C  CB   . PHE   A 1 70  ? 8.750   14.934  -5.952  1.00 17.29 ? 1090 PHE   A CB   1 
ATOM   380  C  CG   . PHE   A 1 70  ? 7.997   14.775  -4.643  1.00 17.34 ? 1090 PHE   A CG   1 
ATOM   381  C  CD1  . PHE   A 1 70  ? 7.370   13.588  -4.298  1.00 17.10 ? 1090 PHE   A CD1  1 
ATOM   382  C  CD2  . PHE   A 1 70  ? 7.853   15.854  -3.778  1.00 18.34 ? 1090 PHE   A CD2  1 
ATOM   383  C  CE1  . PHE   A 1 70  ? 6.656   13.460  -3.115  1.00 17.73 ? 1090 PHE   A CE1  1 
ATOM   384  C  CE2  . PHE   A 1 70  ? 7.140   15.729  -2.590  1.00 19.11 ? 1090 PHE   A CE2  1 
ATOM   385  C  CZ   . PHE   A 1 70  ? 6.584   14.515  -2.235  1.00 18.62 ? 1090 PHE   A CZ   1 
ATOM   386  N  N    . ASP   A 1 71  ? 11.323  13.897  -8.194  1.00 18.23 ? 1091 ASP   A N    1 
ATOM   387  C  CA   . ASP   A 1 71  ? 11.802  13.731  -9.589  1.00 20.70 ? 1091 ASP   A CA   1 
ATOM   388  C  C    . ASP   A 1 71  ? 11.490  12.307  -10.056 1.00 19.72 ? 1091 ASP   A C    1 
ATOM   389  O  O    . ASP   A 1 71  ? 11.340  12.138  -11.240 1.00 18.47 ? 1091 ASP   A O    1 
ATOM   390  C  CB   . ASP   A 1 71  ? 13.311  13.881  -9.766  1.00 24.03 ? 1091 ASP   A CB   1 
ATOM   391  C  CG   . ASP   A 1 71  ? 13.818  15.238  -9.338  1.00 27.71 ? 1091 ASP   A CG   1 
ATOM   392  O  OD1  . ASP   A 1 71  ? 12.978  16.088  -8.973  1.00 29.10 ? 1091 ASP   A OD1  1 
ATOM   393  O  OD2  . ASP   A 1 71  ? 15.060  15.414  -9.322  1.00 36.18 ? 1091 ASP   A OD2  1 
ATOM   394  N  N    . ILE   A 1 72  ? 11.486  11.325  -9.153  1.00 16.97 ? 1092 ILE   A N    1 
ATOM   395  C  CA   . ILE   A 1 72  ? 11.446  9.888   -9.534  1.00 15.99 ? 1092 ILE   A CA   1 
ATOM   396  C  C    . ILE   A 1 72  ? 10.027  9.355   -9.321  1.00 15.16 ? 1092 ILE   A C    1 
ATOM   397  O  O    . ILE   A 1 72  ? 9.496   8.677   -10.169 1.00 15.35 ? 1092 ILE   A O    1 
ATOM   398  C  CB   . ILE   A 1 72  ? 12.538  9.154   -8.740  1.00 16.72 ? 1092 ILE   A CB   1 
ATOM   399  C  CG1  . ILE   A 1 72  ? 13.916  9.624   -9.220  1.00 18.53 ? 1092 ILE   A CG1  1 
ATOM   400  C  CG2  . ILE   A 1 72  ? 12.404  7.633   -8.837  1.00 17.50 ? 1092 ILE   A CG2  1 
ATOM   401  C  CD1  . ILE   A 1 72  ? 15.046  9.251   -8.309  1.00 19.19 ? 1092 ILE   A CD1  1 
ATOM   402  N  N    . VAL   A 1 73  ? 9.409   9.715   -8.223  1.00 14.09 ? 1093 VAL   A N    1 
ATOM   403  C  CA   . VAL   A 1 73  ? 8.057   9.227   -7.873  1.00 15.45 ? 1093 VAL   A CA   1 
ATOM   404  C  C    . VAL   A 1 73  ? 7.062   10.352  -8.135  1.00 15.49 ? 1093 VAL   A C    1 
ATOM   405  O  O    . VAL   A 1 73  ? 7.093   11.332  -7.389  1.00 15.88 ? 1093 VAL   A O    1 
ATOM   406  C  CB   . VAL   A 1 73  ? 8.059   8.772   -6.409  1.00 14.00 ? 1093 VAL   A CB   1 
ATOM   407  C  CG1  . VAL   A 1 73  ? 6.684   8.349   -5.922  1.00 14.45 ? 1093 VAL   A CG1  1 
ATOM   408  C  CG2  . VAL   A 1 73  ? 9.078   7.680   -6.229  1.00 14.60 ? 1093 VAL   A CG2  1 
ATOM   409  N  N    . LYS   A 1 74  ? 6.195   10.163  -9.124  1.00 15.92 ? 1094 LYS   A N    1 
ATOM   410  C  CA   . LYS   A 1 74  ? 5.189   11.164  -9.544  1.00 18.15 ? 1094 LYS   A CA   1 
ATOM   411  C  C    . LYS   A 1 74  ? 3.825   10.838  -8.933  1.00 18.00 ? 1094 LYS   A C    1 
ATOM   412  O  O    . LYS   A 1 74  ? 3.012   11.778  -8.868  1.00 18.52 ? 1094 LYS   A O    1 
ATOM   413  C  CB   . LYS   A 1 74  ? 5.126   11.255  -11.069 1.00 18.89 ? 1094 LYS   A CB   1 
ATOM   414  C  CG   . LYS   A 1 74  ? 6.445   11.638  -11.718 1.00 20.56 ? 1094 LYS   A CG   1 
ATOM   415  C  CD   . LYS   A 1 74  ? 6.947   12.926  -11.134 1.00 21.71 ? 1094 LYS   A CD   1 
ATOM   416  C  CE   . LYS   A 1 74  ? 7.978   13.578  -12.011 1.00 22.55 ? 1094 LYS   A CE   1 
ATOM   417  N  NZ   . LYS   A 1 74  ? 8.496   14.769  -11.316 1.00 22.71 ? 1094 LYS   A NZ   1 
ATOM   418  N  N    . SER   A 1 75  ? 3.595   9.620   -8.426  1.00 18.21 ? 1095 SER   A N    1 
ATOM   419  C  CA   . SER   A 1 75  ? 2.354   9.268   -7.683  1.00 18.33 ? 1095 SER   A CA   1 
ATOM   420  C  C    . SER   A 1 75  ? 2.683   8.639   -6.337  1.00 17.22 ? 1095 SER   A C    1 
ATOM   421  O  O    . SER   A 1 75  ? 2.537   7.437   -6.149  1.00 16.02 ? 1095 SER   A O    1 
ATOM   422  C  CB   . SER   A 1 75  ? 1.473   8.351   -8.474  1.00 20.92 ? 1095 SER   A CB   1 
ATOM   423  O  OG   . SER   A 1 75  ? 1.504   8.687   -9.831  1.00 22.63 ? 1095 SER   A OG   1 
ATOM   424  N  N    . PRO   A 1 76  ? 3.043   9.448   -5.328  1.00 18.83 ? 1096 PRO   A N    1 
ATOM   425  C  CA   . PRO   A 1 76  ? 3.410   8.923   -4.024  1.00 17.91 ? 1096 PRO   A CA   1 
ATOM   426  C  C    . PRO   A 1 76  ? 2.197   8.230   -3.423  1.00 16.92 ? 1096 PRO   A C    1 
ATOM   427  O  O    . PRO   A 1 76  ? 1.079   8.593   -3.677  1.00 14.78 ? 1096 PRO   A O    1 
ATOM   428  C  CB   . PRO   A 1 76  ? 3.746   10.162  -3.192  1.00 19.34 ? 1096 PRO   A CB   1 
ATOM   429  C  CG   . PRO   A 1 76  ? 4.036   11.204  -4.260  1.00 21.78 ? 1096 PRO   A CG   1 
ATOM   430  C  CD   . PRO   A 1 76  ? 3.019   10.917  -5.336  1.00 19.59 ? 1096 PRO   A CD   1 
ATOM   431  N  N    . MET   A 1 77  ? 2.451   7.211   -2.638  1.00 16.65 ? 1097 MET   A N    1 
ATOM   432  C  CA   . MET   A 1 77  ? 1.356   6.497   -1.981  1.00 17.19 ? 1097 MET   A CA   1 
ATOM   433  C  C    . MET   A 1 77  ? 1.942   5.927   -0.703  1.00 17.38 ? 1097 MET   A C    1 
ATOM   434  O  O    . MET   A 1 77  ? 3.151   5.657   -0.679  1.00 17.82 ? 1097 MET   A O    1 
ATOM   435  C  CB   . MET   A 1 77  ? 0.834   5.404   -2.920  1.00 18.18 ? 1097 MET   A CB   1 
ATOM   436  C  CG   . MET   A 1 77  ? -0.413  4.704   -2.399  1.00 18.04 ? 1097 MET   A CG   1 
ATOM   437  S  SD   . MET   A 1 77  ? -1.761  5.793   -1.853  1.00 19.88 ? 1097 MET   A SD   1 
ATOM   438  C  CE   . MET   A 1 77  ? -2.092  6.699   -3.370  1.00 19.24 ? 1097 MET   A CE   1 
ATOM   439  N  N    . ASP   A 1 78  ? 1.145   5.859   0.351   1.00 17.16 ? 1098 ASP   A N    1 
ATOM   440  C  CA   . ASP   A 1 78  ? 1.605   5.302   1.635   1.00 17.56 ? 1098 ASP   A CA   1 
ATOM   441  C  C    . ASP   A 1 78  ? 0.404   4.704   2.360   1.00 17.16 ? 1098 ASP   A C    1 
ATOM   442  O  O    . ASP   A 1 78  ? -0.729  4.961   1.936   1.00 17.41 ? 1098 ASP   A O    1 
ATOM   443  C  CB   . ASP   A 1 78  ? 2.297   6.398   2.438   1.00 19.13 ? 1098 ASP   A CB   1 
ATOM   444  C  CG   . ASP   A 1 78  ? 1.290   7.375   2.977   1.00 22.47 ? 1098 ASP   A CG   1 
ATOM   445  O  OD1  . ASP   A 1 78  ? 0.669   8.118   2.152   1.00 26.39 ? 1098 ASP   A OD1  1 
ATOM   446  O  OD2  . ASP   A 1 78  ? 1.056   7.310   4.193   1.00 28.92 ? 1098 ASP   A OD2  1 
ATOM   447  N  N    . LEU   A 1 79  ? 0.665   3.955   3.422   1.00 16.92 ? 1099 LEU   A N    1 
ATOM   448  C  CA   . LEU   A 1 79  ? -0.367  3.211   4.178   1.00 17.54 ? 1099 LEU   A CA   1 
ATOM   449  C  C    . LEU   A 1 79  ? -1.418  4.190   4.720   1.00 18.01 ? 1099 LEU   A C    1 
ATOM   450  O  O    . LEU   A 1 79  ? -2.571  3.817   4.670   1.00 16.31 ? 1099 LEU   A O    1 
ATOM   451  C  CB   . LEU   A 1 79  ? 0.269   2.376   5.287   1.00 16.86 ? 1099 LEU   A CB   1 
ATOM   452  C  CG   . LEU   A 1 79  ? 1.204   1.258   4.821   1.00 18.19 ? 1099 LEU   A CG   1 
ATOM   453  C  CD1  . LEU   A 1 79  ? 1.939   0.638   6.005   1.00 20.89 ? 1099 LEU   A CD1  1 
ATOM   454  C  CD2  . LEU   A 1 79  ? 0.462   0.171   4.084   1.00 18.64 ? 1099 LEU   A CD2  1 
ATOM   455  N  N    . SER   A 1 80  ? -1.061  5.397   5.179   1.00 19.07 ? 1100 SER   A N    1 
ATOM   456  C  CA   . SER   A 1 80  ? -2.043  6.307   5.826   1.00 19.33 ? 1100 SER   A CA   1 
ATOM   457  C  C    . SER   A 1 80  ? -3.000  6.852   4.759   1.00 19.59 ? 1100 SER   A C    1 
ATOM   458  O  O    . SER   A 1 80  ? -4.190  6.992   5.044   1.00 20.05 ? 1100 SER   A O    1 
ATOM   459  C  CB   . SER   A 1 80  ? -1.401  7.422   6.588   1.00 19.20 ? 1100 SER   A CB   1 
ATOM   460  O  OG   . SER   A 1 80  ? -0.811  8.342   5.697   1.00 19.46 ? 1100 SER   A OG   1 
ATOM   461  N  N    . THR   A 1 81  ? -2.502  7.115   3.558   1.00 19.73 ? 1101 THR   A N    1 
ATOM   462  C  CA   . THR   A 1 81  ? -3.330  7.556   2.417   1.00 19.88 ? 1101 THR   A CA   1 
ATOM   463  C  C    . THR   A 1 81  ? -4.300  6.431   2.076   1.00 19.10 ? 1101 THR   A C    1 
ATOM   464  O  O    . THR   A 1 81  ? -5.490  6.696   1.929   1.00 18.26 ? 1101 THR   A O    1 
ATOM   465  C  CB   . THR   A 1 81  ? -2.458  7.939   1.230   1.00 23.22 ? 1101 THR   A CB   1 
ATOM   466  O  OG1  . THR   A 1 81  ? -1.601  8.981   1.695   1.00 24.33 ? 1101 THR   A OG1  1 
ATOM   467  C  CG2  . THR   A 1 81  ? -3.272  8.404   0.042   1.00 24.84 ? 1101 THR   A CG2  1 
ATOM   468  N  N    . ILE   A 1 82  ? -3.803  5.203   2.030   1.00 17.73 ? 1102 ILE   A N    1 
ATOM   469  C  CA   . ILE   A 1 82  ? -4.625  4.026   1.678   1.00 17.36 ? 1102 ILE   A CA   1 
ATOM   470  C  C    . ILE   A 1 82  ? -5.662  3.832   2.775   1.00 17.67 ? 1102 ILE   A C    1 
ATOM   471  O  O    . ILE   A 1 82  ? -6.843  3.562   2.434   1.00 16.09 ? 1102 ILE   A O    1 
ATOM   472  C  CB   . ILE   A 1 82  ? -3.788  2.759   1.426   1.00 16.24 ? 1102 ILE   A CB   1 
ATOM   473  C  CG1  . ILE   A 1 82  ? -2.879  2.923   0.202   1.00 16.39 ? 1102 ILE   A CG1  1 
ATOM   474  C  CG2  . ILE   A 1 82  ? -4.712  1.563   1.271   1.00 16.00 ? 1102 ILE   A CG2  1 
ATOM   475  C  CD1  . ILE   A 1 82  ? -1.842  1.825   0.053   1.00 16.29 ? 1102 ILE   A CD1  1 
ATOM   476  N  N    . LYS   A 1 83  ? -5.273  3.974   4.038   1.00 19.82 ? 1103 LYS   A N    1 
ATOM   477  C  CA   . LYS   A 1 83  ? -6.232  3.813   5.163   1.00 20.50 ? 1103 LYS   A CA   1 
ATOM   478  C  C    . LYS   A 1 83  ? -7.310  4.904   5.068   1.00 17.60 ? 1103 LYS   A C    1 
ATOM   479  O  O    . LYS   A 1 83  ? -8.467  4.565   5.135   1.00 18.42 ? 1103 LYS   A O    1 
ATOM   480  C  CB   . LYS   A 1 83  ? -5.558  3.858   6.532   1.00 23.24 ? 1103 LYS   A CB   1 
ATOM   481  C  CG   . LYS   A 1 83  ? -6.452  3.331   7.643   1.00 27.67 ? 1103 LYS   A CG   1 
ATOM   482  C  CD   . LYS   A 1 83  ? -6.117  3.858   9.003   1.00 34.39 ? 1103 LYS   A CD   1 
ATOM   483  C  CE   . LYS   A 1 83  ? -4.718  3.516   9.464   1.00 40.25 ? 1103 LYS   A CE   1 
ATOM   484  N  NZ   . LYS   A 1 83  ? -3.796  4.671   9.298   1.00 42.13 ? 1103 LYS   A NZ   1 
ATOM   485  N  N    . ARG   A 1 84  ? -6.944  6.160   4.862   1.00 17.58 ? 1104 ARG   A N    1 
ATOM   486  C  CA   . ARG   A 1 84  ? -7.916  7.279   4.696   1.00 18.38 ? 1104 ARG   A CA   1 
ATOM   487  C  C    . ARG   A 1 84  ? -8.918  6.964   3.563   1.00 19.30 ? 1104 ARG   A C    1 
ATOM   488  O  O    . ARG   A 1 84  ? -10.155 7.161   3.753   1.00 16.94 ? 1104 ARG   A O    1 
ATOM   489  C  CB   . ARG   A 1 84  ? -7.139  8.581   4.478   1.00 21.41 ? 1104 ARG   A CB   1 
ATOM   490  C  CG   . ARG   A 1 84  ? -8.021  9.777   4.161   1.00 24.28 ? 1104 ARG   A CG   1 
ATOM   491  C  CD   . ARG   A 1 84  ? -7.221  10.984  3.725   1.00 28.04 ? 1104 ARG   A CD   1 
ATOM   492  N  NE   . ARG   A 1 84  ? -6.229  11.308  4.747   1.00 33.50 ? 1104 ARG   A NE   1 
ATOM   493  C  CZ   . ARG   A 1 84  ? -4.892  11.264  4.592   1.00 30.57 ? 1104 ARG   A CZ   1 
ATOM   494  N  NH1  . ARG   A 1 84  ? -4.125  11.520  5.633   1.00 30.46 ? 1104 ARG   A NH1  1 
ATOM   495  N  NH2  . ARG   A 1 84  ? -4.328  10.979  3.426   1.00 30.45 ? 1104 ARG   A NH2  1 
ATOM   496  N  N    . LYS   A 1 85  ? -8.433  6.505   2.406   1.00 19.79 ? 1105 LYS   A N    1 
ATOM   497  C  CA   . LYS   A 1 85  ? -9.280  6.151   1.229   1.00 19.71 ? 1105 LYS   A CA   1 
ATOM   498  C  C    . LYS   A 1 85  ? -10.253 5.016   1.590   1.00 20.79 ? 1105 LYS   A C    1 
ATOM   499  O  O    . LYS   A 1 85  ? -11.434 5.122   1.235   1.00 20.59 ? 1105 LYS   A O    1 
ATOM   500  C  CB   . LYS   A 1 85  ? -8.383  5.866   0.021   1.00 20.18 ? 1105 LYS   A CB   1 
ATOM   501  C  CG   . LYS   A 1 85  ? -7.655  7.121   -0.442  1.00 21.52 ? 1105 LYS   A CG   1 
ATOM   502  C  CD   . LYS   A 1 85  ? -6.803  6.952   -1.666  1.00 24.29 ? 1105 LYS   A CD   1 
ATOM   503  C  CE   . LYS   A 1 85  ? -7.591  6.702   -2.921  1.00 25.07 ? 1105 LYS   A CE   1 
ATOM   504  N  NZ   . LYS   A 1 85  ? -6.677  6.326   -4.017  1.00 28.17 ? 1105 LYS   A NZ   1 
ATOM   505  N  N    . LEU   A 1 86  ? -9.830  4.009   2.345   1.00 19.92 ? 1106 LEU   A N    1 
ATOM   506  C  CA   . LEU   A 1 86  ? -10.771 2.963   2.800   1.00 21.40 ? 1106 LEU   A CA   1 
ATOM   507  C  C    . LEU   A 1 86  ? -11.828 3.604   3.693   1.00 23.27 ? 1106 LEU   A C    1 
ATOM   508  O  O    . LEU   A 1 86  ? -12.993 3.237   3.541   1.00 24.47 ? 1106 LEU   A O    1 
ATOM   509  C  CB   . LEU   A 1 86  ? -10.032 1.867   3.567   1.00 21.35 ? 1106 LEU   A CB   1 
ATOM   510  C  CG   . LEU   A 1 86  ? -9.527  0.696   2.731   1.00 22.65 ? 1106 LEU   A CG   1 
ATOM   511  C  CD1  . LEU   A 1 86  ? -8.707  -0.280  3.580   1.00 24.58 ? 1106 LEU   A CD1  1 
ATOM   512  C  CD2  . LEU   A 1 86  ? -10.674 -0.038  2.068   1.00 23.97 ? 1106 LEU   A CD2  1 
ATOM   513  N  N    . ASP   A 1 87  ? -11.425 4.487   4.621   1.00 21.96 ? 1107 ASP   A N    1 
ATOM   514  C  CA   . ASP   A 1 87  ? -12.339 5.055   5.652   1.00 22.79 ? 1107 ASP   A CA   1 
ATOM   515  C  C    . ASP   A 1 87  ? -13.300 6.077   5.033   1.00 22.40 ? 1107 ASP   A C    1 
ATOM   516  O  O    . ASP   A 1 87  ? -14.278 6.374   5.690   1.00 22.71 ? 1107 ASP   A O    1 
ATOM   517  C  CB   . ASP   A 1 87  ? -11.560 5.701   6.805   1.00 25.10 ? 1107 ASP   A CB   1 
ATOM   518  C  CG   . ASP   A 1 87  ? -10.795 4.683   7.647   1.00 26.75 ? 1107 ASP   A CG   1 
ATOM   519  O  OD1  . ASP   A 1 87  ? -11.168 3.509   7.599   1.00 27.84 ? 1107 ASP   A OD1  1 
ATOM   520  O  OD2  . ASP   A 1 87  ? -9.796  5.067   8.295   1.00 31.18 ? 1107 ASP   A OD2  1 
ATOM   521  N  N    . THR   A 1 88  ? -13.008 6.625   3.853   1.00 19.12 ? 1108 THR   A N    1 
ATOM   522  C  CA   . THR   A 1 88  ? -13.882 7.615   3.187   1.00 21.35 ? 1108 THR   A CA   1 
ATOM   523  C  C    . THR   A 1 88  ? -14.650 6.937   2.048   1.00 23.14 ? 1108 THR   A C    1 
ATOM   524  O  O    . THR   A 1 88  ? -15.353 7.643   1.304   1.00 22.77 ? 1108 THR   A O    1 
ATOM   525  C  CB   . THR   A 1 88  ? -13.076 8.850   2.769   1.00 20.49 ? 1108 THR   A CB   1 
ATOM   526  O  OG1  . THR   A 1 88  ? -11.927 8.422   2.043   1.00 19.69 ? 1108 THR   A OG1  1 
ATOM   527  C  CG2  . THR   A 1 88  ? -12.653 9.663   3.976   1.00 19.75 ? 1108 THR   A CG2  1 
ATOM   528  N  N    . GLY   A 1 89  ? -14.511 5.609   1.923   1.00 25.05 ? 1109 GLY   A N    1 
ATOM   529  C  CA   . GLY   A 1 89  ? -15.116 4.826   0.829   1.00 23.22 ? 1109 GLY   A CA   1 
ATOM   530  C  C    . GLY   A 1 89  ? -14.681 5.311   -0.540  1.00 22.86 ? 1109 GLY   A C    1 
ATOM   531  O  O    . GLY   A 1 89  ? -15.521 5.312   -1.433  1.00 20.92 ? 1109 GLY   A O    1 
ATOM   532  N  N    . GLN   A 1 90  ? -13.413 5.701   -0.730  1.00 22.32 ? 1110 GLN   A N    1 
ATOM   533  C  CA   . GLN   A 1 90  ? -12.926 6.168   -2.052  1.00 21.42 ? 1110 GLN   A CA   1 
ATOM   534  C  C    . GLN   A 1 90  ? -12.574 4.968   -2.943  1.00 22.91 ? 1110 GLN   A C    1 
ATOM   535  O  O    . GLN   A 1 90  ? -12.330 5.189   -4.129  1.00 23.15 ? 1110 GLN   A O    1 
ATOM   536  C  CB   . GLN   A 1 90  ? -11.744 7.124   -1.898  1.00 25.51 ? 1110 GLN   A CB   1 
ATOM   537  C  CG   . GLN   A 1 90  ? -12.099 8.492   -1.298  1.00 25.26 ? 1110 GLN   A CG   1 
ATOM   538  C  CD   . GLN   A 1 90  ? -10.857 9.358   -1.204  1.00 28.93 ? 1110 GLN   A CD   1 
ATOM   539  O  OE1  . GLN   A 1 90  ? -10.166 9.574   -2.199  1.00 27.22 ? 1110 GLN   A OE1  1 
ATOM   540  N  NE2  . GLN   A 1 90  ? -10.508 9.802   0.005   1.00 27.54 ? 1110 GLN   A NE2  1 
ATOM   541  N  N    . TYR   A 1 91  ? -12.517 3.734   -2.436  1.00 20.64 ? 1111 TYR   A N    1 
ATOM   542  C  CA   . TYR   A 1 91  ? -12.376 2.548   -3.318  1.00 23.69 ? 1111 TYR   A CA   1 
ATOM   543  C  C    . TYR   A 1 91  ? -13.785 2.033   -3.668  1.00 24.26 ? 1111 TYR   A C    1 
ATOM   544  O  O    . TYR   A 1 91  ? -14.518 1.708   -2.759  1.00 29.07 ? 1111 TYR   A O    1 
ATOM   545  C  CB   . TYR   A 1 91  ? -11.498 1.469   -2.674  1.00 21.12 ? 1111 TYR   A CB   1 
ATOM   546  C  CG   . TYR   A 1 91  ? -10.098 1.921   -2.350  1.00 20.06 ? 1111 TYR   A CG   1 
ATOM   547  C  CD1  . TYR   A 1 91  ? -9.280  2.431   -3.342  1.00 19.60 ? 1111 TYR   A CD1  1 
ATOM   548  C  CD2  . TYR   A 1 91  ? -9.609  1.890   -1.054  1.00 19.37 ? 1111 TYR   A CD2  1 
ATOM   549  C  CE1  . TYR   A 1 91  ? -7.999  2.855   -3.070  1.00 19.81 ? 1111 TYR   A CE1  1 
ATOM   550  C  CE2  . TYR   A 1 91  ? -8.327  2.327   -0.755  1.00 20.13 ? 1111 TYR   A CE2  1 
ATOM   551  C  CZ   . TYR   A 1 91  ? -7.514  2.793   -1.775  1.00 19.30 ? 1111 TYR   A CZ   1 
ATOM   552  O  OH   . TYR   A 1 91  ? -6.253  3.234   -1.538  1.00 17.38 ? 1111 TYR   A OH   1 
ATOM   553  N  N    . GLN   A 1 92  ? -14.130 1.975   -4.947  1.00 27.08 ? 1112 GLN   A N    1 
ATOM   554  C  CA   . GLN   A 1 92  ? -15.398 1.378   -5.454  1.00 29.32 ? 1112 GLN   A CA   1 
ATOM   555  C  C    . GLN   A 1 92  ? -15.234 -0.129  -5.629  1.00 27.85 ? 1112 GLN   A C    1 
ATOM   556  O  O    . GLN   A 1 92  ? -16.209 -0.867  -5.432  1.00 27.48 ? 1112 GLN   A O    1 
ATOM   557  C  CB   . GLN   A 1 92  ? -15.741 1.982   -6.806  1.00 33.65 ? 1112 GLN   A CB   1 
ATOM   558  C  CG   . GLN   A 1 92  ? -15.663 3.492   -6.798  1.00 40.28 ? 1112 GLN   A CG   1 
ATOM   559  C  CD   . GLN   A 1 92  ? -16.996 3.983   -7.273  1.00 45.19 ? 1112 GLN   A CD   1 
ATOM   560  O  OE1  . GLN   A 1 92  ? -17.321 3.853   -8.449  1.00 52.96 ? 1112 GLN   A OE1  1 
ATOM   561  N  NE2  . GLN   A 1 92  ? -17.804 4.462   -6.342  1.00 47.08 ? 1112 GLN   A NE2  1 
ATOM   562  N  N    . GLU   A 1 93  ? -14.036 -0.559  -6.005  1.00 26.94 ? 1113 GLU   A N    1 
ATOM   563  C  CA   . GLU   A 1 93  ? -13.739 -1.974  -6.351  1.00 28.87 ? 1113 GLU   A CA   1 
ATOM   564  C  C    . GLU   A 1 93  ? -12.435 -2.376  -5.688  1.00 23.13 ? 1113 GLU   A C    1 
ATOM   565  O  O    . GLU   A 1 93  ? -11.546 -1.554  -5.503  1.00 22.40 ? 1113 GLU   A O    1 
ATOM   566  C  CB   . GLU   A 1 93  ? -13.668 -2.156  -7.869  1.00 33.25 ? 1113 GLU   A CB   1 
ATOM   567  C  CG   . GLU   A 1 93  ? -15.036 -2.089  -8.514  1.00 42.02 ? 1113 GLU   A CG   1 
ATOM   568  C  CD   . GLU   A 1 93  ? -15.079 -1.563  -9.936  1.00 50.65 ? 1113 GLU   A CD   1 
ATOM   569  O  OE1  . GLU   A 1 93  ? -14.486 -0.484  -10.199 1.00 57.39 ? 1113 GLU   A OE1  1 
ATOM   570  O  OE2  . GLU   A 1 93  ? -15.712 -2.229  -10.778 1.00 59.98 ? 1113 GLU   A OE2  1 
ATOM   571  N  N    . PRO   A 1 94  ? -12.309 -3.654  -5.297  1.00 20.94 ? 1114 PRO   A N    1 
ATOM   572  C  CA   . PRO   A 1 94  ? -11.124 -4.146  -4.602  1.00 20.57 ? 1114 PRO   A CA   1 
ATOM   573  C  C    . PRO   A 1 94  ? -9.806  -3.877  -5.334  1.00 18.94 ? 1114 PRO   A C    1 
ATOM   574  O  O    . PRO   A 1 94  ? -8.807  -3.577  -4.690  1.00 17.88 ? 1114 PRO   A O    1 
ATOM   575  C  CB   . PRO   A 1 94  ? -11.336 -5.665  -4.512  1.00 21.57 ? 1114 PRO   A CB   1 
ATOM   576  C  CG   . PRO   A 1 94  ? -12.832 -5.841  -4.600  1.00 22.63 ? 1114 PRO   A CG   1 
ATOM   577  C  CD   . PRO   A 1 94  ? -13.357 -4.681  -5.424  1.00 21.00 ? 1114 PRO   A CD   1 
ATOM   578  N  N    A TRP   A 1 95  ? -9.829  -3.975  -6.653  0.50 18.57 ? 1115 TRP   A N    1 
ATOM   579  N  N    B TRP   A 1 95  ? -9.824  -3.988  -6.665  0.50 18.27 ? 1115 TRP   A N    1 
ATOM   580  C  CA   A TRP   A 1 95  ? -8.623  -3.850  -7.505  0.50 20.37 ? 1115 TRP   A CA   1 
ATOM   581  C  CA   B TRP   A 1 95  ? -8.630  -3.829  -7.541  0.50 19.83 ? 1115 TRP   A CA   1 
ATOM   582  C  C    A TRP   A 1 95  ? -8.050  -2.430  -7.412  0.50 19.09 ? 1115 TRP   A C    1 
ATOM   583  C  C    B TRP   A 1 95  ? -8.035  -2.434  -7.354  0.50 18.80 ? 1115 TRP   A C    1 
ATOM   584  O  O    A TRP   A 1 95  ? -6.853  -2.279  -7.684  0.50 17.64 ? 1115 TRP   A O    1 
ATOM   585  O  O    B TRP   A 1 95  ? -6.821  -2.301  -7.534  0.50 17.54 ? 1115 TRP   A O    1 
ATOM   586  C  CB   A TRP   A 1 95  ? -8.959  -4.265  -8.941  0.50 21.19 ? 1115 TRP   A CB   1 
ATOM   587  C  CB   B TRP   A 1 95  ? -8.927  -4.092  -9.032  0.50 20.07 ? 1115 TRP   A CB   1 
ATOM   588  C  CG   A TRP   A 1 95  ? -8.962  -5.755  -9.093  0.50 22.64 ? 1115 TRP   A CG   1 
ATOM   589  C  CG   B TRP   A 1 95  ? -9.903  -3.169  -9.698  0.50 20.91 ? 1115 TRP   A CG   1 
ATOM   590  C  CD1  A TRP   A 1 95  ? -10.032 -6.557  -9.357  0.50 23.42 ? 1115 TRP   A CD1  1 
ATOM   591  C  CD1  B TRP   A 1 95  ? -11.246 -3.370  -9.781  0.50 22.03 ? 1115 TRP   A CD1  1 
ATOM   592  C  CD2  A TRP   A 1 95  ? -7.826  -6.627  -8.962  0.50 23.61 ? 1115 TRP   A CD2  1 
ATOM   593  C  CD2  B TRP   A 1 95  ? -9.641  -1.949  -10.429 0.50 21.76 ? 1115 TRP   A CD2  1 
ATOM   594  N  NE1  A TRP   A 1 95  ? -9.640  -7.864  -9.402  0.50 23.86 ? 1115 TRP   A NE1  1 
ATOM   595  N  NE1  B TRP   A 1 95  ? -11.839 -2.351  -10.471 0.50 22.24 ? 1115 TRP   A NE1  1 
ATOM   596  C  CE2  A TRP   A 1 95  ? -8.293  -7.940  -9.165  0.50 24.19 ? 1115 TRP   A CE2  1 
ATOM   597  C  CE2  B TRP   A 1 95  ? -10.884 -1.468  -10.890 0.50 21.60 ? 1115 TRP   A CE2  1 
ATOM   598  C  CE3  A TRP   A 1 95  ? -6.470  -6.429  -8.686  0.50 22.50 ? 1115 TRP   A CE3  1 
ATOM   599  C  CE3  B TRP   A 1 95  ? -8.495  -1.213  -10.736 0.50 21.44 ? 1115 TRP   A CE3  1 
ATOM   600  C  CZ2  A TRP   A 1 95  ? -7.446  -9.043  -9.107  0.50 25.70 ? 1115 TRP   A CZ2  1 
ATOM   601  C  CZ2  B TRP   A 1 95  ? -11.016 -0.292  -11.627 0.50 22.27 ? 1115 TRP   A CZ2  1 
ATOM   602  C  CZ3  A TRP   A 1 95  ? -5.637  -7.519  -8.629  0.50 24.01 ? 1115 TRP   A CZ3  1 
ATOM   603  C  CZ3  B TRP   A 1 95  ? -8.620  -0.050  -11.464 0.50 22.63 ? 1115 TRP   A CZ3  1 
ATOM   604  C  CH2  A TRP   A 1 95  ? -6.118  -8.808  -8.833  0.50 24.45 ? 1115 TRP   A CH2  1 
ATOM   605  C  CH2  B TRP   A 1 95  ? -9.865  0.405   -11.907 0.50 21.93 ? 1115 TRP   A CH2  1 
ATOM   606  N  N    . GLN   A 1 96  ? -8.867  -1.438  -7.041  1.00 17.61 ? 1116 GLN   A N    1 
ATOM   607  C  CA   . GLN   A 1 96  ? -8.379  -0.049  -6.869  1.00 19.07 ? 1116 GLN   A CA   1 
ATOM   608  C  C    . GLN   A 1 96  ? -7.505  0.013   -5.624  1.00 18.39 ? 1116 GLN   A C    1 
ATOM   609  O  O    . GLN   A 1 96  ? -6.504  0.743   -5.641  1.00 16.80 ? 1116 GLN   A O    1 
ATOM   610  C  CB   . GLN   A 1 96  ? -9.531  0.932   -6.758  1.00 21.53 ? 1116 GLN   A CB   1 
ATOM   611  C  CG   . GLN   A 1 96  ? -10.379 0.964   -8.007  1.00 21.55 ? 1116 GLN   A CG   1 
ATOM   612  C  CD   . GLN   A 1 96  ? -11.544 1.890   -7.778  1.00 23.01 ? 1116 GLN   A CD   1 
ATOM   613  O  OE1  . GLN   A 1 96  ? -12.159 1.918   -6.719  1.00 28.40 ? 1116 GLN   A OE1  1 
ATOM   614  N  NE2  . GLN   A 1 96  ? -11.861 2.663   -8.785  1.00 27.04 ? 1116 GLN   A NE2  1 
ATOM   615  N  N    . TYR   A 1 97  ? -7.889  -0.729  -4.580  1.00 17.50 ? 1117 TYR   A N    1 
ATOM   616  C  CA   . TYR   A 1 97  ? -7.119  -0.819  -3.317  1.00 17.16 ? 1117 TYR   A CA   1 
ATOM   617  C  C    . TYR   A 1 97  ? -5.778  -1.500  -3.594  1.00 16.57 ? 1117 TYR   A C    1 
ATOM   618  O  O    . TYR   A 1 97  ? -4.749  -0.995  -3.187  1.00 14.73 ? 1117 TYR   A O    1 
ATOM   619  C  CB   . TYR   A 1 97  ? -7.931  -1.543  -2.250  1.00 16.45 ? 1117 TYR   A CB   1 
ATOM   620  C  CG   . TYR   A 1 97  ? -7.133  -2.077  -1.097  1.00 14.95 ? 1117 TYR   A CG   1 
ATOM   621  C  CD1  . TYR   A 1 97  ? -6.706  -1.229  -0.097  1.00 15.66 ? 1117 TYR   A CD1  1 
ATOM   622  C  CD2  . TYR   A 1 97  ? -6.736  -3.398  -1.040  1.00 15.07 ? 1117 TYR   A CD2  1 
ATOM   623  C  CE1  . TYR   A 1 97  ? -5.954  -1.677  0.973   1.00 15.06 ? 1117 TYR   A CE1  1 
ATOM   624  C  CE2  . TYR   A 1 97  ? -5.974  -3.866  0.027   1.00 15.55 ? 1117 TYR   A CE2  1 
ATOM   625  C  CZ   . TYR   A 1 97  ? -5.607  -3.011  1.054   1.00 15.29 ? 1117 TYR   A CZ   1 
ATOM   626  O  OH   . TYR   A 1 97  ? -4.876  -3.441  2.131   1.00 15.84 ? 1117 TYR   A OH   1 
ATOM   627  N  N    . VAL   A 1 98  ? -5.818  -2.629  -4.294  1.00 16.98 ? 1118 VAL   A N    1 
ATOM   628  C  CA   . VAL   A 1 98  ? -4.616  -3.401  -4.685  1.00 16.69 ? 1118 VAL   A CA   1 
ATOM   629  C  C    . VAL   A 1 98  ? -3.691  -2.530  -5.552  1.00 16.99 ? 1118 VAL   A C    1 
ATOM   630  O  O    . VAL   A 1 98  ? -2.487  -2.569  -5.338  1.00 15.67 ? 1118 VAL   A O    1 
ATOM   631  C  CB   . VAL   A 1 98  ? -5.012  -4.704  -5.394  1.00 16.63 ? 1118 VAL   A CB   1 
ATOM   632  C  CG1  . VAL   A 1 98  ? -3.785  -5.426  -5.902  1.00 15.51 ? 1118 VAL   A CG1  1 
ATOM   633  C  CG2  . VAL   A 1 98  ? -5.836  -5.608  -4.481  1.00 17.34 ? 1118 VAL   A CG2  1 
ATOM   634  N  N    . ASP   A 1 99  ? -4.229  -1.793  -6.506  1.00 17.39 ? 1119 ASP   A N    1 
ATOM   635  C  CA   . ASP   A 1 99  ? -3.440  -0.865  -7.351  1.00 20.05 ? 1119 ASP   A CA   1 
ATOM   636  C  C    . ASP   A 1 99  ? -2.667  0.142   -6.469  1.00 19.52 ? 1119 ASP   A C    1 
ATOM   637  O  O    . ASP   A 1 99  ? -1.499  0.393   -6.791  1.00 17.65 ? 1119 ASP   A O    1 
ATOM   638  C  CB   . ASP   A 1 99  ? -4.324  -0.148  -8.367  1.00 22.97 ? 1119 ASP   A CB   1 
ATOM   639  C  CG   . ASP   A 1 99  ? -4.742  -1.002  -9.563  1.00 28.01 ? 1119 ASP   A CG   1 
ATOM   640  O  OD1  . ASP   A 1 99  ? -4.218  -2.123  -9.725  1.00 32.05 ? 1119 ASP   A OD1  1 
ATOM   641  O  OD2  . ASP   A 1 99  ? -5.598  -0.530  -10.330 1.00 38.08 ? 1119 ASP   A OD2  1 
ATOM   642  N  N    . ASP   A 1 100 ? -3.263  0.664   -5.391  1.00 16.84 ? 1120 ASP   A N    1 
ATOM   643  C  CA   . ASP   A 1 100 ? -2.604  1.662   -4.510  1.00 16.55 ? 1120 ASP   A CA   1 
ATOM   644  C  C    . ASP   A 1 100 ? -1.503  0.966   -3.701  1.00 14.31 ? 1120 ASP   A C    1 
ATOM   645  O  O    . ASP   A 1 100 ? -0.442  1.533   -3.566  1.00 12.00 ? 1120 ASP   A O    1 
ATOM   646  C  CB   . ASP   A 1 100 ? -3.605  2.397   -3.619  1.00 16.61 ? 1120 ASP   A CB   1 
ATOM   647  C  CG   . ASP   A 1 100 ? -4.243  3.619   -4.270  1.00 18.26 ? 1120 ASP   A CG   1 
ATOM   648  O  OD1  . ASP   A 1 100 ? -3.869  3.952   -5.421  1.00 19.44 ? 1120 ASP   A OD1  1 
ATOM   649  O  OD2  . ASP   A 1 100 ? -5.110  4.224   -3.622  1.00 17.64 ? 1120 ASP   A OD2  1 
ATOM   650  N  N    . ILE   A 1 101 ? -1.765  -0.228  -3.178  1.00 13.96 ? 1121 ILE   A N    1 
ATOM   651  C  CA   . ILE   A 1 101 ? -0.719  -1.010  -2.477  1.00 14.69 ? 1121 ILE   A CA   1 
ATOM   652  C  C    . ILE   A 1 101 ? 0.471   -1.252  -3.433  1.00 13.10 ? 1121 ILE   A C    1 
ATOM   653  O  O    . ILE   A 1 101 ? 1.630   -1.030  -3.037  1.00 11.71 ? 1121 ILE   A O    1 
ATOM   654  C  CB   . ILE   A 1 101 ? -1.329  -2.317  -1.937  1.00 15.40 ? 1121 ILE   A CB   1 
ATOM   655  C  CG1  . ILE   A 1 101 ? -2.374  -2.074  -0.846  1.00 16.66 ? 1121 ILE   A CG1  1 
ATOM   656  C  CG2  . ILE   A 1 101 ? -0.231  -3.231  -1.477  1.00 15.16 ? 1121 ILE   A CG2  1 
ATOM   657  C  CD1  . ILE   A 1 101 ? -1.811  -1.591  0.482   1.00 17.77 ? 1121 ILE   A CD1  1 
ATOM   658  N  N    . TRP   A 1 102 ? 0.196   -1.712  -4.647  1.00 13.15 ? 1122 TRP   A N    1 
ATOM   659  C  CA   . TRP   A 1 102 ? 1.233   -2.003  -5.671  1.00 14.84 ? 1122 TRP   A CA   1 
ATOM   660  C  C    . TRP   A 1 102 ? 1.943   -0.708  -6.101  1.00 12.75 ? 1122 TRP   A C    1 
ATOM   661  O  O    . TRP   A 1 102 ? 3.138   -0.750  -6.269  1.00 12.40 ? 1122 TRP   A O    1 
ATOM   662  C  CB   . TRP   A 1 102 ? 0.630   -2.709  -6.872  1.00 16.42 ? 1122 TRP   A CB   1 
ATOM   663  C  CG   . TRP   A 1 102 ? 0.204   -4.125  -6.636  1.00 18.97 ? 1122 TRP   A CG   1 
ATOM   664  C  CD1  . TRP   A 1 102 ? 0.452   -4.944  -5.574  1.00 20.36 ? 1122 TRP   A CD1  1 
ATOM   665  C  CD2  . TRP   A 1 102 ? -0.523  -4.913  -7.583  1.00 20.86 ? 1122 TRP   A CD2  1 
ATOM   666  N  NE1  . TRP   A 1 102 ? -0.077  -6.191  -5.796  1.00 20.03 ? 1122 TRP   A NE1  1 
ATOM   667  C  CE2  . TRP   A 1 102 ? -0.674  -6.202  -7.025  1.00 20.84 ? 1122 TRP   A CE2  1 
ATOM   668  C  CE3  . TRP   A 1 102 ? -0.988  -4.663  -8.879  1.00 22.52 ? 1122 TRP   A CE3  1 
ATOM   669  C  CZ2  . TRP   A 1 102 ? -1.301  -7.235  -7.722  1.00 23.89 ? 1122 TRP   A CZ2  1 
ATOM   670  C  CZ3  . TRP   A 1 102 ? -1.644  -5.677  -9.552  1.00 25.30 ? 1122 TRP   A CZ3  1 
ATOM   671  C  CH2  . TRP   A 1 102 ? -1.791  -6.945  -8.979  1.00 22.96 ? 1122 TRP   A CH2  1 
ATOM   672  N  N    . LEU   A 1 103 ? 1.236   0.403   -6.201  1.00 11.97 ? 1123 LEU   A N    1 
ATOM   673  C  CA   . LEU   A 1 103 ? 1.871   1.720   -6.485  1.00 12.83 ? 1123 LEU   A CA   1 
ATOM   674  C  C    . LEU   A 1 103 ? 2.846   2.035   -5.344  1.00 12.54 ? 1123 LEU   A C    1 
ATOM   675  O  O    . LEU   A 1 103 ? 4.028   2.325   -5.621  1.00 14.12 ? 1123 LEU   A O    1 
ATOM   676  C  CB   . LEU   A 1 103 ? 0.773   2.775   -6.609  1.00 12.89 ? 1123 LEU   A CB   1 
ATOM   677  C  CG   . LEU   A 1 103 ? 1.278   4.216   -6.733  1.00 12.99 ? 1123 LEU   A CG   1 
ATOM   678  C  CD1  . LEU   A 1 103 ? 2.196   4.296   -7.964  1.00 13.16 ? 1123 LEU   A CD1  1 
ATOM   679  C  CD2  . LEU   A 1 103 ? 0.065   5.166   -6.851  1.00 13.39 ? 1123 LEU   A CD2  1 
ATOM   680  N  N    . MET   A 1 104 ? 2.435   1.799   -4.103  1.00 12.49 ? 1124 MET   A N    1 
ATOM   681  C  CA   . MET   A 1 104 ? 3.295   2.107   -2.942  1.00 12.63 ? 1124 MET   A CA   1 
ATOM   682  C  C    . MET   A 1 104 ? 4.576   1.267   -3.008  1.00 13.26 ? 1124 MET   A C    1 
ATOM   683  O  O    . MET   A 1 104 ? 5.696   1.843   -2.815  1.00 12.55 ? 1124 MET   A O    1 
ATOM   684  C  CB   . MET   A 1 104 ? 2.548   1.856   -1.641  1.00 13.93 ? 1124 MET   A CB   1 
ATOM   685  C  CG   . MET   A 1 104 ? 3.378   2.101   -0.399  1.00 14.96 ? 1124 MET   A CG   1 
ATOM   686  S  SD   . MET   A 1 104 ? 2.386   1.703   1.056   1.00 17.95 ? 1124 MET   A SD   1 
ATOM   687  C  CE   . MET   A 1 104 ? 2.419   -0.091  1.000   1.00 19.36 ? 1124 MET   A CE   1 
ATOM   688  N  N    . PHE   A 1 105 ? 4.453   -0.032  -3.290  1.00 11.21 ? 1125 PHE   A N    1 
ATOM   689  C  CA   . PHE   A 1 105 ? 5.624   -0.926  -3.405  1.00 11.54 ? 1125 PHE   A CA   1 
ATOM   690  C  C    . PHE   A 1 105 ? 6.490   -0.515  -4.594  1.00 10.82 ? 1125 PHE   A C    1 
ATOM   691  O  O    . PHE   A 1 105 ? 7.697   -0.434  -4.455  1.00 10.39 ? 1125 PHE   A O    1 
ATOM   692  C  CB   . PHE   A 1 105 ? 5.190   -2.374  -3.595  1.00 12.16 ? 1125 PHE   A CB   1 
ATOM   693  C  CG   . PHE   A 1 105 ? 4.467   -2.975  -2.431  1.00 12.91 ? 1125 PHE   A CG   1 
ATOM   694  C  CD1  . PHE   A 1 105 ? 4.705   -2.540  -1.137  1.00 13.93 ? 1125 PHE   A CD1  1 
ATOM   695  C  CD2  . PHE   A 1 105 ? 3.571   -4.012  -2.629  1.00 14.99 ? 1125 PHE   A CD2  1 
ATOM   696  C  CE1  . PHE   A 1 105 ? 4.041   -3.116  -0.065  1.00 15.21 ? 1125 PHE   A CE1  1 
ATOM   697  C  CE2  . PHE   A 1 105 ? 2.903   -4.573  -1.549  1.00 14.71 ? 1125 PHE   A CE2  1 
ATOM   698  C  CZ   . PHE   A 1 105 ? 3.156   -4.144  -0.269  1.00 13.86 ? 1125 PHE   A CZ   1 
ATOM   699  N  N    . ASN   A 1 106 ? 5.876   -0.336  -5.756  1.00 11.11 ? 1126 ASN   A N    1 
ATOM   700  C  CA   . ASN   A 1 106 ? 6.606   0.037   -6.993  1.00 11.19 ? 1126 ASN   A CA   1 
ATOM   701  C  C    . ASN   A 1 106 ? 7.382   1.333   -6.750  1.00 10.72 ? 1126 ASN   A C    1 
ATOM   702  O  O    . ASN   A 1 106 ? 8.500   1.437   -7.229  1.00 10.83 ? 1126 ASN   A O    1 
ATOM   703  C  CB   . ASN   A 1 106 ? 5.667   0.141   -8.189  1.00 11.59 ? 1126 ASN   A CB   1 
ATOM   704  C  CG   . ASN   A 1 106 ? 5.266   -1.225  -8.714  1.00 13.82 ? 1126 ASN   A CG   1 
ATOM   705  O  OD1  . ASN   A 1 106 ? 5.899   -2.231  -8.367  1.00 13.24 ? 1126 ASN   A OD1  1 
ATOM   706  N  ND2  . ASN   A 1 106 ? 4.230   -1.251  -9.547  1.00 13.05 ? 1126 ASN   A ND2  1 
ATOM   707  N  N    . ASN   A 1 107 ? 6.781   2.310   -6.081  1.00 10.33 ? 1127 ASN   A N    1 
ATOM   708  C  CA   . ASN   A 1 107 ? 7.473   3.588   -5.798  1.00 10.99 ? 1127 ASN   A CA   1 
ATOM   709  C  C    . ASN   A 1 107 ? 8.730   3.302   -4.951  1.00 11.81 ? 1127 ASN   A C    1 
ATOM   710  O  O    . ASN   A 1 107 ? 9.797   3.902   -5.216  1.00 11.20 ? 1127 ASN   A O    1 
ATOM   711  C  CB   . ASN   A 1 107 ? 6.558   4.560   -5.076  1.00 11.27 ? 1127 ASN   A CB   1 
ATOM   712  C  CG   . ASN   A 1 107 ? 5.472   5.126   -5.950  1.00 11.26 ? 1127 ASN   A CG   1 
ATOM   713  O  OD1  . ASN   A 1 107 ? 5.561   5.064   -7.178  1.00 11.21 ? 1127 ASN   A OD1  1 
ATOM   714  N  ND2  . ASN   A 1 107 ? 4.514   5.768   -5.309  1.00 11.37 ? 1127 ASN   A ND2  1 
ATOM   715  N  N    . ALA   A 1 108 ? 8.629   2.455   -3.934  1.00 11.39 ? 1128 ALA   A N    1 
ATOM   716  C  CA   . ALA   A 1 108 ? 9.761   2.226   -3.017  1.00 11.92 ? 1128 ALA   A CA   1 
ATOM   717  C  C    . ALA   A 1 108 ? 10.883  1.494   -3.764  1.00 11.98 ? 1128 ALA   A C    1 
ATOM   718  O  O    . ALA   A 1 108 ? 12.046  1.885   -3.579  1.00 13.09 ? 1128 ALA   A O    1 
ATOM   719  C  CB   . ALA   A 1 108 ? 9.320   1.485   -1.795  1.00 12.70 ? 1128 ALA   A CB   1 
ATOM   720  N  N    . TRP   A 1 109 ? 10.565  0.428   -4.515  1.00 12.01 ? 1129 TRP   A N    1 
ATOM   721  C  CA   . TRP   A 1 109 ? 11.542  -0.316  -5.351  1.00 11.23 ? 1129 TRP   A CA   1 
ATOM   722  C  C    . TRP   A 1 109 ? 12.153  0.624   -6.395  1.00 12.01 ? 1129 TRP   A C    1 
ATOM   723  O  O    . TRP   A 1 109 ? 13.351  0.498   -6.659  1.00 11.48 ? 1129 TRP   A O    1 
ATOM   724  C  CB   . TRP   A 1 109 ? 10.903  -1.512  -6.027  1.00 11.66 ? 1129 TRP   A CB   1 
ATOM   725  C  CG   . TRP   A 1 109 ? 10.544  -2.637  -5.094  1.00 12.01 ? 1129 TRP   A CG   1 
ATOM   726  C  CD1  . TRP   A 1 109 ? 11.282  -3.140  -4.071  1.00 11.58 ? 1129 TRP   A CD1  1 
ATOM   727  C  CD2  . TRP   A 1 109 ? 9.370   -3.462  -5.182  1.00 11.39 ? 1129 TRP   A CD2  1 
ATOM   728  N  NE1  . TRP   A 1 109 ? 10.633  -4.216  -3.509  1.00 12.47 ? 1129 TRP   A NE1  1 
ATOM   729  C  CE2  . TRP   A 1 109 ? 9.454   -4.431  -4.162  1.00 11.82 ? 1129 TRP   A CE2  1 
ATOM   730  C  CE3  . TRP   A 1 109 ? 8.290   -3.504  -6.053  1.00 11.48 ? 1129 TRP   A CE3  1 
ATOM   731  C  CZ2  . TRP   A 1 109 ? 8.486   -5.421  -3.983  1.00 12.22 ? 1129 TRP   A CZ2  1 
ATOM   732  C  CZ3  . TRP   A 1 109 ? 7.306   -4.446  -5.847  1.00 12.93 ? 1129 TRP   A CZ3  1 
ATOM   733  C  CH2  . TRP   A 1 109 ? 7.403   -5.403  -4.834  1.00 12.26 ? 1129 TRP   A CH2  1 
ATOM   734  N  N    . LEU   A 1 110 ? 11.369  1.548   -6.935  1.00 12.35 ? 1130 LEU   A N    1 
ATOM   735  C  CA   . LEU   A 1 110 ? 11.852  2.473   -7.984  1.00 14.33 ? 1130 LEU   A CA   1 
ATOM   736  C  C    . LEU   A 1 110 ? 12.838  3.451   -7.380  1.00 14.27 ? 1130 LEU   A C    1 
ATOM   737  O  O    . LEU   A 1 110 ? 13.912  3.556   -7.933  1.00 13.10 ? 1130 LEU   A O    1 
ATOM   738  C  CB   . LEU   A 1 110 ? 10.711  3.213   -8.660  1.00 14.81 ? 1130 LEU   A CB   1 
ATOM   739  C  CG   . LEU   A 1 110 ? 11.133  4.299   -9.648  1.00 17.00 ? 1130 LEU   A CG   1 
ATOM   740  C  CD1  . LEU   A 1 110 ? 11.934  3.719   -10.816 1.00 18.64 ? 1130 LEU   A CD1  1 
ATOM   741  C  CD2  . LEU   A 1 110 ? 9.907   5.037   -10.157 1.00 18.46 ? 1130 LEU   A CD2  1 
ATOM   742  N  N    . TYR   A 1 111 ? 12.488  4.117   -6.283  1.00 14.51 ? 1131 TYR   A N    1 
ATOM   743  C  CA   . TYR   A 1 111 ? 13.331  5.206   -5.744  1.00 13.64 ? 1131 TYR   A CA   1 
ATOM   744  C  C    . TYR   A 1 111 ? 14.580  4.606   -5.097  1.00 14.74 ? 1131 TYR   A C    1 
ATOM   745  O  O    . TYR   A 1 111 ? 15.662  5.149   -5.235  1.00 13.87 ? 1131 TYR   A O    1 
ATOM   746  C  CB   . TYR   A 1 111 ? 12.572  6.058   -4.729  1.00 13.39 ? 1131 TYR   A CB   1 
ATOM   747  C  CG   . TYR   A 1 111 ? 13.485  7.091   -4.148  1.00 12.64 ? 1131 TYR   A CG   1 
ATOM   748  C  CD1  . TYR   A 1 111 ? 13.807  8.215   -4.893  1.00 12.58 ? 1131 TYR   A CD1  1 
ATOM   749  C  CD2  . TYR   A 1 111 ? 14.182  6.854   -2.979  1.00 12.45 ? 1131 TYR   A CD2  1 
ATOM   750  C  CE1  . TYR   A 1 111 ? 14.710  9.145   -4.415  1.00 12.54 ? 1131 TYR   A CE1  1 
ATOM   751  C  CE2  . TYR   A 1 111 ? 15.114  7.763   -2.500  1.00 12.75 ? 1131 TYR   A CE2  1 
ATOM   752  C  CZ   . TYR   A 1 111 ? 15.382  8.906   -3.234  1.00 12.64 ? 1131 TYR   A CZ   1 
ATOM   753  O  OH   . TYR   A 1 111 ? 16.294  9.800   -2.776  1.00 12.66 ? 1131 TYR   A OH   1 
ATOM   754  N  N    . ASN   A 1 112 ? 14.404  3.523   -4.332  1.00 15.40 ? 1132 ASN   A N    1 
ATOM   755  C  CA   . ASN   A 1 112 ? 15.470  2.975   -3.468  1.00 15.01 ? 1132 ASN   A CA   1 
ATOM   756  C  C    . ASN   A 1 112 ? 16.388  2.044   -4.273  1.00 14.44 ? 1132 ASN   A C    1 
ATOM   757  O  O    . ASN   A 1 112 ? 15.940  1.421   -5.248  1.00 14.41 ? 1132 ASN   A O    1 
ATOM   758  C  CB   . ASN   A 1 112 ? 14.889  2.338   -2.209  1.00 15.98 ? 1132 ASN   A CB   1 
ATOM   759  C  CG   . ASN   A 1 112 ? 14.158  3.365   -1.379  1.00 16.38 ? 1132 ASN   A CG   1 
ATOM   760  O  OD1  . ASN   A 1 112 ? 14.795  4.126   -0.670  1.00 18.75 ? 1132 ASN   A OD1  1 
ATOM   761  N  ND2  . ASN   A 1 112 ? 12.850  3.481   -1.560  1.00 15.63 ? 1132 ASN   A ND2  1 
ATOM   762  N  N    . ARG   A 1 113 ? 17.642  1.983   -3.852  1.00 14.03 ? 1133 ARG   A N    1 
ATOM   763  C  CA   . ARG   A 1 113 ? 18.661  1.034   -4.366  1.00 15.96 ? 1133 ARG   A CA   1 
ATOM   764  C  C    . ARG   A 1 113 ? 18.343  -0.384  -3.867  1.00 16.98 ? 1133 ARG   A C    1 
ATOM   765  O  O    . ARG   A 1 113 ? 17.855  -0.550  -2.753  1.00 14.77 ? 1133 ARG   A O    1 
ATOM   766  C  CB   . ARG   A 1 113 ? 20.052  1.513   -3.956  1.00 15.86 ? 1133 ARG   A CB   1 
ATOM   767  C  CG   . ARG   A 1 113 ? 20.399  2.859   -4.582  1.00 15.53 ? 1133 ARG   A CG   1 
ATOM   768  C  CD   . ARG   A 1 113 ? 21.876  3.139   -4.481  1.00 16.29 ? 1133 ARG   A CD   1 
ATOM   769  N  NE   . ARG   A 1 113 ? 22.189  4.409   -5.107  1.00 16.22 ? 1133 ARG   A NE   1 
ATOM   770  C  CZ   . ARG   A 1 113 ? 22.264  4.641   -6.410  1.00 16.04 ? 1133 ARG   A CZ   1 
ATOM   771  N  NH1  . ARG   A 1 113 ? 22.064  3.684   -7.302  1.00 15.96 ? 1133 ARG   A NH1  1 
ATOM   772  N  NH2  . ARG   A 1 113 ? 22.535  5.857   -6.817  1.00 16.52 ? 1133 ARG   A NH2  1 
ATOM   773  N  N    . LYS   A 1 114 ? 18.610  -1.363  -4.713  1.00 20.64 ? 1134 LYS   A N    1 
ATOM   774  C  CA   . LYS   A 1 114 ? 18.390  -2.801  -4.443  1.00 24.96 ? 1134 LYS   A CA   1 
ATOM   775  C  C    . LYS   A 1 114 ? 19.038  -3.143  -3.102  1.00 25.30 ? 1134 LYS   A C    1 
ATOM   776  O  O    . LYS   A 1 114 ? 18.517  -4.019  -2.419  1.00 24.26 ? 1134 LYS   A O    1 
ATOM   777  C  CB   . LYS   A 1 114 ? 18.944  -3.622  -5.621  1.00 31.56 ? 1134 LYS   A CB   1 
ATOM   778  C  CG   . LYS   A 1 114 ? 18.572  -5.101  -5.624  1.00 39.79 ? 1134 LYS   A CG   1 
ATOM   779  C  CD   . LYS   A 1 114 ? 19.369  -5.951  -6.598  1.00 42.30 ? 1134 LYS   A CD   1 
ATOM   780  C  CE   . LYS   A 1 114 ? 19.046  -5.656  -8.046  1.00 47.11 ? 1134 LYS   A CE   1 
ATOM   781  N  NZ   . LYS   A 1 114 ? 17.642  -5.985  -8.383  1.00 53.36 ? 1134 LYS   A NZ   1 
ATOM   782  N  N    . THR   A 1 115 ? 20.106  -2.427  -2.726  1.00 25.23 ? 1135 THR   A N    1 
ATOM   783  C  CA   . THR   A 1 115 ? 21.000  -2.743  -1.585  1.00 26.68 ? 1135 THR   A CA   1 
ATOM   784  C  C    . THR   A 1 115 ? 20.477  -2.064  -0.316  1.00 25.73 ? 1135 THR   A C    1 
ATOM   785  O  O    . THR   A 1 115 ? 20.982  -2.385  0.762   1.00 25.30 ? 1135 THR   A O    1 
ATOM   786  C  CB   . THR   A 1 115 ? 22.444  -2.336  -1.941  1.00 30.47 ? 1135 THR   A CB   1 
ATOM   787  O  OG1  . THR   A 1 115 ? 22.477  -0.992  -2.449  1.00 28.96 ? 1135 THR   A OG1  1 
ATOM   788  C  CG2  . THR   A 1 115 ? 23.043  -3.253  -2.988  1.00 30.16 ? 1135 THR   A CG2  1 
ATOM   789  N  N    . SER   A 1 116 ? 19.467  -1.191  -0.419  1.00 21.28 ? 1136 SER   A N    1 
ATOM   790  C  CA   . SER   A 1 116 ? 19.056  -0.297  0.691   1.00 18.72 ? 1136 SER   A CA   1 
ATOM   791  C  C    . SER   A 1 116 ? 18.061  -1.015  1.615   1.00 17.77 ? 1136 SER   A C    1 
ATOM   792  O  O    . SER   A 1 116 ? 17.355  -1.975  1.173   1.00 17.80 ? 1136 SER   A O    1 
ATOM   793  C  CB   . SER   A 1 116 ? 18.497  1.007   0.145   1.00 18.87 ? 1136 SER   A CB   1 
ATOM   794  O  OG   . SER   A 1 116 ? 17.177  0.796   -0.333  1.00 18.63 ? 1136 SER   A OG   1 
ATOM   795  N  N    . ARG   A 1 117 ? 18.006  -0.567  2.861   1.00 17.28 ? 1137 ARG   A N    1 
ATOM   796  C  CA   . ARG   A 1 117 ? 17.084  -1.079  3.895   1.00 19.31 ? 1137 ARG   A CA   1 
ATOM   797  C  C    . ARG   A 1 117 ? 15.616  -0.887  3.464   1.00 18.75 ? 1137 ARG   A C    1 
ATOM   798  O  O    . ARG   A 1 117 ? 14.802  -1.839  3.603   1.00 16.65 ? 1137 ARG   A O    1 
ATOM   799  C  CB   . ARG   A 1 117 ? 17.374  -0.357  5.206   1.00 21.58 ? 1137 ARG   A CB   1 
ATOM   800  C  CG   . ARG   A 1 117 ? 16.439  -0.762  6.334   1.00 24.88 ? 1137 ARG   A CG   1 
ATOM   801  C  CD   . ARG   A 1 117 ? 16.994  -0.437  7.708   1.00 27.98 ? 1137 ARG   A CD   1 
ATOM   802  N  NE   . ARG   A 1 117 ? 17.403  0.954   7.798   1.00 31.20 ? 1137 ARG   A NE   1 
ATOM   803  C  CZ   . ARG   A 1 117 ? 17.561  1.631   8.941   1.00 31.65 ? 1137 ARG   A CZ   1 
ATOM   804  N  NH1  . ARG   A 1 117 ? 17.294  1.042   10.091  1.00 29.64 ? 1137 ARG   A NH1  1 
ATOM   805  N  NH2  . ARG   A 1 117 ? 17.911  2.915   8.915   1.00 30.71 ? 1137 ARG   A NH2  1 
ATOM   806  N  N    . VAL   A 1 118 ? 15.254  0.288   2.953   1.00 15.87 ? 1138 VAL   A N    1 
ATOM   807  C  CA   . VAL   A 1 118 ? 13.831  0.531   2.589   1.00 16.62 ? 1138 VAL   A CA   1 
ATOM   808  C  C    . VAL   A 1 118 ? 13.440  -0.420  1.451   1.00 15.43 ? 1138 VAL   A C    1 
ATOM   809  O  O    . VAL   A 1 118 ? 12.340  -0.951  1.494   1.00 16.14 ? 1138 VAL   A O    1 
ATOM   810  C  CB   . VAL   A 1 118 ? 13.527  2.000   2.247   1.00 15.84 ? 1138 VAL   A CB   1 
ATOM   811  C  CG1  . VAL   A 1 118 ? 12.109  2.123   1.707   1.00 16.07 ? 1138 VAL   A CG1  1 
ATOM   812  C  CG2  . VAL   A 1 118 ? 13.725  2.901   3.452   1.00 15.72 ? 1138 VAL   A CG2  1 
ATOM   813  N  N    . TYR   A 1 119 ? 14.303  -0.665  0.481   1.00 14.65 ? 1139 TYR   A N    1 
ATOM   814  C  CA   . TYR   A 1 119 ? 14.010  -1.626  -0.607  1.00 15.33 ? 1139 TYR   A CA   1 
ATOM   815  C  C    . TYR   A 1 119 ? 13.690  -2.999  -0.017  1.00 16.89 ? 1139 TYR   A C    1 
ATOM   816  O  O    . TYR   A 1 119 ? 12.664  -3.579  -0.399  1.00 16.79 ? 1139 TYR   A O    1 
ATOM   817  C  CB   . TYR   A 1 119 ? 15.184  -1.734  -1.559  1.00 14.48 ? 1139 TYR   A CB   1 
ATOM   818  C  CG   . TYR   A 1 119 ? 14.962  -2.541  -2.801  1.00 14.71 ? 1139 TYR   A CG   1 
ATOM   819  C  CD1  . TYR   A 1 119 ? 15.054  -3.929  -2.801  1.00 14.80 ? 1139 TYR   A CD1  1 
ATOM   820  C  CD2  . TYR   A 1 119 ? 14.713  -1.898  -3.998  1.00 14.68 ? 1139 TYR   A CD2  1 
ATOM   821  C  CE1  . TYR   A 1 119 ? 14.886  -4.649  -3.976  1.00 14.88 ? 1139 TYR   A CE1  1 
ATOM   822  C  CE2  . TYR   A 1 119 ? 14.570  -2.602  -5.175  1.00 15.79 ? 1139 TYR   A CE2  1 
ATOM   823  C  CZ   . TYR   A 1 119 ? 14.671  -3.982  -5.164  1.00 15.87 ? 1139 TYR   A CZ   1 
ATOM   824  O  OH   . TYR   A 1 119 ? 14.491  -4.625  -6.348  1.00 16.87 ? 1139 TYR   A OH   1 
ATOM   825  N  N    . LYS   A 1 120 ? 14.550  -3.498  0.871   1.00 17.96 ? 1140 LYS   A N    1 
ATOM   826  C  CA   . LYS   A 1 120 ? 14.385  -4.832  1.489   1.00 21.20 ? 1140 LYS   A CA   1 
ATOM   827  C  C    . LYS   A 1 120 ? 13.110  -4.830  2.334   1.00 19.16 ? 1140 LYS   A C    1 
ATOM   828  O  O    . LYS   A 1 120 ? 12.367  -5.791  2.261   1.00 17.91 ? 1140 LYS   A O    1 
ATOM   829  C  CB   . LYS   A 1 120 ? 15.624  -5.184  2.319   1.00 24.80 ? 1140 LYS   A CB   1 
ATOM   830  C  CG   . LYS   A 1 120 ? 16.855  -5.391  1.450   1.00 28.83 ? 1140 LYS   A CG   1 
ATOM   831  C  CD   . LYS   A 1 120 ? 18.151  -5.416  2.208   1.00 34.02 ? 1140 LYS   A CD   1 
ATOM   832  C  CE   . LYS   A 1 120 ? 19.296  -5.796  1.291   1.00 40.08 ? 1140 LYS   A CE   1 
ATOM   833  N  NZ   . LYS   A 1 120 ? 20.550  -5.140  1.712   1.00 43.02 ? 1140 LYS   A NZ   1 
ATOM   834  N  N    . TYR   A 1 121 ? 12.827  -3.758  3.060   1.00 18.26 ? 1141 TYR   A N    1 
ATOM   835  C  CA   . TYR   A 1 121 ? 11.586  -3.691  3.867   1.00 19.68 ? 1141 TYR   A CA   1 
ATOM   836  C  C    . TYR   A 1 121 ? 10.376  -3.721  2.937   1.00 18.88 ? 1141 TYR   A C    1 
ATOM   837  O  O    . TYR   A 1 121 ? 9.389   -4.383  3.253   1.00 18.57 ? 1141 TYR   A O    1 
ATOM   838  C  CB   . TYR   A 1 121 ? 11.581  -2.469  4.776   1.00 20.15 ? 1141 TYR   A CB   1 
ATOM   839  C  CG   . TYR   A 1 121 ? 12.490  -2.589  5.962   1.00 21.72 ? 1141 TYR   A CG   1 
ATOM   840  C  CD1  . TYR   A 1 121 ? 13.323  -3.694  6.144   1.00 22.42 ? 1141 TYR   A CD1  1 
ATOM   841  C  CD2  . TYR   A 1 121 ? 12.518  -1.572  6.901   1.00 20.04 ? 1141 TYR   A CD2  1 
ATOM   842  C  CE1  . TYR   A 1 121 ? 14.164  -3.772  7.248   1.00 21.78 ? 1141 TYR   A CE1  1 
ATOM   843  C  CE2  . TYR   A 1 121 ? 13.336  -1.652  8.010   1.00 22.38 ? 1141 TYR   A CE2  1 
ATOM   844  C  CZ   . TYR   A 1 121 ? 14.147  -2.755  8.183   1.00 21.95 ? 1141 TYR   A CZ   1 
ATOM   845  O  OH   . TYR   A 1 121 ? 14.925  -2.776  9.293   1.00 27.87 ? 1141 TYR   A OH   1 
ATOM   846  N  N    . CYS   A 1 122 ? 10.473  -3.036  1.804   1.00 17.12 ? 1142 CYS   A N    1 
ATOM   847  C  CA   . CYS   A 1 122 ? 9.412   -3.033  0.785   1.00 17.72 ? 1142 CYS   A CA   1 
ATOM   848  C  C    . CYS   A 1 122 ? 9.169   -4.472  0.305   1.00 19.21 ? 1142 CYS   A C    1 
ATOM   849  O  O    . CYS   A 1 122 ? 7.992   -4.879  0.248   1.00 17.32 ? 1142 CYS   A O    1 
ATOM   850  C  CB   . CYS   A 1 122 ? 9.757   -2.166  -0.410  1.00 17.35 ? 1142 CYS   A CB   1 
ATOM   851  S  SG   . CYS   A 1 122 ? 8.423   -2.196  -1.620  1.00 17.78 ? 1142 CYS   A SG   1 
ATOM   852  N  N    . SER   A 1 123 ? 10.232  -5.199  -0.045  1.00 18.36 ? 1143 SER   A N    1 
ATOM   853  C  CA   . SER   A 1 123 ? 10.152  -6.612  -0.501  1.00 19.39 ? 1143 SER   A CA   1 
ATOM   854  C  C    . SER   A 1 123 ? 9.450   -7.473  0.558   1.00 19.42 ? 1143 SER   A C    1 
ATOM   855  O  O    . SER   A 1 123 ? 8.573   -8.234  0.194   1.00 19.92 ? 1143 SER   A O    1 
ATOM   856  C  CB   . SER   A 1 123 ? 11.515  -7.133  -0.843  1.00 19.30 ? 1143 SER   A CB   1 
ATOM   857  O  OG   . SER   A 1 123 ? 11.955  -6.507  -2.026  1.00 17.50 ? 1143 SER   A OG   1 
ATOM   858  N  N    . LYS   A 1 124 ? 9.760   -7.266  1.829   1.00 21.10 ? 1144 LYS   A N    1 
ATOM   859  C  CA   . LYS   A 1 124 ? 9.156   -8.000  2.962   1.00 22.53 ? 1144 LYS   A CA   1 
ATOM   860  C  C    . LYS   A 1 124 ? 7.658   -7.707  2.985   1.00 22.47 ? 1144 LYS   A C    1 
ATOM   861  O  O    . LYS   A 1 124 ? 6.860   -8.667  2.918   1.00 20.79 ? 1144 LYS   A O    1 
ATOM   862  C  CB   . LYS   A 1 124 ? 9.872   -7.619  4.250   1.00 25.98 ? 1144 LYS   A CB   1 
ATOM   863  C  CG   . LYS   A 1 124 ? 9.253   -8.179  5.516   1.00 32.71 ? 1144 LYS   A CG   1 
ATOM   864  C  CD   . LYS   A 1 124 ? 9.194   -9.691  5.579   1.00 38.62 ? 1144 LYS   A CD   1 
ATOM   865  C  CE   . LYS   A 1 124 ? 9.010   -10.163 7.009   1.00 43.17 ? 1144 LYS   A CE   1 
ATOM   866  N  NZ   . LYS   A 1 124 ? 8.031   -11.267 7.077   1.00 46.15 ? 1144 LYS   A NZ   1 
ATOM   867  N  N    . LEU   A 1 125 ? 7.284   -6.428  3.008   1.00 22.17 ? 1145 LEU   A N    1 
ATOM   868  C  CA   . LEU   A 1 125 ? 5.862   -6.007  2.929   1.00 21.69 ? 1145 LEU   A CA   1 
ATOM   869  C  C    . LEU   A 1 125 ? 5.148   -6.640  1.720   1.00 20.33 ? 1145 LEU   A C    1 
ATOM   870  O  O    . LEU   A 1 125 ? 4.029   -7.113  1.944   1.00 18.14 ? 1145 LEU   A O    1 
ATOM   871  C  CB   . LEU   A 1 125 ? 5.748   -4.487  2.869   1.00 21.82 ? 1145 LEU   A CB   1 
ATOM   872  C  CG   . LEU   A 1 125 ? 6.009   -3.712  4.155   1.00 23.86 ? 1145 LEU   A CG   1 
ATOM   873  C  CD1  . LEU   A 1 125 ? 5.266   -2.374  4.100   1.00 24.57 ? 1145 LEU   A CD1  1 
ATOM   874  C  CD2  . LEU   A 1 125 ? 5.629   -4.493  5.404   1.00 22.51 ? 1145 LEU   A CD2  1 
ATOM   875  N  N    . SER   A 1 126 ? 5.722   -6.658  0.509   1.00 19.40 ? 1146 SER   A N    1 
ATOM   876  C  CA   . SER   A 1 126 ? 5.042   -7.230  -0.690  1.00 22.96 ? 1146 SER   A CA   1 
ATOM   877  C  C    . SER   A 1 126 ? 4.784   -8.728  -0.513  1.00 23.70 ? 1146 SER   A C    1 
ATOM   878  O  O    . SER   A 1 126 ? 3.789   -9.215  -1.076  1.00 23.46 ? 1146 SER   A O    1 
ATOM   879  C  CB   . SER   A 1 126 ? 5.791   -7.029  -1.971  1.00 23.02 ? 1146 SER   A CB   1 
ATOM   880  O  OG   . SER   A 1 126 ? 7.121   -7.483  -1.808  1.00 30.55 ? 1146 SER   A OG   1 
ATOM   881  N  N    . GLU   A 1 127 ? 5.698   -9.449  0.122   1.00 24.24 ? 1147 GLU   A N    1 
ATOM   882  C  CA   . GLU   A 1 127 ? 5.504   -10.889 0.418   1.00 28.33 ? 1147 GLU   A CA   1 
ATOM   883  C  C    . GLU   A 1 127 ? 4.318   -11.041 1.362   1.00 23.93 ? 1147 GLU   A C    1 
ATOM   884  O  O    . GLU   A 1 127 ? 3.402   -11.769 1.032   1.00 25.11 ? 1147 GLU   A O    1 
ATOM   885  C  CB   . GLU   A 1 127 ? 6.773   -11.475 1.029   1.00 32.00 ? 1147 GLU   A CB   1 
ATOM   886  C  CG   . GLU   A 1 127 ? 7.901   -11.525 0.018   1.00 35.32 ? 1147 GLU   A CG   1 
ATOM   887  C  CD   . GLU   A 1 127 ? 9.302   -11.741 0.575   1.00 40.35 ? 1147 GLU   A CD   1 
ATOM   888  O  OE1  . GLU   A 1 127 ? 9.468   -11.696 1.812   1.00 41.70 ? 1147 GLU   A OE1  1 
ATOM   889  O  OE2  . GLU   A 1 127 ? 10.229  -11.946 -0.239  1.00 43.93 ? 1147 GLU   A OE2  1 
ATOM   890  N  N    . VAL   A 1 128 ? 4.297   -10.281 2.445   1.00 22.75 ? 1148 VAL   A N    1 
ATOM   891  C  CA   . VAL   A 1 128 ? 3.168   -10.324 3.412   1.00 22.22 ? 1148 VAL   A CA   1 
ATOM   892  C  C    . VAL   A 1 128 ? 1.877   -10.006 2.652   1.00 23.74 ? 1148 VAL   A C    1 
ATOM   893  O  O    . VAL   A 1 128 ? 0.880   -10.768 2.791   1.00 24.08 ? 1148 VAL   A O    1 
ATOM   894  C  CB   . VAL   A 1 128 ? 3.383   -9.391  4.608   1.00 21.00 ? 1148 VAL   A CB   1 
ATOM   895  C  CG1  . VAL   A 1 128 ? 2.136   -9.315  5.497   1.00 21.96 ? 1148 VAL   A CG1  1 
ATOM   896  C  CG2  . VAL   A 1 128 ? 4.600   -9.817  5.397   1.00 21.40 ? 1148 VAL   A CG2  1 
ATOM   897  N  N    . PHE   A 1 129 ? 1.876   -8.955  1.837   1.00 20.02 ? 1149 PHE   A N    1 
ATOM   898  C  CA   . PHE   A 1 129 ? 0.650   -8.547  1.114   1.00 20.74 ? 1149 PHE   A CA   1 
ATOM   899  C  C    . PHE   A 1 129 ? 0.131   -9.684  0.237   1.00 22.86 ? 1149 PHE   A C    1 
ATOM   900  O  O    . PHE   A 1 129 ? -1.081  -9.935  0.261   1.00 20.65 ? 1149 PHE   A O    1 
ATOM   901  C  CB   . PHE   A 1 129 ? 0.879   -7.366  0.188   1.00 19.30 ? 1149 PHE   A CB   1 
ATOM   902  C  CG   . PHE   A 1 129 ? -0.406  -6.817  -0.353  1.00 17.75 ? 1149 PHE   A CG   1 
ATOM   903  C  CD1  . PHE   A 1 129 ? -1.333  -6.261  0.505   1.00 16.23 ? 1149 PHE   A CD1  1 
ATOM   904  C  CD2  . PHE   A 1 129 ? -0.662  -6.832  -1.707  1.00 16.98 ? 1149 PHE   A CD2  1 
ATOM   905  C  CE1  . PHE   A 1 129 ? -2.506  -5.714  0.012   1.00 16.93 ? 1149 PHE   A CE1  1 
ATOM   906  C  CE2  . PHE   A 1 129 ? -1.843  -6.297  -2.200  1.00 17.22 ? 1149 PHE   A CE2  1 
ATOM   907  C  CZ   . PHE   A 1 129 ? -2.762  -5.732  -1.335  1.00 16.76 ? 1149 PHE   A CZ   1 
ATOM   908  N  N    . GLU   A 1 130 ? 1.019   -10.244 -0.579  1.00 26.37 ? 1150 GLU   A N    1 
ATOM   909  C  CA   . GLU   A 1 130 ? 0.724   -11.305 -1.566  1.00 31.43 ? 1150 GLU   A CA   1 
ATOM   910  C  C    . GLU   A 1 130 ? 0.013   -12.457 -0.847  1.00 33.01 ? 1150 GLU   A C    1 
ATOM   911  O  O    . GLU   A 1 130 ? -1.020  -12.890 -1.337  1.00 35.08 ? 1150 GLU   A O    1 
ATOM   912  C  CB   . GLU   A 1 130 ? 2.020   -11.740 -2.235  1.00 37.35 ? 1150 GLU   A CB   1 
ATOM   913  C  CG   . GLU   A 1 130 ? 1.816   -12.710 -3.375  1.00 45.37 ? 1150 GLU   A CG   1 
ATOM   914  C  CD   . GLU   A 1 130 ? 3.040   -12.836 -4.272  1.00 55.06 ? 1150 GLU   A CD   1 
ATOM   915  O  OE1  . GLU   A 1 130 ? 4.185   -12.828 -3.740  1.00 62.08 ? 1150 GLU   A OE1  1 
ATOM   916  O  OE2  . GLU   A 1 130 ? 2.854   -12.905 -5.501  1.00 59.57 ? 1150 GLU   A OE2  1 
ATOM   917  N  N    . GLN   A 1 131 ? 0.493   -12.852 0.324   1.00 31.59 ? 1151 GLN   A N    1 
ATOM   918  C  CA   . GLN   A 1 131 ? -0.103  -13.963 1.107   1.00 36.78 ? 1151 GLN   A CA   1 
ATOM   919  C  C    . GLN   A 1 131 ? -1.484  -13.518 1.627   1.00 35.53 ? 1151 GLN   A C    1 
ATOM   920  O  O    . GLN   A 1 131 ? -2.427  -14.302 1.492   1.00 37.66 ? 1151 GLN   A O    1 
ATOM   921  C  CB   . GLN   A 1 131 ? 0.888   -14.421 2.186   1.00 39.23 ? 1151 GLN   A CB   1 
ATOM   922  C  CG   . GLN   A 1 131 ? 0.493   -14.008 3.594   1.00 47.62 ? 1151 GLN   A CG   1 
ATOM   923  C  CD   . GLN   A 1 131 ? 1.658   -13.836 4.539   1.00 57.18 ? 1151 GLN   A CD   1 
ATOM   924  O  OE1  . GLN   A 1 131 ? 1.635   -12.964 5.408   1.00 62.24 ? 1151 GLN   A OE1  1 
ATOM   925  N  NE2  . GLN   A 1 131 ? 2.684   -14.660 4.377   1.00 59.66 ? 1151 GLN   A NE2  1 
ATOM   926  N  N    . GLU   A 1 132 ? -1.631  -12.281 2.114   1.00 32.79 ? 1152 GLU   A N    1 
ATOM   927  C  CA   . GLU   A 1 132 ? -2.882  -11.752 2.722   1.00 31.61 ? 1152 GLU   A CA   1 
ATOM   928  C  C    . GLU   A 1 132 ? -3.970  -11.475 1.671   1.00 32.30 ? 1152 GLU   A C    1 
ATOM   929  O  O    . GLU   A 1 132 ? -5.145  -11.666 1.991   1.00 30.99 ? 1152 GLU   A O    1 
ATOM   930  C  CB   . GLU   A 1 132 ? -2.596  -10.471 3.499   1.00 37.61 ? 1152 GLU   A CB   1 
ATOM   931  C  CG   . GLU   A 1 132 ? -1.706  -10.689 4.708   1.00 42.18 ? 1152 GLU   A CG   1 
ATOM   932  C  CD   . GLU   A 1 132 ? -2.341  -11.510 5.822   1.00 48.25 ? 1152 GLU   A CD   1 
ATOM   933  O  OE1  . GLU   A 1 132 ? -3.560  -11.305 6.099   1.00 50.22 ? 1152 GLU   A OE1  1 
ATOM   934  O  OE2  . GLU   A 1 132 ? -1.622  -12.355 6.401   1.00 50.05 ? 1152 GLU   A OE2  1 
ATOM   935  N  N    . ILE   A 1 133 ? -3.613  -11.036 0.463   1.00 28.90 ? 1153 ILE   A N    1 
ATOM   936  C  CA   . ILE   A 1 133 ? -4.581  -10.432 -0.495  1.00 27.90 ? 1153 ILE   A CA   1 
ATOM   937  C  C    . ILE   A 1 133 ? -5.237  -11.519 -1.353  1.00 28.23 ? 1153 ILE   A C    1 
ATOM   938  O  O    . ILE   A 1 133 ? -6.402  -11.313 -1.728  1.00 25.24 ? 1153 ILE   A O    1 
ATOM   939  C  CB   . ILE   A 1 133 ? -3.944  -9.338  -1.391  1.00 27.00 ? 1153 ILE   A CB   1 
ATOM   940  C  CG1  . ILE   A 1 133 ? -5.030  -8.458  -2.008  1.00 24.54 ? 1153 ILE   A CG1  1 
ATOM   941  C  CG2  . ILE   A 1 133 ? -3.033  -9.916  -2.477  1.00 26.20 ? 1153 ILE   A CG2  1 
ATOM   942  C  CD1  . ILE   A 1 133 ? -5.951  -7.828  -1.001  1.00 24.10 ? 1153 ILE   A CD1  1 
ATOM   943  N  N    . ASP   A 1 134 ? -4.507  -12.585 -1.684  1.00 28.32 ? 1154 ASP   A N    1 
ATOM   944  C  CA   . ASP   A 1 134 ? -4.985  -13.692 -2.555  1.00 34.91 ? 1154 ASP   A CA   1 
ATOM   945  C  C    . ASP   A 1 134 ? -6.356  -14.195 -2.081  1.00 35.12 ? 1154 ASP   A C    1 
ATOM   946  O  O    . ASP   A 1 134 ? -7.327  -14.144 -2.829  1.00 33.78 ? 1154 ASP   A O    1 
ATOM   947  C  CB   . ASP   A 1 134 ? -3.920  -14.786 -2.648  1.00 41.12 ? 1154 ASP   A CB   1 
ATOM   948  C  CG   . ASP   A 1 134 ? -4.158  -15.797 -3.759  1.00 51.10 ? 1154 ASP   A CG   1 
ATOM   949  O  OD1  . ASP   A 1 134 ? -5.318  -16.242 -3.928  1.00 57.83 ? 1154 ASP   A OD1  1 
ATOM   950  O  OD2  . ASP   A 1 134 ? -3.172  -16.150 -4.441  1.00 65.27 ? 1154 ASP   A OD2  1 
ATOM   951  N  N    . PRO   A 1 135 ? -6.516  -14.723 -0.848  1.00 32.25 ? 1155 PRO   A N    1 
ATOM   952  C  CA   . PRO   A 1 135 ? -7.819  -15.238 -0.424  1.00 33.12 ? 1155 PRO   A CA   1 
ATOM   953  C  C    . PRO   A 1 135 ? -8.923  -14.175 -0.330  1.00 31.46 ? 1155 PRO   A C    1 
ATOM   954  O  O    . PRO   A 1 135 ? -10.051 -14.457 -0.677  1.00 30.02 ? 1155 PRO   A O    1 
ATOM   955  C  CB   . PRO   A 1 135 ? -7.551  -15.812 0.976   1.00 33.95 ? 1155 PRO   A CB   1 
ATOM   956  C  CG   . PRO   A 1 135 ? -6.277  -15.136 1.424   1.00 35.32 ? 1155 PRO   A CG   1 
ATOM   957  C  CD   . PRO   A 1 135 ? -5.468  -14.939 0.156   1.00 34.23 ? 1155 PRO   A CD   1 
ATOM   958  N  N    . VAL   A 1 136 ? -8.594  -12.982 0.167   1.00 30.89 ? 1156 VAL   A N    1 
ATOM   959  C  CA   . VAL   A 1 136 ? -9.573  -11.867 0.274   1.00 28.22 ? 1156 VAL   A CA   1 
ATOM   960  C  C    . VAL   A 1 136 ? -10.126 -11.571 -1.124  1.00 28.25 ? 1156 VAL   A C    1 
ATOM   961  O  O    . VAL   A 1 136 ? -11.337 -11.355 -1.228  1.00 29.19 ? 1156 VAL   A O    1 
ATOM   962  C  CB   . VAL   A 1 136 ? -8.965  -10.627 0.952   1.00 29.43 ? 1156 VAL   A CB   1 
ATOM   963  C  CG1  . VAL   A 1 136 ? -9.866  -9.413  0.821   1.00 29.61 ? 1156 VAL   A CG1  1 
ATOM   964  C  CG2  . VAL   A 1 136 ? -8.652  -10.896 2.417   1.00 28.91 ? 1156 VAL   A CG2  1 
ATOM   965  N  N    . MET   A 1 137 ? -9.300  -11.601 -2.166  1.00 27.64 ? 1157 MET   A N    1 
ATOM   966  C  CA   . MET   A 1 137 ? -9.768  -11.269 -3.537  1.00 32.10 ? 1157 MET   A CA   1 
ATOM   967  C  C    . MET   A 1 137 ? -10.725 -12.372 -4.000  1.00 32.27 ? 1157 MET   A C    1 
ATOM   968  O  O    . MET   A 1 137 ? -11.803 -12.026 -4.523  1.00 31.62 ? 1157 MET   A O    1 
ATOM   969  C  CB   . MET   A 1 137 ? -8.616  -11.110 -4.540  1.00 31.21 ? 1157 MET   A CB   1 
ATOM   970  C  CG   . MET   A 1 137 ? -7.795  -9.822  -4.335  1.00 34.43 ? 1157 MET   A CG   1 
ATOM   971  S  SD   . MET   A 1 137 ? -8.758  -8.248  -4.250  1.00 34.45 ? 1157 MET   A SD   1 
ATOM   972  C  CE   . MET   A 1 137 ? -8.893  -7.853  -5.992  1.00 34.58 ? 1157 MET   A CE   1 
ATOM   973  N  N    . GLN   A 1 138 ? -10.357 -13.640 -3.801  1.00 36.77 ? 1158 GLN   A N    1 
ATOM   974  C  CA   . GLN   A 1 138 ? -11.228 -14.812 -4.114  1.00 40.37 ? 1158 GLN   A CA   1 
ATOM   975  C  C    . GLN   A 1 138 ? -12.621 -14.580 -3.507  1.00 38.57 ? 1158 GLN   A C    1 
ATOM   976  O  O    . GLN   A 1 138 ? -13.605 -14.729 -4.246  1.00 44.40 ? 1158 GLN   A O    1 
ATOM   977  C  CB   . GLN   A 1 138 ? -10.663 -16.132 -3.571  1.00 43.21 ? 1158 GLN   A CB   1 
ATOM   978  C  CG   . GLN   A 1 138 ? -9.258  -16.481 -4.026  1.00 45.70 ? 1158 GLN   A CG   1 
ATOM   979  C  CD   . GLN   A 1 138 ? -9.192  -16.731 -5.509  1.00 50.68 ? 1158 GLN   A CD   1 
ATOM   980  O  OE1  . GLN   A 1 138 ? -10.137 -16.447 -6.243  1.00 54.55 ? 1158 GLN   A OE1  1 
ATOM   981  N  NE2  . GLN   A 1 138 ? -8.063  -17.256 -5.960  1.00 48.45 ? 1158 GLN   A NE2  1 
ATOM   982  N  N    . SER   A 1 139 ? -12.689 -14.160 -2.237  1.00 38.33 ? 1159 SER   A N    1 
ATOM   983  C  CA   . SER   A 1 139 ? -13.937 -14.076 -1.428  1.00 41.66 ? 1159 SER   A CA   1 
ATOM   984  C  C    . SER   A 1 139 ? -14.803 -12.862 -1.811  1.00 42.73 ? 1159 SER   A C    1 
ATOM   985  O  O    . SER   A 1 139 ? -16.008 -12.871 -1.446  1.00 42.54 ? 1159 SER   A O    1 
ATOM   986  C  CB   . SER   A 1 139 ? -13.628 -14.071 0.044   1.00 39.45 ? 1159 SER   A CB   1 
ATOM   987  O  OG   . SER   A 1 139 ? -13.125 -12.807 0.422   1.00 44.43 ? 1159 SER   A OG   1 
ATOM   988  N  N    . LEU   A 1 140 ? -14.235 -11.862 -2.499  1.00 41.96 ? 1160 LEU   A N    1 
ATOM   989  C  CA   . LEU   A 1 140 ? -14.972 -10.672 -3.018  1.00 43.62 ? 1160 LEU   A CA   1 
ATOM   990  C  C    . LEU   A 1 140 ? -15.528 -10.946 -4.420  1.00 48.26 ? 1160 LEU   A C    1 
ATOM   991  O  O    . LEU   A 1 140 ? -16.387 -10.160 -4.874  1.00 50.87 ? 1160 LEU   A O    1 
ATOM   992  C  CB   . LEU   A 1 140 ? -14.026 -9.468  -3.045  1.00 38.97 ? 1160 LEU   A CB   1 
ATOM   993  C  CG   . LEU   A 1 140 ? -13.720 -8.885  -1.672  1.00 38.74 ? 1160 LEU   A CG   1 
ATOM   994  C  CD1  . LEU   A 1 140 ? -12.636 -7.822  -1.766  1.00 38.67 ? 1160 LEU   A CD1  1 
ATOM   995  C  CD2  . LEU   A 1 140 ? -14.987 -8.331  -1.028  1.00 39.79 ? 1160 LEU   A CD2  1 
ATOM   996  N  N    . GLY   A 1 141 ? -15.078 -12.034 -5.049  1.00 56.81 ? 1161 GLY   A N    1 
ATOM   997  C  CA   . GLY   A 1 141 ? -15.267 -12.341 -6.476  1.00 64.39 ? 1161 GLY   A CA   1 
ATOM   998  C  C    . GLY   A 1 141 ? -13.951 -12.790 -7.088  1.00 70.08 ? 1161 GLY   A C    1 
ATOM   999  O  O    . GLY   A 1 141 ? -13.830 -13.931 -7.524  1.00 75.46 ? 1161 GLY   A O    1 
ATOM   1000 O  OXT  . GLY   A 1 141 ? -12.977 -12.027 -7.144  1.00 69.80 ? 1161 GLY   A OXT  1 
HETATM 1001 C  CAT  . A1EDM B 2 .   ? 11.528  5.338   11.599  1.00 21.53 ? 1201 A1EDM A CAT  1 
HETATM 1002 C  CAU  . A1EDM B 2 .   ? 10.616  5.066   12.770  1.00 23.32 ? 1201 A1EDM A CAU  1 
HETATM 1003 O  OAV  . A1EDM B 2 .   ? 9.624   6.127   12.874  1.00 22.94 ? 1201 A1EDM A OAV  1 
HETATM 1004 C  CAW  . A1EDM B 2 .   ? 8.810   6.428   11.708  1.00 20.30 ? 1201 A1EDM A CAW  1 
HETATM 1005 C  CAX  . A1EDM B 2 .   ? 9.581   6.253   10.383  1.00 20.08 ? 1201 A1EDM A CAX  1 
HETATM 1006 N  NAS  . A1EDM B 2 .   ? 11.004  6.286   10.638  1.00 19.47 ? 1201 A1EDM A NAS  1 
HETATM 1007 C  CAQ  . A1EDM B 2 .   ? 11.796  6.046   9.379   1.00 18.77 ? 1201 A1EDM A CAQ  1 
HETATM 1008 C  CAR  . A1EDM B 2 .   ? 11.320  4.822   8.568   1.00 18.57 ? 1201 A1EDM A CAR  1 
HETATM 1009 C  CAP  . A1EDM B 2 .   ? 11.737  7.306   8.531   1.00 18.19 ? 1201 A1EDM A CAP  1 
HETATM 1010 N  NAM  . A1EDM B 2 .   ? 12.422  7.109   7.260   1.00 18.55 ? 1201 A1EDM A NAM  1 
HETATM 1011 C  CAL  . A1EDM B 2 .   ? 11.753  6.864   6.096   1.00 17.23 ? 1201 A1EDM A CAL  1 
HETATM 1012 C  CAK  . A1EDM B 2 .   ? 12.692  6.706   5.158   1.00 17.66 ? 1201 A1EDM A CAK  1 
HETATM 1013 C  CAG  . A1EDM B 2 .   ? 12.519  6.488   3.829   1.00 18.11 ? 1201 A1EDM A CAG  1 
HETATM 1014 C  CAF  . A1EDM B 2 .   ? 11.332  6.076   3.260   1.00 19.98 ? 1201 A1EDM A CAF  1 
HETATM 1015 C  CAA  . A1EDM B 2 .   ? 11.267  5.889   1.934   1.00 20.47 ? 1201 A1EDM A CAA  1 
HETATM 1016 C  CAE  . A1EDM B 2 .   ? 10.244  5.454   1.196   1.00 20.49 ? 1201 A1EDM A CAE  1 
HETATM 1017 C  CAJ  . A1EDM B 2 .   ? 8.866   5.071   1.778   1.00 19.12 ? 1201 A1EDM A CAJ  1 
HETATM 1018 N  NAD  . A1EDM B 2 .   ? 10.568  5.452   -0.098  1.00 21.72 ? 1201 A1EDM A NAD  1 
HETATM 1019 O  OAC  . A1EDM B 2 .   ? 11.940  5.895   -0.157  1.00 24.23 ? 1201 A1EDM A OAC  1 
HETATM 1020 C  CAB  . A1EDM B 2 .   ? 12.311  6.122   1.128   1.00 20.34 ? 1201 A1EDM A CAB  1 
HETATM 1021 C  CAI  . A1EDM B 2 .   ? 13.447  6.557   1.589   1.00 19.89 ? 1201 A1EDM A CAI  1 
HETATM 1022 C  CAH  . A1EDM B 2 .   ? 13.562  6.762   2.949   1.00 20.14 ? 1201 A1EDM A CAH  1 
HETATM 1023 N  NAO  . A1EDM B 2 .   ? 13.908  6.889   5.717   1.00 16.23 ? 1201 A1EDM A NAO  1 
HETATM 1024 C  CAN  . A1EDM B 2 .   ? 13.748  7.111   7.009   1.00 17.71 ? 1201 A1EDM A CAN  1 
HETATM 1025 C  CAY  . A1EDM B 2 .   ? 14.832  7.395   7.932   1.00 18.24 ? 1201 A1EDM A CAY  1 
HETATM 1026 C  CAZ  . A1EDM B 2 .   ? 15.427  8.805   7.628   1.00 18.60 ? 1201 A1EDM A CAZ  1 
HETATM 1027 C  CBA  . A1EDM B 2 .   ? 16.520  8.635   6.534   1.00 18.15 ? 1201 A1EDM A CBA  1 
HETATM 1028 C  CBB  . A1EDM B 2 .   ? 17.620  7.661   7.016   1.00 18.47 ? 1201 A1EDM A CBB  1 
HETATM 1029 C  CBC  . A1EDM B 2 .   ? 17.080  6.446   7.484   1.00 17.87 ? 1201 A1EDM A CBC  1 
HETATM 1030 O  OBN  . A1EDM B 2 .   ? 17.799  5.450   7.585   1.00 17.88 ? 1201 A1EDM A OBN  1 
HETATM 1031 N  NBD  . A1EDM B 2 .   ? 15.842  6.343   7.966   1.00 18.55 ? 1201 A1EDM A NBD  1 
HETATM 1032 C  CBE  . A1EDM B 2 .   ? 15.378  5.152   8.430   1.00 21.50 ? 1201 A1EDM A CBE  1 
HETATM 1033 C  CBJ  . A1EDM B 2 .   ? 14.941  4.186   7.541   1.00 22.25 ? 1201 A1EDM A CBJ  1 
HETATM 1034 C  CBI  . A1EDM B 2 .   ? 14.453  3.004   8.075   1.00 26.48 ? 1201 A1EDM A CBI  1 
HETATM 1035 CL CLBM . A1EDM B 2 .   ? 13.894  1.756   7.049   1.00 36.12 ? 1201 A1EDM A CLBM 1 
HETATM 1036 C  CBH  . A1EDM B 2 .   ? 14.350  2.773   9.431   1.00 26.74 ? 1201 A1EDM A CBH  1 
HETATM 1037 O  OBK  . A1EDM B 2 .   ? 13.841  1.541   9.728   1.00 31.66 ? 1201 A1EDM A OBK  1 
HETATM 1038 C  CBL  . A1EDM B 2 .   ? 13.429  1.299   11.083  1.00 33.24 ? 1201 A1EDM A CBL  1 
HETATM 1039 C  CBG  . A1EDM B 2 .   ? 14.770  3.741   10.327  1.00 24.70 ? 1201 A1EDM A CBG  1 
HETATM 1040 C  CBF  . A1EDM B 2 .   ? 15.275  4.923   9.789   1.00 22.76 ? 1201 A1EDM A CBF  1 
HETATM 1041 O  O    . HOH   C 3 .   ? -6.352  2.640   -7.084  1.00 26.66 ? 1301 HOH   A O    1 
HETATM 1042 O  O    . HOH   C 3 .   ? 17.394  -6.156  -2.395  1.00 32.96 ? 1302 HOH   A O    1 
HETATM 1043 O  O    . HOH   C 3 .   ? 8.670   5.282   -2.048  1.00 20.17 ? 1303 HOH   A O    1 
HETATM 1044 O  O    . HOH   C 3 .   ? -3.237  3.289   -7.694  1.00 24.54 ? 1304 HOH   A O    1 
HETATM 1045 O  O    . HOH   C 3 .   ? -15.494 -15.413 -5.670  1.00 51.13 ? 1305 HOH   A O    1 
HETATM 1046 O  O    . HOH   C 3 .   ? 4.536   12.670  5.768   1.00 39.14 ? 1306 HOH   A O    1 
HETATM 1047 O  O    . HOH   C 3 .   ? 18.530  12.778  -3.110  1.00 27.47 ? 1307 HOH   A O    1 
HETATM 1048 O  O    . HOH   C 3 .   ? 13.283  -8.159  2.272   1.00 24.02 ? 1308 HOH   A O    1 
HETATM 1049 O  O    . HOH   C 3 .   ? 16.984  4.318   0.605   1.00 20.90 ? 1309 HOH   A O    1 
HETATM 1050 O  O    . HOH   C 3 .   ? 15.223  -7.071  -6.290  1.00 29.10 ? 1310 HOH   A O    1 
HETATM 1051 O  O    . HOH   C 3 .   ? -0.370  5.384   9.163   1.00 29.92 ? 1311 HOH   A O    1 
HETATM 1052 O  O    . HOH   C 3 .   ? 6.353   6.514   7.950   1.00 28.18 ? 1312 HOH   A O    1 
HETATM 1053 O  O    . HOH   C 3 .   ? 5.006   6.876   -8.955  1.00 14.24 ? 1313 HOH   A O    1 
HETATM 1054 O  O    . HOH   C 3 .   ? -13.566 2.411   -0.412  1.00 31.13 ? 1314 HOH   A O    1 
HETATM 1055 O  O    . HOH   C 3 .   ? -18.740 -0.660  -6.212  1.00 19.23 ? 1315 HOH   A O    1 
HETATM 1056 O  O    . HOH   C 3 .   ? -5.023  -8.477  9.775   1.00 31.72 ? 1316 HOH   A O    1 
HETATM 1057 O  O    . HOH   C 3 .   ? 5.979   6.168   2.937   1.00 33.47 ? 1317 HOH   A O    1 
HETATM 1058 O  O    . HOH   C 3 .   ? 18.332  10.247  3.985   1.00 24.27 ? 1318 HOH   A O    1 
HETATM 1059 O  O    . HOH   C 3 .   ? 5.301   6.639   -2.421  1.00 17.95 ? 1319 HOH   A O    1 
HETATM 1060 O  O    . HOH   C 3 .   ? -4.734  6.380   -6.255  1.00 23.62 ? 1320 HOH   A O    1 
HETATM 1061 O  O    . HOH   C 3 .   ? 6.446   4.064   -1.427  1.00 13.69 ? 1321 HOH   A O    1 
HETATM 1062 O  O    . HOH   C 3 .   ? 1.965   9.226   0.027   1.00 26.00 ? 1322 HOH   A O    1 
HETATM 1063 O  O    . HOH   C 3 .   ? 11.596  15.597  -4.090  1.00 17.51 ? 1323 HOH   A O    1 
HETATM 1064 O  O    . HOH   C 3 .   ? 18.315  8.633   -1.358  1.00 25.35 ? 1324 HOH   A O    1 
HETATM 1065 O  O    . HOH   C 3 .   ? -0.534  0.504   -9.374  1.00 26.68 ? 1325 HOH   A O    1 
HETATM 1066 O  O    . HOH   C 3 .   ? 4.876   11.559  -0.410  1.00 26.90 ? 1326 HOH   A O    1 
HETATM 1067 O  O    . HOH   C 3 .   ? 14.645  -7.077  -1.738  1.00 25.09 ? 1327 HOH   A O    1 
HETATM 1068 O  O    . HOH   C 3 .   ? 18.329  11.538  -8.639  1.00 16.85 ? 1328 HOH   A O    1 
HETATM 1069 O  O    . HOH   C 3 .   ? -6.135  -7.260  11.318  1.00 36.50 ? 1329 HOH   A O    1 
HETATM 1070 O  O    . HOH   C 3 .   ? 9.082   -0.351  -9.286  1.00 18.12 ? 1330 HOH   A O    1 
HETATM 1071 O  O    . HOH   C 3 .   ? 5.228   4.749   0.946   1.00 18.68 ? 1331 HOH   A O    1 
HETATM 1072 O  O    . HOH   C 3 .   ? 20.146  1.140   3.434   1.00 25.91 ? 1332 HOH   A O    1 
HETATM 1073 O  O    . HOH   C 3 .   ? 6.924   7.759   -10.821 1.00 23.74 ? 1333 HOH   A O    1 
HETATM 1074 O  O    . HOH   C 3 .   ? 8.157   10.696  5.499   1.00 28.33 ? 1334 HOH   A O    1 
HETATM 1075 O  O    . HOH   C 3 .   ? 6.553   -7.108  13.401  1.00 34.98 ? 1335 HOH   A O    1 
HETATM 1076 O  O    . HOH   C 3 .   ? 8.047   7.816   5.614   1.00 34.58 ? 1336 HOH   A O    1 
HETATM 1077 O  O    . HOH   C 3 .   ? 16.390  5.887   4.665   1.00 20.76 ? 1337 HOH   A O    1 
HETATM 1078 O  O    . HOH   C 3 .   ? 18.600  3.754   -1.735  1.00 21.82 ? 1338 HOH   A O    1 
HETATM 1079 O  O    . HOH   C 3 .   ? -0.654  9.618   -5.883  1.00 36.82 ? 1339 HOH   A O    1 
HETATM 1080 O  O    . HOH   C 3 .   ? 20.008  11.055  2.101   1.00 32.22 ? 1340 HOH   A O    1 
HETATM 1081 O  O    . HOH   C 3 .   ? 4.476   8.791   -0.105  1.00 24.89 ? 1341 HOH   A O    1 
HETATM 1082 O  O    . HOH   C 3 .   ? 17.168  2.737   2.974   1.00 19.12 ? 1342 HOH   A O    1 
HETATM 1083 O  O    . HOH   C 3 .   ? 17.463  3.252   5.400   1.00 34.17 ? 1343 HOH   A O    1 
HETATM 1084 O  O    . HOH   C 3 .   ? 17.732  7.822   3.376   1.00 21.13 ? 1344 HOH   A O    1 
HETATM 1085 O  O    . HOH   C 3 .   ? 20.282  9.610   5.922   0.50 22.88 ? 1345 HOH   A O    1 
# 
